data_6MN0
#
_entry.id   6MN0
#
_cell.length_a   108.078
_cell.length_b   159.620
_cell.length_c   143.321
_cell.angle_alpha   90.00
_cell.angle_beta   94.56
_cell.angle_gamma   90.00
#
_symmetry.space_group_name_H-M   'C 1 2 1'
#
loop_
_entity.id
_entity.type
_entity.pdbx_description
1 polymer 'Aminoglycoside N(3)-acetyltransferase'
2 non-polymer 'ACETYL COENZYME *A'
3 non-polymer 'CHLORIDE ION'
4 non-polymer GLYCEROL
5 non-polymer 'SULFATE ION'
6 non-polymer 3,6,9,12,15,18,21,24,27,30,33,36,39-TRIDECAOXAHENTETRACONTANE-1,41-DIOL
7 water water
#
_entity_poly.entity_id   1
_entity_poly.type   'polypeptide(L)'
_entity_poly.pdbx_seq_one_letter_code
;VSSRVSTRSSLAEDLRAIGLADGDAVLVHAALRKVGKIVGGPDDILDAMRDVIGPAGTVLGYADWQLEDEIRDDPAMREH
IPAFDPLRSRSIRDNGFWPELIRTTPGALRSASPGASMAAIGGEAEWFTADHALDYGYGPRSPLGKLVEAKGKVLMLGAP
LDTMTLLAHAEHLADFPNKRILRYEAPILVDGEKVWRWFEEFDTSDPPDGLADDYFAGIVEEFLATGRGKRGKIGEASSV
LVPADEIVAFAVDWLERWGRTAR
;
_entity_poly.pdbx_strand_id   A,B,C,D,E,F
#
# COMPACT_ATOMS: atom_id res chain seq x y z
N ARG A 4 -42.30 -3.32 -27.11
CA ARG A 4 -41.01 -2.66 -27.37
C ARG A 4 -40.09 -2.84 -26.18
N VAL A 5 -38.91 -3.39 -26.43
CA VAL A 5 -37.92 -3.64 -25.38
C VAL A 5 -36.64 -2.89 -25.72
N SER A 6 -36.12 -2.17 -24.74
CA SER A 6 -34.85 -1.47 -24.89
C SER A 6 -33.69 -2.37 -24.49
N THR A 7 -32.53 -2.10 -25.07
CA THR A 7 -31.29 -2.78 -24.74
C THR A 7 -30.25 -1.75 -24.36
N ARG A 8 -29.14 -2.22 -23.80
CA ARG A 8 -28.01 -1.32 -23.56
C ARG A 8 -27.56 -0.67 -24.87
N SER A 9 -27.58 -1.43 -25.96
CA SER A 9 -27.20 -0.88 -27.25
C SER A 9 -28.21 0.16 -27.74
N SER A 10 -29.51 -0.19 -27.72
CA SER A 10 -30.50 0.73 -28.26
C SER A 10 -30.66 1.98 -27.40
N LEU A 11 -30.53 1.85 -26.08
CA LEU A 11 -30.58 3.03 -25.24
C LEU A 11 -29.40 3.96 -25.51
N ALA A 12 -28.23 3.39 -25.82
CA ALA A 12 -27.07 4.22 -26.13
C ALA A 12 -27.30 5.04 -27.39
N GLU A 13 -27.96 4.45 -28.40
CA GLU A 13 -28.25 5.19 -29.61
C GLU A 13 -29.32 6.26 -29.38
N ASP A 14 -30.30 5.97 -28.52
CA ASP A 14 -31.29 6.99 -28.17
C ASP A 14 -30.63 8.16 -27.46
N LEU A 15 -29.65 7.88 -26.60
CA LEU A 15 -28.97 8.95 -25.88
C LEU A 15 -28.07 9.75 -26.80
N ARG A 16 -27.40 9.09 -27.74
CA ARG A 16 -26.61 9.82 -28.73
C ARG A 16 -27.51 10.70 -29.60
N ALA A 17 -28.69 10.19 -29.95
CA ALA A 17 -29.59 10.95 -30.80
C ALA A 17 -30.08 12.22 -30.11
N ILE A 18 -30.30 12.17 -28.80
CA ILE A 18 -30.78 13.37 -28.12
C ILE A 18 -29.65 14.37 -27.85
N GLY A 19 -28.40 13.95 -27.88
CA GLY A 19 -27.31 14.89 -27.84
C GLY A 19 -26.17 14.61 -26.87
N LEU A 20 -26.25 13.50 -26.14
CA LEU A 20 -25.14 13.10 -25.29
C LEU A 20 -23.92 12.77 -26.13
N ALA A 21 -22.75 13.16 -25.65
CA ALA A 21 -21.51 13.03 -26.40
C ALA A 21 -20.36 12.68 -25.47
N ASP A 22 -19.22 12.35 -26.09
CA ASP A 22 -18.03 11.98 -25.34
C ASP A 22 -17.61 13.08 -24.39
N GLY A 23 -17.36 12.71 -23.13
CA GLY A 23 -16.85 13.63 -22.14
C GLY A 23 -17.90 14.45 -21.40
N ASP A 24 -19.17 14.29 -21.74
CA ASP A 24 -20.22 15.11 -21.15
C ASP A 24 -20.41 14.80 -19.67
N ALA A 25 -20.79 15.82 -18.91
CA ALA A 25 -21.30 15.66 -17.55
C ALA A 25 -22.79 15.96 -17.58
N VAL A 26 -23.60 15.00 -17.13
CA VAL A 26 -25.04 15.10 -17.26
C VAL A 26 -25.69 14.73 -15.93
N LEU A 27 -26.49 15.64 -15.39
CA LEU A 27 -27.36 15.36 -14.25
C LEU A 27 -28.70 14.90 -14.79
N VAL A 28 -29.14 13.72 -14.37
CA VAL A 28 -30.33 13.08 -14.92
C VAL A 28 -31.44 13.10 -13.87
N HIS A 29 -32.64 13.48 -14.30
CA HIS A 29 -33.86 13.26 -13.54
C HIS A 29 -34.74 12.30 -14.34
N ALA A 30 -35.29 11.30 -13.67
CA ALA A 30 -35.89 10.18 -14.38
C ALA A 30 -37.21 9.76 -13.75
N ALA A 31 -38.16 9.41 -14.61
CA ALA A 31 -39.34 8.62 -14.27
C ALA A 31 -39.15 7.30 -15.00
N LEU A 32 -38.46 6.37 -14.35
CA LEU A 32 -37.96 5.18 -15.05
C LEU A 32 -39.07 4.34 -15.66
N ARG A 33 -40.26 4.36 -15.06
CA ARG A 33 -41.35 3.55 -15.58
C ARG A 33 -41.77 3.97 -16.98
N LYS A 34 -41.48 5.20 -17.38
CA LYS A 34 -41.82 5.68 -18.71
C LYS A 34 -40.91 5.14 -19.80
N VAL A 35 -39.72 4.65 -19.44
CA VAL A 35 -38.82 4.08 -20.43
C VAL A 35 -39.39 2.80 -21.04
N GLY A 36 -40.27 2.11 -20.32
CA GLY A 36 -40.77 0.84 -20.79
C GLY A 36 -39.87 -0.31 -20.38
N LYS A 37 -40.02 -1.41 -21.12
CA LYS A 37 -39.30 -2.64 -20.80
C LYS A 37 -37.83 -2.53 -21.20
N ILE A 38 -36.95 -2.92 -20.28
CA ILE A 38 -35.51 -2.94 -20.52
C ILE A 38 -35.01 -4.35 -20.23
N VAL A 39 -34.18 -4.88 -21.13
CA VAL A 39 -33.69 -6.26 -20.99
C VAL A 39 -32.95 -6.42 -19.67
N GLY A 40 -31.99 -5.55 -19.40
CA GLY A 40 -31.18 -5.67 -18.21
C GLY A 40 -31.61 -4.75 -17.08
N GLY A 41 -32.87 -4.32 -17.11
CA GLY A 41 -33.36 -3.40 -16.10
C GLY A 41 -32.79 -2.02 -16.26
N PRO A 42 -33.13 -1.12 -15.32
CA PRO A 42 -32.70 0.28 -15.47
C PRO A 42 -31.19 0.48 -15.42
N ASP A 43 -30.43 -0.50 -14.91
CA ASP A 43 -28.98 -0.39 -14.97
C ASP A 43 -28.47 -0.29 -16.41
N ASP A 44 -29.23 -0.83 -17.37
CA ASP A 44 -28.87 -0.66 -18.77
C ASP A 44 -28.82 0.81 -19.16
N ILE A 45 -29.63 1.65 -18.51
CA ILE A 45 -29.64 3.07 -18.84
C ILE A 45 -28.34 3.72 -18.40
N LEU A 46 -27.91 3.47 -17.16
CA LEU A 46 -26.64 4.00 -16.68
C LEU A 46 -25.47 3.45 -17.49
N ASP A 47 -25.51 2.15 -17.78
CA ASP A 47 -24.44 1.56 -18.59
C ASP A 47 -24.39 2.18 -19.98
N ALA A 48 -25.54 2.38 -20.61
CA ALA A 48 -25.56 2.98 -21.94
C ALA A 48 -25.06 4.42 -21.90
N MET A 49 -25.44 5.18 -20.86
CA MET A 49 -24.95 6.55 -20.72
C MET A 49 -23.43 6.57 -20.64
N ARG A 50 -22.85 5.70 -19.80
CA ARG A 50 -21.41 5.65 -19.67
C ARG A 50 -20.75 5.18 -20.97
N ASP A 51 -21.43 4.32 -21.73
CA ASP A 51 -20.93 3.99 -23.06
C ASP A 51 -20.85 5.22 -23.95
N VAL A 52 -21.85 6.10 -23.84
CA VAL A 52 -21.92 7.26 -24.73
C VAL A 52 -20.90 8.31 -24.33
N ILE A 53 -20.83 8.63 -23.03
CA ILE A 53 -19.94 9.70 -22.57
C ILE A 53 -18.52 9.23 -22.30
N GLY A 54 -18.28 7.92 -22.23
CA GLY A 54 -16.97 7.40 -21.95
C GLY A 54 -16.61 7.53 -20.48
N PRO A 55 -15.49 6.91 -20.09
CA PRO A 55 -15.13 6.91 -18.67
C PRO A 55 -14.83 8.29 -18.11
N ALA A 56 -14.46 9.27 -18.94
CA ALA A 56 -14.20 10.60 -18.43
C ALA A 56 -15.46 11.41 -18.17
N GLY A 57 -16.59 11.01 -18.76
CA GLY A 57 -17.85 11.66 -18.48
C GLY A 57 -18.36 11.35 -17.08
N THR A 58 -19.37 12.10 -16.66
CA THR A 58 -19.93 11.94 -15.33
C THR A 58 -21.45 12.01 -15.39
N VAL A 59 -22.11 11.06 -14.73
CA VAL A 59 -23.56 11.04 -14.60
C VAL A 59 -23.89 11.42 -13.16
N LEU A 60 -24.95 12.21 -12.99
CA LEU A 60 -25.37 12.66 -11.67
C LEU A 60 -26.85 12.37 -11.45
N GLY A 61 -27.22 12.29 -10.18
CA GLY A 61 -28.61 12.16 -9.79
C GLY A 61 -28.82 12.86 -8.46
N TYR A 62 -30.04 13.36 -8.25
CA TYR A 62 -30.36 14.15 -7.07
C TYR A 62 -30.79 13.21 -5.94
N ALA A 63 -29.90 13.01 -4.98
CA ALA A 63 -30.11 12.03 -3.92
C ALA A 63 -30.95 12.59 -2.76
N ASP A 64 -30.58 13.75 -2.24
CA ASP A 64 -31.24 14.30 -1.05
C ASP A 64 -31.08 13.26 0.06
N TRP A 65 -32.04 13.18 1.00
CA TRP A 65 -32.11 12.05 1.91
C TRP A 65 -33.49 12.04 2.56
N GLN A 66 -33.73 11.02 3.39
CA GLN A 66 -35.08 10.61 3.76
C GLN A 66 -35.55 11.18 5.10
N LEU A 67 -34.87 12.20 5.61
CA LEU A 67 -35.35 12.84 6.84
C LEU A 67 -36.59 13.67 6.54
N GLU A 68 -37.71 13.30 7.17
CA GLU A 68 -38.95 14.04 6.99
C GLU A 68 -38.98 15.19 8.00
N ASP A 69 -39.66 16.27 7.64
CA ASP A 69 -39.74 17.43 8.52
C ASP A 69 -40.66 17.17 9.70
N GLU A 70 -41.76 16.45 9.47
CA GLU A 70 -42.59 15.92 10.55
C GLU A 70 -41.76 15.23 11.62
N ILE A 71 -40.62 14.67 11.22
CA ILE A 71 -39.80 13.85 12.08
C ILE A 71 -38.62 14.63 12.65
N ARG A 72 -37.86 15.29 11.77
CA ARG A 72 -36.77 16.15 12.22
C ARG A 72 -37.23 17.11 13.29
N ASP A 73 -38.48 17.57 13.21
CA ASP A 73 -38.98 18.58 14.12
C ASP A 73 -39.64 18.01 15.36
N ASP A 74 -40.16 16.78 15.32
CA ASP A 74 -40.76 16.20 16.52
C ASP A 74 -39.69 15.92 17.57
N PRO A 75 -39.66 16.67 18.67
CA PRO A 75 -38.49 16.61 19.57
C PRO A 75 -38.31 15.30 20.30
N ALA A 76 -39.36 14.50 20.48
CA ALA A 76 -39.19 13.25 21.22
C ALA A 76 -38.40 12.23 20.40
N MET A 77 -38.43 12.33 19.07
CA MET A 77 -37.69 11.45 18.18
C MET A 77 -36.30 11.95 17.87
N ARG A 78 -35.89 13.07 18.47
CA ARG A 78 -34.65 13.74 18.07
C ARG A 78 -33.44 12.85 18.21
N GLU A 79 -33.35 12.10 19.31
CA GLU A 79 -32.17 11.30 19.56
C GLU A 79 -32.16 9.97 18.79
N HIS A 80 -33.28 9.59 18.18
CA HIS A 80 -33.36 8.35 17.42
C HIS A 80 -33.18 8.56 15.92
N ILE A 81 -32.91 9.79 15.49
CA ILE A 81 -32.71 10.10 14.08
C ILE A 81 -31.24 9.92 13.76
N PRO A 82 -30.87 9.02 12.86
CA PRO A 82 -29.45 8.88 12.51
C PRO A 82 -28.94 10.12 11.78
N ALA A 83 -27.68 10.43 12.01
CA ALA A 83 -27.05 11.54 11.32
C ALA A 83 -27.01 11.26 9.82
N PHE A 84 -26.99 12.34 9.03
CA PHE A 84 -26.72 12.18 7.62
C PHE A 84 -25.31 11.65 7.43
N ASP A 85 -25.22 10.54 6.69
CA ASP A 85 -23.92 9.95 6.35
C ASP A 85 -23.92 9.79 4.85
N PRO A 86 -23.07 10.54 4.13
CA PRO A 86 -23.13 10.49 2.65
C PRO A 86 -22.83 9.11 2.09
N LEU A 87 -22.24 8.21 2.87
CA LEU A 87 -21.96 6.87 2.39
C LEU A 87 -23.08 5.89 2.65
N ARG A 88 -24.00 6.18 3.59
CA ARG A 88 -25.02 5.22 3.99
C ARG A 88 -26.44 5.73 3.88
N SER A 89 -26.69 7.03 3.94
CA SER A 89 -28.05 7.55 3.90
C SER A 89 -28.66 7.34 2.52
N ARG A 90 -29.79 6.63 2.46
CA ARG A 90 -30.39 6.37 1.17
C ARG A 90 -31.03 7.62 0.60
N SER A 91 -31.13 7.65 -0.72
CA SER A 91 -31.71 8.79 -1.41
C SER A 91 -33.18 8.96 -1.02
N ILE A 92 -33.65 10.20 -1.07
CA ILE A 92 -35.08 10.45 -0.86
C ILE A 92 -35.86 9.69 -1.92
N ARG A 93 -36.89 8.98 -1.47
CA ARG A 93 -37.66 8.15 -2.40
C ARG A 93 -38.54 8.99 -3.32
N ASP A 94 -38.77 10.26 -2.96
CA ASP A 94 -39.56 11.15 -3.80
C ASP A 94 -38.90 11.38 -5.16
N ASN A 95 -37.59 11.18 -5.27
CA ASN A 95 -36.88 11.41 -6.52
C ASN A 95 -36.75 10.17 -7.37
N GLY A 96 -37.41 9.08 -6.98
CA GLY A 96 -37.40 7.87 -7.77
C GLY A 96 -36.17 7.02 -7.53
N PHE A 97 -36.17 5.85 -8.18
CA PHE A 97 -35.08 4.91 -8.01
C PHE A 97 -33.77 5.44 -8.57
N TRP A 98 -33.83 6.35 -9.55
CA TRP A 98 -32.64 6.70 -10.32
C TRP A 98 -31.46 7.19 -9.47
N PRO A 99 -31.61 8.13 -8.53
CA PRO A 99 -30.44 8.51 -7.73
C PRO A 99 -29.93 7.39 -6.83
N GLU A 100 -30.82 6.56 -6.28
CA GLU A 100 -30.36 5.36 -5.56
C GLU A 100 -29.60 4.44 -6.50
N LEU A 101 -30.06 4.33 -7.75
CA LEU A 101 -29.38 3.49 -8.73
C LEU A 101 -27.92 3.92 -8.89
N ILE A 102 -27.70 5.22 -9.08
CA ILE A 102 -26.33 5.71 -9.18
C ILE A 102 -25.59 5.48 -7.87
N ARG A 103 -26.21 5.91 -6.75
CA ARG A 103 -25.52 5.90 -5.47
C ARG A 103 -25.01 4.51 -5.10
N THR A 104 -25.76 3.46 -5.44
CA THR A 104 -25.41 2.10 -5.08
C THR A 104 -24.61 1.37 -6.15
N THR A 105 -24.27 2.04 -7.25
CA THR A 105 -23.38 1.45 -8.24
C THR A 105 -21.94 1.56 -7.76
N PRO A 106 -21.13 0.51 -7.92
CA PRO A 106 -19.74 0.58 -7.45
C PRO A 106 -18.98 1.73 -8.10
N GLY A 107 -18.21 2.44 -7.28
CA GLY A 107 -17.48 3.59 -7.74
C GLY A 107 -18.23 4.91 -7.64
N ALA A 108 -19.48 4.89 -7.17
CA ALA A 108 -20.25 6.12 -7.06
C ALA A 108 -19.86 6.89 -5.81
N LEU A 109 -20.04 8.21 -5.88
CA LEU A 109 -19.77 9.09 -4.76
C LEU A 109 -20.97 9.98 -4.53
N ARG A 110 -21.05 10.54 -3.32
CA ARG A 110 -22.21 11.32 -2.89
C ARG A 110 -21.74 12.48 -2.04
N SER A 111 -22.25 13.68 -2.32
CA SER A 111 -21.75 14.89 -1.69
C SER A 111 -22.31 15.06 -0.28
N ALA A 112 -21.76 16.04 0.43
CA ALA A 112 -21.94 16.13 1.88
C ALA A 112 -23.14 16.97 2.32
N SER A 113 -23.64 17.87 1.48
CA SER A 113 -24.74 18.76 1.87
C SER A 113 -26.07 18.02 1.83
N PRO A 114 -26.64 17.65 2.98
CA PRO A 114 -27.70 16.62 3.01
C PRO A 114 -28.87 16.86 2.07
N GLY A 115 -29.62 17.95 2.27
CA GLY A 115 -30.79 18.19 1.45
C GLY A 115 -30.49 18.37 -0.02
N ALA A 116 -29.34 18.94 -0.34
CA ALA A 116 -28.95 19.20 -1.72
C ALA A 116 -28.04 18.11 -2.27
N SER A 117 -27.87 17.01 -1.55
CA SER A 117 -26.80 16.07 -1.86
C SER A 117 -27.04 15.39 -3.21
N MET A 118 -25.95 15.19 -3.94
CA MET A 118 -25.97 14.63 -5.28
C MET A 118 -25.11 13.38 -5.34
N ALA A 119 -25.58 12.40 -6.09
CA ALA A 119 -24.79 11.20 -6.38
C ALA A 119 -24.18 11.33 -7.77
N ALA A 120 -22.97 10.80 -7.92
CA ALA A 120 -22.23 10.99 -9.16
C ALA A 120 -21.34 9.79 -9.42
N ILE A 121 -21.25 9.41 -10.70
CA ILE A 121 -20.38 8.31 -11.12
C ILE A 121 -19.69 8.72 -12.41
N GLY A 122 -18.42 8.36 -12.55
CA GLY A 122 -17.68 8.67 -13.75
C GLY A 122 -16.39 9.39 -13.44
N GLY A 123 -15.78 9.94 -14.49
CA GLY A 123 -14.42 10.43 -14.39
C GLY A 123 -14.24 11.60 -13.44
N GLU A 124 -15.23 12.48 -13.36
CA GLU A 124 -15.13 13.68 -12.52
C GLU A 124 -16.03 13.59 -11.29
N ALA A 125 -16.44 12.39 -10.89
CA ALA A 125 -17.31 12.26 -9.72
C ALA A 125 -16.67 12.88 -8.49
N GLU A 126 -15.37 12.66 -8.31
CA GLU A 126 -14.67 13.27 -7.18
C GLU A 126 -14.79 14.79 -7.21
N TRP A 127 -14.72 15.39 -8.40
CA TRP A 127 -14.78 16.84 -8.52
C TRP A 127 -16.17 17.36 -8.23
N PHE A 128 -17.20 16.69 -8.76
CA PHE A 128 -18.57 17.19 -8.62
C PHE A 128 -19.08 17.06 -7.19
N THR A 129 -18.64 16.03 -6.46
CA THR A 129 -19.15 15.76 -5.13
C THR A 129 -18.37 16.45 -4.02
N ALA A 130 -17.19 16.97 -4.32
CA ALA A 130 -16.34 17.53 -3.28
C ALA A 130 -16.72 18.96 -2.96
N ASP A 131 -16.48 19.35 -1.71
CA ASP A 131 -16.64 20.74 -1.25
CA ASP A 131 -16.62 20.75 -1.28
C ASP A 131 -18.03 21.28 -1.55
N HIS A 132 -19.04 20.48 -1.20
CA HIS A 132 -20.43 20.88 -1.35
C HIS A 132 -20.84 21.63 -0.08
N ALA A 133 -21.10 22.93 -0.22
CA ALA A 133 -21.37 23.77 0.94
C ALA A 133 -22.61 23.31 1.70
N LEU A 134 -22.49 23.28 3.03
CA LEU A 134 -23.63 22.86 3.85
C LEU A 134 -24.74 23.91 3.80
N ASP A 135 -24.41 25.18 4.02
CA ASP A 135 -25.37 26.25 3.85
C ASP A 135 -25.40 26.68 2.39
N TYR A 136 -26.59 27.01 1.90
CA TYR A 136 -26.81 27.40 0.51
C TYR A 136 -26.22 26.36 -0.44
N GLY A 137 -26.66 25.12 -0.25
CA GLY A 137 -26.17 23.99 -1.01
C GLY A 137 -26.57 23.97 -2.47
N TYR A 138 -27.28 24.98 -2.95
CA TYR A 138 -27.63 25.10 -4.35
C TYR A 138 -26.92 26.28 -5.02
N GLY A 139 -25.90 26.83 -4.38
CA GLY A 139 -25.17 27.94 -4.92
C GLY A 139 -23.94 27.52 -5.69
N PRO A 140 -22.95 28.42 -5.77
CA PRO A 140 -21.76 28.12 -6.59
C PRO A 140 -20.95 26.92 -6.10
N ARG A 141 -20.81 26.75 -4.79
CA ARG A 141 -20.05 25.63 -4.22
C ARG A 141 -20.98 24.42 -4.05
N SER A 142 -21.35 23.83 -5.17
CA SER A 142 -22.26 22.70 -5.19
C SER A 142 -22.08 21.96 -6.51
N PRO A 143 -22.58 20.72 -6.60
CA PRO A 143 -22.56 20.03 -7.90
C PRO A 143 -23.26 20.80 -9.00
N LEU A 144 -24.31 21.55 -8.65
CA LEU A 144 -25.04 22.31 -9.66
C LEU A 144 -24.18 23.44 -10.23
N GLY A 145 -23.48 24.17 -9.36
CA GLY A 145 -22.60 25.22 -9.85
C GLY A 145 -21.44 24.70 -10.67
N LYS A 146 -20.93 23.52 -10.31
CA LYS A 146 -19.87 22.93 -11.11
C LYS A 146 -20.40 22.41 -12.44
N LEU A 147 -21.66 21.97 -12.47
CA LEU A 147 -22.28 21.60 -13.74
C LEU A 147 -22.28 22.77 -14.72
N VAL A 148 -22.56 23.97 -14.23
CA VAL A 148 -22.53 25.15 -15.10
C VAL A 148 -21.10 25.45 -15.53
N GLU A 149 -20.16 25.46 -14.57
CA GLU A 149 -18.76 25.72 -14.89
C GLU A 149 -18.22 24.70 -15.88
N ALA A 150 -18.54 23.42 -15.68
CA ALA A 150 -18.07 22.37 -16.56
C ALA A 150 -18.84 22.31 -17.88
N LYS A 151 -19.81 23.21 -18.07
CA LYS A 151 -20.68 23.23 -19.26
C LYS A 151 -21.33 21.87 -19.49
N GLY A 152 -21.91 21.33 -18.42
CA GLY A 152 -22.63 20.07 -18.49
C GLY A 152 -24.04 20.24 -19.00
N LYS A 153 -24.81 19.16 -18.88
CA LYS A 153 -26.16 19.10 -19.41
C LYS A 153 -27.10 18.50 -18.37
N VAL A 154 -28.39 18.76 -18.55
CA VAL A 154 -29.44 18.14 -17.75
C VAL A 154 -30.32 17.32 -18.67
N LEU A 155 -30.54 16.07 -18.30
CA LEU A 155 -31.44 15.18 -19.03
C LEU A 155 -32.67 14.92 -18.17
N MET A 156 -33.84 15.30 -18.69
CA MET A 156 -35.11 14.93 -18.08
C MET A 156 -35.56 13.65 -18.77
N LEU A 157 -35.41 12.52 -18.08
CA LEU A 157 -35.66 11.20 -18.65
C LEU A 157 -37.08 10.78 -18.26
N GLY A 158 -38.05 11.21 -19.04
CA GLY A 158 -39.45 10.99 -18.73
C GLY A 158 -39.95 11.75 -17.51
N ALA A 159 -39.09 12.47 -16.81
CA ALA A 159 -39.43 13.18 -15.60
C ALA A 159 -40.23 14.44 -15.90
N PRO A 160 -41.18 14.80 -15.04
CA PRO A 160 -41.87 16.08 -15.21
C PRO A 160 -40.87 17.23 -15.18
N LEU A 161 -41.09 18.20 -16.07
CA LEU A 161 -40.09 19.24 -16.30
C LEU A 161 -39.87 20.13 -15.08
N ASP A 162 -40.82 20.21 -14.15
CA ASP A 162 -40.63 21.05 -12.98
C ASP A 162 -39.73 20.41 -11.93
N THR A 163 -39.27 19.18 -12.14
CA THR A 163 -38.32 18.54 -11.25
C THR A 163 -36.87 18.80 -11.64
N MET A 164 -36.61 19.82 -12.45
CA MET A 164 -35.25 20.16 -12.87
C MET A 164 -34.60 20.98 -11.77
N THR A 165 -33.90 20.27 -10.87
CA THR A 165 -33.31 20.89 -9.69
C THR A 165 -32.28 21.96 -10.03
N LEU A 166 -31.68 21.90 -11.23
CA LEU A 166 -30.68 22.90 -11.60
C LEU A 166 -31.24 24.32 -11.53
N LEU A 167 -32.54 24.50 -11.78
CA LEU A 167 -33.12 25.83 -11.74
C LEU A 167 -33.21 26.39 -10.33
N ALA A 168 -33.08 25.54 -9.30
CA ALA A 168 -32.91 26.06 -7.95
C ALA A 168 -31.60 26.80 -7.82
N HIS A 169 -30.58 26.39 -8.57
CA HIS A 169 -29.32 27.13 -8.62
C HIS A 169 -29.52 28.48 -9.28
N ALA A 170 -30.41 28.57 -10.27
CA ALA A 170 -30.75 29.87 -10.84
C ALA A 170 -31.47 30.74 -9.82
N GLU A 171 -32.42 30.14 -9.09
CA GLU A 171 -33.07 30.84 -7.98
C GLU A 171 -32.03 31.45 -7.04
N HIS A 172 -30.97 30.70 -6.74
CA HIS A 172 -29.94 31.19 -5.83
C HIS A 172 -29.22 32.41 -6.40
N LEU A 173 -28.78 32.32 -7.67
CA LEU A 173 -27.99 33.39 -8.26
C LEU A 173 -28.84 34.62 -8.53
N ALA A 174 -30.09 34.43 -8.92
CA ALA A 174 -30.89 35.52 -9.48
C ALA A 174 -31.19 36.60 -8.44
N ASP A 175 -31.07 37.85 -8.86
CA ASP A 175 -31.33 39.00 -8.00
C ASP A 175 -32.79 39.43 -8.16
N PHE A 176 -33.61 39.12 -7.17
CA PHE A 176 -34.99 39.57 -7.13
C PHE A 176 -35.40 39.73 -5.69
N PRO A 177 -36.38 40.58 -5.38
CA PRO A 177 -36.64 40.96 -3.99
C PRO A 177 -37.28 39.84 -3.17
N ASN A 178 -37.03 39.91 -1.87
CA ASN A 178 -37.76 39.13 -0.86
C ASN A 178 -37.63 37.63 -1.10
N LYS A 179 -36.40 37.17 -1.30
CA LYS A 179 -36.12 35.74 -1.33
C LYS A 179 -36.36 35.15 0.05
N ARG A 180 -37.26 34.18 0.15
CA ARG A 180 -37.47 33.54 1.44
C ARG A 180 -36.23 32.76 1.84
N ILE A 181 -35.68 33.09 2.99
CA ILE A 181 -34.58 32.33 3.56
C ILE A 181 -35.16 31.28 4.50
N LEU A 182 -34.59 30.09 4.44
CA LEU A 182 -35.05 28.94 5.19
C LEU A 182 -33.99 28.55 6.22
N ARG A 183 -34.41 28.31 7.46
CA ARG A 183 -33.49 27.83 8.47
C ARG A 183 -34.08 26.62 9.15
N TYR A 184 -33.27 25.57 9.24
CA TYR A 184 -33.67 24.29 9.83
C TYR A 184 -32.44 23.66 10.47
N GLU A 185 -32.68 22.61 11.23
CA GLU A 185 -31.66 21.97 12.05
C GLU A 185 -31.63 20.49 11.71
N ALA A 186 -30.49 19.99 11.26
CA ALA A 186 -30.41 18.60 10.85
C ALA A 186 -29.16 17.93 11.43
N PRO A 187 -29.22 16.61 11.69
CA PRO A 187 -28.05 15.93 12.26
C PRO A 187 -27.09 15.43 11.19
N ILE A 188 -25.82 15.81 11.32
CA ILE A 188 -24.76 15.37 10.42
C ILE A 188 -23.63 14.81 11.26
N LEU A 189 -22.54 14.46 10.58
CA LEU A 189 -21.36 13.92 11.24
C LEU A 189 -20.28 14.99 11.33
N VAL A 190 -19.77 15.20 12.54
CA VAL A 190 -18.63 16.08 12.78
C VAL A 190 -17.65 15.31 13.66
N ASP A 191 -16.44 15.12 13.14
CA ASP A 191 -15.41 14.30 13.83
C ASP A 191 -15.94 12.91 14.11
N GLY A 192 -16.66 12.33 13.15
CA GLY A 192 -17.13 10.98 13.29
C GLY A 192 -18.25 10.78 14.28
N GLU A 193 -18.86 11.86 14.78
CA GLU A 193 -19.96 11.72 15.72
C GLU A 193 -21.16 12.56 15.26
N LYS A 194 -22.34 12.07 15.60
CA LYS A 194 -23.58 12.73 15.23
C LYS A 194 -23.71 14.06 15.98
N VAL A 195 -23.92 15.13 15.22
CA VAL A 195 -24.03 16.47 15.76
C VAL A 195 -25.21 17.16 15.08
N TRP A 196 -25.99 17.88 15.86
CA TRP A 196 -27.10 18.66 15.32
C TRP A 196 -26.59 20.04 14.90
N ARG A 197 -26.86 20.42 13.67
CA ARG A 197 -26.35 21.65 13.08
C ARG A 197 -27.48 22.45 12.45
N TRP A 198 -27.44 23.77 12.64
CA TRP A 198 -28.44 24.65 12.04
C TRP A 198 -28.03 25.00 10.62
N PHE A 199 -28.95 24.85 9.68
CA PHE A 199 -28.70 25.10 8.27
C PHE A 199 -29.45 26.35 7.82
N GLU A 200 -28.94 26.95 6.75
CA GLU A 200 -29.58 28.11 6.12
C GLU A 200 -29.45 28.01 4.62
N GLU A 201 -30.56 28.22 3.91
CA GLU A 201 -30.56 28.18 2.45
C GLU A 201 -31.72 29.02 1.95
N PHE A 202 -31.68 29.35 0.67
CA PHE A 202 -32.88 29.81 -0.01
C PHE A 202 -33.85 28.65 -0.14
N ASP A 203 -35.14 28.97 -0.06
CA ASP A 203 -36.17 27.94 -0.07
C ASP A 203 -36.27 27.27 -1.44
N THR A 204 -36.05 25.96 -1.47
CA THR A 204 -36.25 25.19 -2.69
C THR A 204 -37.51 24.33 -2.63
N SER A 205 -38.15 24.29 -1.45
CA SER A 205 -39.44 23.61 -1.22
C SER A 205 -40.69 24.33 -1.81
N ASP A 206 -40.79 25.64 -1.59
CA ASP A 206 -41.85 26.50 -2.10
C ASP A 206 -41.29 27.51 -3.09
N PRO A 207 -42.07 27.97 -4.06
CA PRO A 207 -41.58 28.96 -5.00
C PRO A 207 -41.49 30.33 -4.37
N PRO A 208 -40.87 31.30 -5.05
CA PRO A 208 -41.03 32.69 -4.60
C PRO A 208 -42.51 33.04 -4.59
N ASP A 209 -42.93 33.77 -3.57
CA ASP A 209 -44.34 34.14 -3.47
C ASP A 209 -44.76 34.94 -4.68
N GLY A 210 -45.76 34.45 -5.40
CA GLY A 210 -46.22 35.05 -6.63
C GLY A 210 -46.04 34.18 -7.85
N LEU A 211 -45.39 33.02 -7.74
CA LEU A 211 -45.31 32.05 -8.82
C LEU A 211 -45.88 30.72 -8.34
N ALA A 212 -46.27 29.88 -9.28
CA ALA A 212 -46.87 28.60 -8.95
C ALA A 212 -45.79 27.57 -8.60
N ASP A 213 -46.21 26.51 -7.92
CA ASP A 213 -45.28 25.47 -7.48
C ASP A 213 -44.57 24.78 -8.63
N ASP A 214 -45.11 24.88 -9.85
CA ASP A 214 -44.57 24.16 -10.99
C ASP A 214 -44.00 25.10 -12.05
N TYR A 215 -43.63 26.33 -11.67
CA TYR A 215 -43.18 27.29 -12.67
C TYR A 215 -41.86 26.90 -13.32
N PHE A 216 -41.07 26.04 -12.67
CA PHE A 216 -39.90 25.47 -13.34
C PHE A 216 -40.27 24.88 -14.69
N ALA A 217 -41.42 24.19 -14.75
CA ALA A 217 -41.85 23.58 -16.00
C ALA A 217 -42.07 24.63 -17.07
N GLY A 218 -42.69 25.76 -16.71
CA GLY A 218 -42.87 26.83 -17.67
C GLY A 218 -41.56 27.39 -18.19
N ILE A 219 -40.59 27.56 -17.30
CA ILE A 219 -39.28 28.08 -17.71
C ILE A 219 -38.62 27.15 -18.72
N VAL A 220 -38.63 25.84 -18.43
CA VAL A 220 -38.03 24.87 -19.34
C VAL A 220 -38.74 24.90 -20.69
N GLU A 221 -40.07 24.97 -20.68
CA GLU A 221 -40.81 24.97 -21.94
C GLU A 221 -40.52 26.23 -22.74
N GLU A 222 -40.33 27.37 -22.05
CA GLU A 222 -39.93 28.58 -22.75
C GLU A 222 -38.53 28.45 -23.33
N PHE A 223 -37.61 27.83 -22.60
CA PHE A 223 -36.26 27.61 -23.11
C PHE A 223 -36.29 26.73 -24.35
N LEU A 224 -37.03 25.61 -24.29
CA LEU A 224 -37.14 24.74 -25.46
C LEU A 224 -37.79 25.44 -26.63
N ALA A 225 -38.69 26.40 -26.35
CA ALA A 225 -39.35 27.12 -27.43
C ALA A 225 -38.37 27.96 -28.24
N THR A 226 -37.25 28.34 -27.64
CA THR A 226 -36.21 29.07 -28.37
C THR A 226 -35.43 28.18 -29.33
N GLY A 227 -35.61 26.86 -29.25
CA GLY A 227 -34.86 25.94 -30.07
C GLY A 227 -33.49 25.58 -29.54
N ARG A 228 -33.17 25.97 -28.32
CA ARG A 228 -31.83 25.79 -27.76
C ARG A 228 -31.67 24.49 -26.98
N GLY A 229 -32.70 23.66 -26.92
CA GLY A 229 -32.58 22.34 -26.32
C GLY A 229 -32.86 21.25 -27.32
N LYS A 230 -33.10 20.04 -26.85
CA LYS A 230 -33.39 18.93 -27.74
C LYS A 230 -34.39 18.00 -27.07
N ARG A 231 -35.42 17.61 -27.81
CA ARG A 231 -36.37 16.62 -27.35
C ARG A 231 -36.14 15.32 -28.12
N GLY A 232 -36.37 14.21 -27.42
CA GLY A 232 -36.15 12.91 -28.03
C GLY A 232 -36.65 11.82 -27.12
N LYS A 233 -36.70 10.62 -27.69
CA LYS A 233 -37.26 9.44 -27.04
C LYS A 233 -36.13 8.57 -26.50
N ILE A 234 -36.09 8.38 -25.19
CA ILE A 234 -35.18 7.43 -24.57
C ILE A 234 -36.01 6.21 -24.17
N GLY A 235 -35.83 5.11 -24.89
CA GLY A 235 -36.78 4.02 -24.78
C GLY A 235 -38.15 4.54 -25.20
N GLU A 236 -39.14 4.31 -24.35
CA GLU A 236 -40.48 4.85 -24.57
C GLU A 236 -40.71 6.16 -23.82
N ALA A 237 -39.70 6.71 -23.16
CA ALA A 237 -39.85 7.89 -22.32
C ALA A 237 -39.53 9.16 -23.11
N SER A 238 -40.50 10.05 -23.19
CA SER A 238 -40.25 11.37 -23.79
C SER A 238 -39.25 12.13 -22.92
N SER A 239 -38.19 12.62 -23.55
CA SER A 239 -37.08 13.18 -22.79
C SER A 239 -36.62 14.50 -23.39
N VAL A 240 -35.91 15.25 -22.56
CA VAL A 240 -35.42 16.59 -22.88
C VAL A 240 -33.97 16.69 -22.45
N LEU A 241 -33.11 17.21 -23.32
CA LEU A 241 -31.71 17.47 -23.01
C LEU A 241 -31.44 18.94 -23.21
N VAL A 242 -30.97 19.61 -22.15
CA VAL A 242 -30.66 21.03 -22.21
C VAL A 242 -29.23 21.27 -21.75
N PRO A 243 -28.55 22.29 -22.27
CA PRO A 243 -27.24 22.64 -21.72
C PRO A 243 -27.39 23.39 -20.39
N ALA A 244 -26.57 23.00 -19.42
CA ALA A 244 -26.72 23.55 -18.07
C ALA A 244 -26.49 25.05 -18.04
N ASP A 245 -25.41 25.51 -18.67
CA ASP A 245 -25.05 26.93 -18.58
C ASP A 245 -26.11 27.81 -19.23
N GLU A 246 -26.64 27.41 -20.38
CA GLU A 246 -27.61 28.24 -21.09
C GLU A 246 -28.93 28.32 -20.32
N ILE A 247 -29.42 27.19 -19.80
CA ILE A 247 -30.72 27.24 -19.15
C ILE A 247 -30.63 27.99 -17.82
N VAL A 248 -29.47 27.99 -17.16
CA VAL A 248 -29.32 28.75 -15.93
C VAL A 248 -29.32 30.25 -16.24
N ALA A 249 -28.52 30.65 -17.23
CA ALA A 249 -28.56 32.04 -17.69
C ALA A 249 -29.96 32.43 -18.14
N PHE A 250 -30.64 31.54 -18.88
CA PHE A 250 -32.02 31.80 -19.28
C PHE A 250 -32.92 31.98 -18.07
N ALA A 251 -32.79 31.11 -17.07
CA ALA A 251 -33.69 31.15 -15.92
C ALA A 251 -33.40 32.34 -15.02
N VAL A 252 -32.12 32.69 -14.84
CA VAL A 252 -31.77 33.88 -14.06
C VAL A 252 -32.38 35.12 -14.70
N ASP A 253 -32.21 35.25 -16.02
CA ASP A 253 -32.82 36.32 -16.80
C ASP A 253 -34.31 36.44 -16.51
N TRP A 254 -35.01 35.32 -16.64
CA TRP A 254 -36.46 35.28 -16.41
C TRP A 254 -36.81 35.74 -15.01
N LEU A 255 -36.12 35.20 -14.00
CA LEU A 255 -36.43 35.53 -12.62
C LEU A 255 -36.16 37.00 -12.31
N GLU A 256 -35.02 37.51 -12.77
CA GLU A 256 -34.68 38.91 -12.47
C GLU A 256 -35.63 39.88 -13.17
N ARG A 257 -36.07 39.54 -14.38
CA ARG A 257 -37.04 40.40 -15.02
C ARG A 257 -38.38 40.35 -14.29
N TRP A 258 -38.81 39.14 -13.90
CA TRP A 258 -40.03 39.03 -13.09
C TRP A 258 -39.91 39.82 -11.80
N GLY A 259 -38.72 39.89 -11.21
CA GLY A 259 -38.55 40.64 -9.97
C GLY A 259 -38.72 42.14 -10.14
N ARG A 260 -38.31 42.68 -11.30
CA ARG A 260 -38.39 44.12 -11.51
C ARG A 260 -39.80 44.59 -11.84
N THR A 261 -40.76 43.67 -11.98
CA THR A 261 -42.16 44.04 -12.14
C THR A 261 -42.85 44.31 -10.80
N ALA A 262 -42.15 44.20 -9.68
CA ALA A 262 -42.72 44.64 -8.42
C ALA A 262 -42.90 46.16 -8.46
N ARG A 263 -43.73 46.67 -7.54
CA ARG A 263 -43.99 48.10 -7.51
C ARG A 263 -42.70 48.87 -7.25
N ARG B 4 -47.44 3.48 16.92
CA ARG B 4 -46.20 3.21 17.65
C ARG B 4 -45.02 3.11 16.69
N VAL B 5 -43.95 3.84 17.01
CA VAL B 5 -42.80 3.98 16.12
C VAL B 5 -41.62 3.22 16.70
N SER B 6 -40.91 2.50 15.83
CA SER B 6 -39.70 1.78 16.22
C SER B 6 -38.48 2.66 16.06
N THR B 7 -37.43 2.32 16.81
CA THR B 7 -36.16 3.01 16.77
C THR B 7 -35.05 1.97 16.66
N ARG B 8 -33.82 2.45 16.44
CA ARG B 8 -32.67 1.57 16.54
C ARG B 8 -32.63 0.89 17.91
N SER B 9 -32.91 1.65 18.96
CA SER B 9 -32.89 1.11 20.32
C SER B 9 -34.02 0.11 20.55
N SER B 10 -35.24 0.46 20.14
CA SER B 10 -36.38 -0.40 20.43
C SER B 10 -36.34 -1.70 19.61
N LEU B 11 -35.86 -1.62 18.37
CA LEU B 11 -35.70 -2.85 17.58
C LEU B 11 -34.61 -3.73 18.17
N ALA B 12 -33.56 -3.13 18.75
CA ALA B 12 -32.52 -3.93 19.40
C ALA B 12 -33.08 -4.71 20.57
N GLU B 13 -33.94 -4.07 21.38
CA GLU B 13 -34.54 -4.79 22.50
C GLU B 13 -35.52 -5.86 22.02
N ASP B 14 -36.23 -5.58 20.92
CA ASP B 14 -37.10 -6.59 20.34
C ASP B 14 -36.30 -7.78 19.83
N LEU B 15 -35.15 -7.51 19.19
CA LEU B 15 -34.33 -8.59 18.66
C LEU B 15 -33.68 -9.40 19.78
N ARG B 16 -33.30 -8.74 20.88
CA ARG B 16 -32.82 -9.47 22.04
C ARG B 16 -33.92 -10.37 22.62
N ALA B 17 -35.15 -9.84 22.68
CA ALA B 17 -36.23 -10.62 23.29
C ALA B 17 -36.55 -11.88 22.48
N ILE B 18 -36.40 -11.84 21.16
CA ILE B 18 -36.67 -13.04 20.39
C ILE B 18 -35.51 -14.03 20.40
N GLY B 19 -34.31 -13.59 20.78
CA GLY B 19 -33.24 -14.55 21.02
C GLY B 19 -31.92 -14.32 20.29
N LEU B 20 -31.77 -13.18 19.62
CA LEU B 20 -30.49 -12.86 19.01
C LEU B 20 -29.47 -12.51 20.08
N ALA B 21 -28.25 -13.03 19.93
CA ALA B 21 -27.22 -12.88 20.94
C ALA B 21 -25.89 -12.53 20.27
N ASP B 22 -24.92 -12.19 21.12
CA ASP B 22 -23.58 -11.84 20.65
C ASP B 22 -22.98 -12.97 19.81
N GLY B 23 -22.41 -12.60 18.67
CA GLY B 23 -21.72 -13.54 17.81
C GLY B 23 -22.59 -14.33 16.86
N ASP B 24 -23.91 -14.14 16.89
CA ASP B 24 -24.82 -14.94 16.09
C ASP B 24 -24.67 -14.63 14.60
N ALA B 25 -24.85 -15.66 13.79
CA ALA B 25 -25.02 -15.52 12.34
C ALA B 25 -26.48 -15.79 12.02
N VAL B 26 -27.17 -14.81 11.45
CA VAL B 26 -28.60 -14.92 11.22
C VAL B 26 -28.91 -14.56 9.77
N LEU B 27 -29.51 -15.51 9.05
CA LEU B 27 -30.11 -15.25 7.74
C LEU B 27 -31.54 -14.79 7.97
N VAL B 28 -31.88 -13.61 7.46
CA VAL B 28 -33.16 -12.96 7.72
C VAL B 28 -33.99 -12.97 6.44
N HIS B 29 -35.26 -13.35 6.56
CA HIS B 29 -36.28 -13.12 5.54
C HIS B 29 -37.27 -12.12 6.10
N ALA B 30 -37.60 -11.10 5.32
CA ALA B 30 -38.34 -9.97 5.87
C ALA B 30 -39.47 -9.54 4.96
N ALA B 31 -40.57 -9.12 5.58
CA ALA B 31 -41.63 -8.33 4.96
C ALA B 31 -41.64 -7.03 5.76
N LEU B 32 -40.88 -6.05 5.29
CA LEU B 32 -40.57 -4.89 6.11
C LEU B 32 -41.80 -4.03 6.38
N ARG B 33 -42.72 -3.93 5.40
CA ARG B 33 -43.88 -3.05 5.53
C ARG B 33 -44.63 -3.25 6.83
N LYS B 34 -44.59 -4.45 7.37
CA LYS B 34 -45.31 -4.71 8.60
C LYS B 34 -44.40 -4.69 9.81
N VAL B 35 -43.18 -4.18 9.70
CA VAL B 35 -42.51 -3.73 10.91
C VAL B 35 -43.18 -2.46 11.40
N GLY B 36 -43.84 -1.72 10.51
CA GLY B 36 -44.49 -0.48 10.89
C GLY B 36 -43.57 0.71 10.68
N LYS B 37 -43.89 1.79 11.39
CA LYS B 37 -43.11 3.00 11.28
C LYS B 37 -41.77 2.85 12.00
N ILE B 38 -40.69 3.22 11.30
CA ILE B 38 -39.34 3.22 11.85
C ILE B 38 -38.76 4.61 11.63
N VAL B 39 -38.15 5.17 12.68
CA VAL B 39 -37.67 6.55 12.61
C VAL B 39 -36.66 6.72 11.48
N GLY B 40 -35.63 5.88 11.45
CA GLY B 40 -34.61 5.99 10.44
C GLY B 40 -34.75 4.99 9.31
N GLY B 41 -35.98 4.53 9.07
CA GLY B 41 -36.24 3.59 8.00
C GLY B 41 -35.70 2.21 8.31
N PRO B 42 -35.80 1.31 7.33
CA PRO B 42 -35.43 -0.10 7.60
C PRO B 42 -33.96 -0.30 7.91
N ASP B 43 -33.08 0.67 7.59
CA ASP B 43 -31.69 0.55 8.02
C ASP B 43 -31.56 0.50 9.53
N ASP B 44 -32.55 1.00 10.27
CA ASP B 44 -32.54 0.87 11.72
C ASP B 44 -32.58 -0.59 12.15
N ILE B 45 -33.27 -1.44 11.39
CA ILE B 45 -33.34 -2.86 11.73
C ILE B 45 -31.96 -3.49 11.61
N LEU B 46 -31.26 -3.23 10.50
CA LEU B 46 -29.94 -3.81 10.31
C LEU B 46 -28.95 -3.26 11.34
N ASP B 47 -28.99 -1.95 11.59
CA ASP B 47 -28.14 -1.38 12.62
C ASP B 47 -28.42 -2.01 13.98
N ALA B 48 -29.69 -2.24 14.29
CA ALA B 48 -30.06 -2.84 15.56
C ALA B 48 -29.57 -4.28 15.67
N MET B 49 -29.72 -5.06 14.60
CA MET B 49 -29.21 -6.43 14.60
C MET B 49 -27.72 -6.45 14.87
N ARG B 50 -26.98 -5.55 14.21
CA ARG B 50 -25.53 -5.50 14.42
C ARG B 50 -25.18 -5.06 15.83
N ASP B 51 -26.00 -4.18 16.43
CA ASP B 51 -25.81 -3.85 17.84
C ASP B 51 -25.97 -5.08 18.72
N VAL B 52 -26.90 -5.98 18.37
CA VAL B 52 -27.21 -7.12 19.21
C VAL B 52 -26.19 -8.23 19.03
N ILE B 53 -25.84 -8.56 17.77
CA ILE B 53 -24.90 -9.64 17.52
C ILE B 53 -23.45 -9.20 17.59
N GLY B 54 -23.18 -7.89 17.55
CA GLY B 54 -21.83 -7.40 17.61
C GLY B 54 -21.12 -7.51 16.27
N PRO B 55 -19.94 -6.90 16.15
CA PRO B 55 -19.23 -6.92 14.86
C PRO B 55 -18.80 -8.31 14.43
N ALA B 56 -18.74 -9.28 15.33
CA ALA B 56 -18.35 -10.63 14.95
C ALA B 56 -19.53 -11.44 14.42
N GLY B 57 -20.76 -11.01 14.67
CA GLY B 57 -21.90 -11.64 14.08
C GLY B 57 -22.08 -11.28 12.62
N THR B 58 -22.96 -12.03 11.94
CA THR B 58 -23.17 -11.87 10.50
C THR B 58 -24.65 -11.91 10.18
N VAL B 59 -25.13 -10.91 9.44
CA VAL B 59 -26.51 -10.86 8.95
C VAL B 59 -26.51 -11.23 7.48
N LEU B 60 -27.48 -12.04 7.06
CA LEU B 60 -27.58 -12.48 5.68
C LEU B 60 -28.97 -12.20 5.13
N GLY B 61 -29.02 -12.01 3.82
CA GLY B 61 -30.28 -11.94 3.10
C GLY B 61 -30.15 -12.67 1.79
N TYR B 62 -31.28 -13.18 1.29
CA TYR B 62 -31.31 -14.00 0.10
C TYR B 62 -31.51 -13.09 -1.12
N ALA B 63 -30.43 -12.89 -1.89
CA ALA B 63 -30.41 -11.92 -2.97
C ALA B 63 -30.96 -12.47 -4.28
N ASP B 64 -30.51 -13.66 -4.69
CA ASP B 64 -30.89 -14.22 -6.00
C ASP B 64 -30.42 -13.22 -7.06
N TRP B 65 -31.13 -13.12 -8.18
CA TRP B 65 -30.95 -12.00 -9.10
C TRP B 65 -32.15 -11.94 -10.02
N GLN B 66 -32.13 -10.97 -10.94
CA GLN B 66 -33.35 -10.48 -11.57
C GLN B 66 -33.64 -11.09 -12.93
N LEU B 67 -32.69 -11.81 -13.53
CA LEU B 67 -32.96 -12.44 -14.82
C LEU B 67 -34.23 -13.28 -14.75
N GLU B 68 -35.19 -12.94 -15.59
CA GLU B 68 -36.46 -13.63 -15.66
C GLU B 68 -36.39 -14.70 -16.75
N ASP B 69 -37.12 -15.80 -16.52
CA ASP B 69 -37.08 -16.91 -17.48
C ASP B 69 -37.57 -16.48 -18.85
N GLU B 70 -38.61 -15.63 -18.90
CA GLU B 70 -39.12 -15.10 -20.16
C GLU B 70 -38.00 -14.54 -21.02
N ILE B 71 -37.22 -13.63 -20.45
CA ILE B 71 -36.14 -12.97 -21.16
C ILE B 71 -35.02 -13.97 -21.42
N ARG B 72 -34.44 -14.53 -20.35
CA ARG B 72 -33.37 -15.51 -20.46
C ARG B 72 -33.64 -16.54 -21.54
N ASP B 73 -34.85 -17.11 -21.54
CA ASP B 73 -35.14 -18.16 -22.51
C ASP B 73 -35.26 -17.60 -23.92
N ASP B 74 -35.73 -16.36 -24.08
CA ASP B 74 -35.93 -15.77 -25.40
C ASP B 74 -34.60 -15.64 -26.13
N PRO B 75 -34.39 -16.43 -27.19
CA PRO B 75 -33.10 -16.42 -27.87
C PRO B 75 -32.74 -15.09 -28.50
N ALA B 76 -33.73 -14.30 -28.93
CA ALA B 76 -33.44 -13.08 -29.66
C ALA B 76 -32.76 -12.02 -28.78
N MET B 77 -32.98 -12.08 -27.47
CA MET B 77 -32.37 -11.13 -26.55
CA MET B 77 -32.38 -11.14 -26.53
C MET B 77 -31.24 -11.72 -25.73
N ARG B 78 -30.77 -12.92 -26.10
CA ARG B 78 -29.73 -13.58 -25.33
C ARG B 78 -28.48 -12.71 -25.22
N GLU B 79 -28.14 -12.01 -26.30
CA GLU B 79 -26.91 -11.22 -26.33
C GLU B 79 -27.04 -9.88 -25.61
N HIS B 80 -28.26 -9.45 -25.29
CA HIS B 80 -28.46 -8.21 -24.55
C HIS B 80 -28.66 -8.45 -23.06
N ILE B 81 -28.56 -9.69 -22.61
CA ILE B 81 -28.74 -10.03 -21.20
C ILE B 81 -27.38 -9.90 -20.51
N PRO B 82 -27.24 -9.02 -19.53
CA PRO B 82 -25.94 -8.88 -18.86
C PRO B 82 -25.62 -10.09 -18.00
N ALA B 83 -24.33 -10.37 -17.88
CA ALA B 83 -23.89 -11.49 -17.06
C ALA B 83 -24.17 -11.22 -15.59
N PHE B 84 -24.33 -12.30 -14.82
CA PHE B 84 -24.40 -12.15 -13.38
C PHE B 84 -23.07 -11.63 -12.86
N ASP B 85 -23.11 -10.49 -12.19
CA ASP B 85 -21.93 -9.92 -11.53
C ASP B 85 -22.27 -9.81 -10.06
N PRO B 86 -21.63 -10.58 -9.17
CA PRO B 86 -22.02 -10.55 -7.76
C PRO B 86 -21.88 -9.18 -7.13
N LEU B 87 -21.14 -8.28 -7.77
CA LEU B 87 -20.92 -6.94 -7.27
C LEU B 87 -21.95 -5.93 -7.78
N ARG B 88 -22.61 -6.23 -8.91
CA ARG B 88 -23.49 -5.26 -9.55
C ARG B 88 -24.94 -5.72 -9.69
N SER B 89 -25.19 -7.02 -9.91
CA SER B 89 -26.54 -7.49 -10.17
C SER B 89 -27.41 -7.30 -8.93
N ARG B 90 -28.48 -6.51 -9.07
CA ARG B 90 -29.36 -6.26 -7.94
C ARG B 90 -30.12 -7.52 -7.57
N SER B 91 -30.64 -7.52 -6.34
CA SER B 91 -31.38 -8.66 -5.82
C SER B 91 -32.71 -8.82 -6.53
N ILE B 92 -33.19 -10.06 -6.60
CA ILE B 92 -34.53 -10.29 -7.12
C ILE B 92 -35.52 -9.50 -6.27
N ARG B 93 -36.44 -8.81 -6.94
CA ARG B 93 -37.32 -7.92 -6.21
C ARG B 93 -38.41 -8.64 -5.44
N ASP B 94 -38.76 -9.87 -5.82
CA ASP B 94 -39.84 -10.52 -5.08
C ASP B 94 -39.36 -11.16 -3.79
N ASN B 95 -38.09 -10.95 -3.42
CA ASN B 95 -37.62 -11.25 -2.07
C ASN B 95 -37.66 -10.02 -1.17
N GLY B 96 -38.21 -8.90 -1.65
CA GLY B 96 -38.34 -7.70 -0.86
C GLY B 96 -37.09 -6.86 -0.84
N PHE B 97 -37.21 -5.69 -0.21
CA PHE B 97 -36.10 -4.75 -0.15
C PHE B 97 -34.95 -5.29 0.70
N TRP B 98 -35.23 -6.17 1.65
CA TRP B 98 -34.24 -6.55 2.68
C TRP B 98 -32.92 -7.05 2.11
N PRO B 99 -32.87 -8.02 1.18
CA PRO B 99 -31.55 -8.43 0.65
C PRO B 99 -30.85 -7.31 -0.10
N GLU B 100 -31.59 -6.49 -0.85
CA GLU B 100 -30.99 -5.30 -1.45
C GLU B 100 -30.44 -4.37 -0.39
N LEU B 101 -31.17 -4.21 0.70
CA LEU B 101 -30.72 -3.35 1.80
C LEU B 101 -29.33 -3.77 2.28
N ILE B 102 -29.15 -5.05 2.56
CA ILE B 102 -27.85 -5.55 2.98
C ILE B 102 -26.83 -5.38 1.86
N ARG B 103 -27.19 -5.80 0.65
CA ARG B 103 -26.22 -5.82 -0.45
C ARG B 103 -25.63 -4.43 -0.73
N THR B 104 -26.43 -3.37 -0.55
CA THR B 104 -25.97 -2.03 -0.83
C THR B 104 -25.39 -1.32 0.40
N THR B 105 -25.34 -1.99 1.54
CA THR B 105 -24.70 -1.41 2.72
C THR B 105 -23.19 -1.54 2.60
N PRO B 106 -22.44 -0.48 2.85
CA PRO B 106 -20.97 -0.57 2.74
C PRO B 106 -20.41 -1.68 3.62
N GLY B 107 -19.49 -2.46 3.04
CA GLY B 107 -18.89 -3.57 3.73
C GLY B 107 -19.54 -4.92 3.45
N ALA B 108 -20.73 -4.92 2.86
CA ALA B 108 -21.42 -6.17 2.58
C ALA B 108 -20.76 -6.89 1.40
N LEU B 109 -20.99 -8.20 1.37
CA LEU B 109 -20.49 -9.06 0.30
C LEU B 109 -21.63 -9.93 -0.21
N ARG B 110 -21.40 -10.56 -1.36
CA ARG B 110 -22.43 -11.31 -2.05
C ARG B 110 -21.79 -12.49 -2.76
N SER B 111 -22.40 -13.67 -2.65
CA SER B 111 -21.79 -14.88 -3.16
C SER B 111 -21.99 -15.00 -4.68
N ALA B 112 -21.34 -16.01 -5.26
CA ALA B 112 -21.18 -16.10 -6.71
C ALA B 112 -22.23 -16.93 -7.42
N SER B 113 -22.95 -17.80 -6.72
CA SER B 113 -23.92 -18.68 -7.37
C SER B 113 -25.22 -17.92 -7.63
N PRO B 114 -25.50 -17.54 -8.89
CA PRO B 114 -26.52 -16.51 -9.16
C PRO B 114 -27.88 -16.74 -8.52
N GLY B 115 -28.55 -17.84 -8.86
CA GLY B 115 -29.90 -18.06 -8.34
C GLY B 115 -29.95 -18.26 -6.84
N ALA B 116 -28.89 -18.82 -6.26
CA ALA B 116 -28.82 -19.07 -4.83
C ALA B 116 -28.09 -17.96 -4.07
N SER B 117 -27.68 -16.89 -4.76
CA SER B 117 -26.70 -15.98 -4.18
C SER B 117 -27.25 -15.27 -2.95
N MET B 118 -26.35 -15.03 -2.01
CA MET B 118 -26.68 -14.50 -0.69
C MET B 118 -25.84 -13.28 -0.40
N ALA B 119 -26.47 -12.26 0.19
CA ALA B 119 -25.76 -11.07 0.64
C ALA B 119 -25.50 -11.20 2.14
N ALA B 120 -24.33 -10.75 2.56
CA ALA B 120 -23.91 -10.93 3.95
C ALA B 120 -23.08 -9.74 4.40
N ILE B 121 -23.32 -9.30 5.63
CA ILE B 121 -22.54 -8.23 6.25
C ILE B 121 -22.21 -8.65 7.67
N GLY B 122 -20.97 -8.38 8.10
CA GLY B 122 -20.59 -8.70 9.45
C GLY B 122 -19.25 -9.42 9.49
N GLY B 123 -18.99 -10.06 10.64
CA GLY B 123 -17.65 -10.54 10.94
C GLY B 123 -17.20 -11.69 10.06
N GLU B 124 -18.12 -12.59 9.70
CA GLU B 124 -17.80 -13.73 8.85
C GLU B 124 -18.39 -13.62 7.45
N ALA B 125 -18.68 -12.40 7.00
CA ALA B 125 -19.29 -12.21 5.70
C ALA B 125 -18.42 -12.79 4.59
N GLU B 126 -17.09 -12.62 4.69
CA GLU B 126 -16.19 -13.22 3.72
C GLU B 126 -16.35 -14.74 3.68
N TRP B 127 -16.49 -15.36 4.86
CA TRP B 127 -16.55 -16.82 4.91
C TRP B 127 -17.88 -17.35 4.36
N PHE B 128 -18.99 -16.67 4.68
CA PHE B 128 -20.29 -17.14 4.24
C PHE B 128 -20.47 -17.01 2.73
N THR B 129 -19.85 -16.00 2.13
CA THR B 129 -20.04 -15.73 0.70
C THR B 129 -18.95 -16.33 -0.18
N ALA B 130 -17.95 -16.97 0.41
CA ALA B 130 -16.86 -17.53 -0.35
C ALA B 130 -17.18 -18.95 -0.78
N ASP B 131 -16.76 -19.31 -1.99
CA ASP B 131 -16.79 -20.70 -2.45
C ASP B 131 -18.22 -21.22 -2.57
N HIS B 132 -19.13 -20.37 -3.04
CA HIS B 132 -20.52 -20.79 -3.24
C HIS B 132 -20.60 -21.59 -4.54
N ALA B 133 -20.90 -22.87 -4.43
CA ALA B 133 -20.90 -23.76 -5.59
C ALA B 133 -21.90 -23.29 -6.63
N LEU B 134 -21.48 -23.32 -7.90
CA LEU B 134 -22.34 -22.86 -8.98
C LEU B 134 -23.48 -23.86 -9.23
N ASP B 135 -23.14 -25.15 -9.35
CA ASP B 135 -24.17 -26.17 -9.38
C ASP B 135 -24.54 -26.58 -7.96
N TYR B 136 -25.82 -26.91 -7.77
CA TYR B 136 -26.36 -27.29 -6.47
C TYR B 136 -25.98 -26.26 -5.40
N GLY B 137 -26.39 -25.03 -5.66
CA GLY B 137 -26.04 -23.89 -4.81
C GLY B 137 -26.78 -23.83 -3.50
N TYR B 138 -27.51 -24.89 -3.16
CA TYR B 138 -28.19 -25.01 -1.86
C TYR B 138 -27.66 -26.16 -1.04
N GLY B 139 -26.54 -26.76 -1.45
CA GLY B 139 -25.97 -27.88 -0.75
C GLY B 139 -24.93 -27.45 0.27
N PRO B 140 -24.00 -28.35 0.60
CA PRO B 140 -23.03 -28.03 1.66
C PRO B 140 -22.12 -26.86 1.33
N ARG B 141 -21.69 -26.71 0.08
CA ARG B 141 -20.82 -25.61 -0.32
C ARG B 141 -21.62 -24.37 -0.68
N SER B 142 -22.31 -23.82 0.31
CA SER B 142 -23.16 -22.67 0.11
C SER B 142 -23.26 -21.92 1.42
N PRO B 143 -23.81 -20.70 1.40
CA PRO B 143 -24.07 -20.02 2.69
C PRO B 143 -25.03 -20.78 3.57
N LEU B 144 -25.96 -21.55 3.00
CA LEU B 144 -26.89 -22.32 3.80
C LEU B 144 -26.19 -23.47 4.53
N GLY B 145 -25.27 -24.15 3.84
CA GLY B 145 -24.50 -25.18 4.51
C GLY B 145 -23.63 -24.65 5.62
N LYS B 146 -23.03 -23.47 5.39
CA LYS B 146 -22.18 -22.87 6.41
C LYS B 146 -23.01 -22.33 7.57
N LEU B 147 -24.24 -21.90 7.30
CA LEU B 147 -25.13 -21.50 8.39
C LEU B 147 -25.34 -22.65 9.37
N VAL B 148 -25.55 -23.86 8.86
CA VAL B 148 -25.72 -25.02 9.73
C VAL B 148 -24.44 -25.32 10.48
N GLU B 149 -23.30 -25.31 9.77
CA GLU B 149 -22.02 -25.59 10.41
C GLU B 149 -21.72 -24.59 11.52
N ALA B 150 -22.02 -23.32 11.28
CA ALA B 150 -21.81 -22.27 12.26
C ALA B 150 -22.87 -22.25 13.36
N LYS B 151 -23.87 -23.12 13.28
CA LYS B 151 -24.98 -23.14 14.23
C LYS B 151 -25.65 -21.77 14.31
N GLY B 152 -25.95 -21.22 13.13
CA GLY B 152 -26.59 -19.93 13.03
C GLY B 152 -28.09 -20.03 13.25
N LYS B 153 -28.79 -18.95 12.85
CA LYS B 153 -30.21 -18.86 13.06
C LYS B 153 -30.88 -18.28 11.83
N VAL B 154 -32.17 -18.55 11.69
CA VAL B 154 -33.02 -17.93 10.69
C VAL B 154 -34.10 -17.14 11.40
N LEU B 155 -34.28 -15.89 10.99
CA LEU B 155 -35.33 -15.03 11.54
C LEU B 155 -36.29 -14.68 10.42
N MET B 156 -37.53 -15.15 10.54
CA MET B 156 -38.60 -14.71 9.66
C MET B 156 -39.16 -13.42 10.24
N LEU B 157 -38.76 -12.29 9.65
CA LEU B 157 -39.12 -10.97 10.15
C LEU B 157 -40.39 -10.53 9.44
N GLY B 158 -41.53 -10.94 9.98
CA GLY B 158 -42.81 -10.68 9.35
C GLY B 158 -43.07 -11.45 8.08
N ALA B 159 -42.08 -12.16 7.55
CA ALA B 159 -42.21 -12.87 6.30
C ALA B 159 -43.05 -14.14 6.46
N PRO B 160 -43.80 -14.52 5.42
CA PRO B 160 -44.50 -15.81 5.48
C PRO B 160 -43.52 -16.95 5.69
N LEU B 161 -43.95 -17.93 6.48
CA LEU B 161 -43.04 -18.98 6.92
C LEU B 161 -42.55 -19.86 5.78
N ASP B 162 -43.30 -19.97 4.70
CA ASP B 162 -42.87 -20.83 3.59
C ASP B 162 -41.78 -20.20 2.74
N THR B 163 -41.31 -19.00 3.07
CA THR B 163 -40.18 -18.38 2.38
C THR B 163 -38.85 -18.65 3.06
N MET B 164 -38.78 -19.65 3.94
CA MET B 164 -37.54 -19.98 4.64
C MET B 164 -36.66 -20.82 3.72
N THR B 165 -35.78 -20.14 2.99
CA THR B 165 -34.95 -20.79 1.97
C THR B 165 -34.02 -21.85 2.55
N LEU B 166 -33.69 -21.75 3.84
CA LEU B 166 -32.83 -22.75 4.45
C LEU B 166 -33.39 -24.16 4.28
N LEU B 167 -34.72 -24.30 4.21
CA LEU B 167 -35.31 -25.63 4.07
C LEU B 167 -35.07 -26.23 2.69
N ALA B 168 -34.69 -25.42 1.69
CA ALA B 168 -34.25 -26.00 0.43
C ALA B 168 -32.91 -26.68 0.57
N HIS B 169 -32.09 -26.23 1.52
CA HIS B 169 -30.88 -26.96 1.86
C HIS B 169 -31.20 -28.31 2.49
N ALA B 170 -32.28 -28.38 3.27
CA ALA B 170 -32.75 -29.67 3.78
C ALA B 170 -33.22 -30.56 2.64
N GLU B 171 -33.96 -29.99 1.68
CA GLU B 171 -34.35 -30.73 0.49
C GLU B 171 -33.14 -31.32 -0.23
N HIS B 172 -32.04 -30.57 -0.26
CA HIS B 172 -30.83 -31.05 -0.91
C HIS B 172 -30.27 -32.26 -0.20
N LEU B 173 -30.19 -32.21 1.13
CA LEU B 173 -29.59 -33.29 1.91
C LEU B 173 -30.48 -34.52 1.93
N ALA B 174 -31.80 -34.32 2.03
CA ALA B 174 -32.72 -35.40 2.35
C ALA B 174 -32.73 -36.46 1.26
N ASP B 175 -32.62 -37.72 1.67
CA ASP B 175 -32.72 -38.84 0.75
C ASP B 175 -34.18 -39.23 0.64
N PHE B 176 -34.81 -38.87 -0.47
CA PHE B 176 -36.15 -39.32 -0.79
C PHE B 176 -36.23 -39.48 -2.31
N PRO B 177 -37.11 -40.36 -2.79
CA PRO B 177 -37.03 -40.74 -4.21
C PRO B 177 -37.54 -39.67 -5.15
N ASN B 178 -37.03 -39.74 -6.39
CA ASN B 178 -37.52 -38.95 -7.51
C ASN B 178 -37.40 -37.45 -7.25
N LYS B 179 -36.20 -37.01 -6.91
CA LYS B 179 -35.94 -35.58 -6.77
C LYS B 179 -35.86 -34.93 -8.14
N ARG B 180 -36.65 -33.88 -8.35
CA ARG B 180 -36.59 -33.14 -9.60
C ARG B 180 -35.26 -32.43 -9.73
N ILE B 181 -34.46 -32.83 -10.73
CA ILE B 181 -33.25 -32.11 -11.11
C ILE B 181 -33.61 -31.08 -12.18
N LEU B 182 -33.06 -29.87 -12.03
CA LEU B 182 -33.29 -28.75 -12.92
C LEU B 182 -32.03 -28.44 -13.71
N ARG B 183 -32.16 -28.30 -15.03
CA ARG B 183 -31.04 -27.85 -15.84
C ARG B 183 -31.44 -26.59 -16.59
N TYR B 184 -30.64 -25.54 -16.44
CA TYR B 184 -30.86 -24.27 -17.12
C TYR B 184 -29.48 -23.67 -17.40
N GLU B 185 -29.47 -22.69 -18.30
CA GLU B 185 -28.25 -21.96 -18.60
C GLU B 185 -28.45 -20.49 -18.25
N ALA B 186 -27.34 -19.84 -17.89
CA ALA B 186 -27.38 -18.46 -17.43
C ALA B 186 -26.04 -17.81 -17.69
N PRO B 187 -26.01 -16.51 -17.99
CA PRO B 187 -24.74 -15.84 -18.27
C PRO B 187 -24.02 -15.40 -17.00
N ILE B 188 -22.75 -15.78 -16.89
CA ILE B 188 -21.92 -15.42 -15.75
C ILE B 188 -20.61 -14.84 -16.27
N LEU B 189 -19.73 -14.50 -15.34
CA LEU B 189 -18.42 -13.94 -15.68
C LEU B 189 -17.37 -15.04 -15.63
N VAL B 190 -16.68 -15.23 -16.75
CA VAL B 190 -15.54 -16.13 -16.84
C VAL B 190 -14.38 -15.34 -17.43
N ASP B 191 -13.28 -15.24 -16.68
CA ASP B 191 -12.13 -14.43 -17.07
C ASP B 191 -12.51 -12.97 -17.28
N GLY B 192 -13.46 -12.48 -16.48
CA GLY B 192 -13.90 -11.10 -16.60
C GLY B 192 -14.76 -10.80 -17.80
N GLU B 193 -15.26 -11.82 -18.50
CA GLU B 193 -16.12 -11.61 -19.66
C GLU B 193 -17.35 -12.52 -19.58
N LYS B 194 -18.41 -12.09 -20.25
CA LYS B 194 -19.68 -12.79 -20.20
C LYS B 194 -19.60 -14.11 -20.94
N VAL B 195 -20.02 -15.19 -20.26
CA VAL B 195 -20.05 -16.53 -20.83
C VAL B 195 -21.33 -17.19 -20.36
N TRP B 196 -21.98 -17.94 -21.26
CA TRP B 196 -23.16 -18.70 -20.90
C TRP B 196 -22.76 -20.07 -20.38
N ARG B 197 -23.33 -20.45 -19.24
CA ARG B 197 -22.98 -21.69 -18.56
C ARG B 197 -24.24 -22.46 -18.24
N TRP B 198 -24.18 -23.78 -18.39
CA TRP B 198 -25.30 -24.64 -18.01
C TRP B 198 -25.23 -24.94 -16.52
N PHE B 199 -26.38 -24.90 -15.86
CA PHE B 199 -26.49 -25.09 -14.43
C PHE B 199 -27.34 -26.32 -14.13
N GLU B 200 -27.07 -26.94 -12.99
CA GLU B 200 -27.82 -28.10 -12.52
C GLU B 200 -28.05 -27.98 -11.02
N GLU B 201 -29.29 -28.15 -10.59
CA GLU B 201 -29.64 -28.05 -9.18
C GLU B 201 -30.90 -28.86 -8.93
N PHE B 202 -31.13 -29.19 -7.66
CA PHE B 202 -32.45 -29.67 -7.26
C PHE B 202 -33.44 -28.53 -7.34
N ASP B 203 -34.66 -28.83 -7.74
CA ASP B 203 -35.67 -27.80 -7.94
C ASP B 203 -36.02 -27.12 -6.62
N THR B 204 -35.88 -25.79 -6.58
CA THR B 204 -36.28 -24.99 -5.44
C THR B 204 -37.50 -24.12 -5.72
N SER B 205 -37.99 -24.10 -6.96
CA SER B 205 -39.16 -23.30 -7.30
C SER B 205 -40.47 -24.08 -7.19
N ASP B 206 -40.43 -25.39 -7.36
CA ASP B 206 -41.59 -26.25 -7.21
C ASP B 206 -41.31 -27.30 -6.11
N PRO B 207 -42.32 -27.73 -5.37
CA PRO B 207 -42.07 -28.73 -4.34
C PRO B 207 -41.86 -30.09 -4.95
N PRO B 208 -41.37 -31.06 -4.16
CA PRO B 208 -41.40 -32.45 -4.63
C PRO B 208 -42.82 -32.84 -5.02
N ASP B 209 -42.93 -33.62 -6.08
CA ASP B 209 -44.24 -34.06 -6.55
C ASP B 209 -45.00 -34.74 -5.41
N GLY B 210 -46.17 -34.20 -5.08
CA GLY B 210 -46.99 -34.73 -4.01
C GLY B 210 -47.07 -33.86 -2.77
N LEU B 211 -46.41 -32.71 -2.75
CA LEU B 211 -46.50 -31.78 -1.64
C LEU B 211 -46.95 -30.42 -2.15
N ALA B 212 -47.48 -29.61 -1.24
CA ALA B 212 -48.02 -28.31 -1.63
C ALA B 212 -46.89 -27.29 -1.76
N ASP B 213 -47.18 -26.22 -2.53
CA ASP B 213 -46.18 -25.17 -2.76
C ASP B 213 -45.75 -24.49 -1.48
N ASP B 214 -46.51 -24.63 -0.40
CA ASP B 214 -46.22 -23.92 0.85
C ASP B 214 -45.93 -24.89 2.01
N TYR B 215 -45.48 -26.11 1.71
CA TYR B 215 -45.28 -27.09 2.76
C TYR B 215 -44.13 -26.72 3.69
N PHE B 216 -43.22 -25.84 3.26
CA PHE B 216 -42.22 -25.31 4.18
C PHE B 216 -42.89 -24.72 5.41
N ALA B 217 -44.02 -24.03 5.23
CA ALA B 217 -44.71 -23.40 6.34
C ALA B 217 -45.16 -24.43 7.37
N GLY B 218 -45.66 -25.58 6.89
CA GLY B 218 -46.10 -26.61 7.82
C GLY B 218 -44.96 -27.20 8.63
N ILE B 219 -43.81 -27.40 7.99
CA ILE B 219 -42.64 -27.91 8.71
C ILE B 219 -42.24 -26.95 9.82
N VAL B 220 -42.18 -25.65 9.50
CA VAL B 220 -41.78 -24.65 10.48
C VAL B 220 -42.74 -24.64 11.66
N GLU B 221 -44.04 -24.67 11.38
CA GLU B 221 -45.03 -24.64 12.45
C GLU B 221 -44.95 -25.89 13.31
N GLU B 222 -44.63 -27.04 12.72
CA GLU B 222 -44.48 -28.22 13.55
C GLU B 222 -43.16 -28.22 14.30
N PHE B 223 -42.12 -27.59 13.75
CA PHE B 223 -40.89 -27.40 14.52
C PHE B 223 -41.15 -26.50 15.71
N LEU B 224 -41.92 -25.43 15.52
CA LEU B 224 -42.22 -24.53 16.63
C LEU B 224 -43.05 -25.23 17.70
N ALA B 225 -43.86 -26.21 17.31
CA ALA B 225 -44.68 -26.94 18.28
C ALA B 225 -43.85 -27.86 19.16
N THR B 226 -42.64 -28.25 18.73
CA THR B 226 -41.76 -28.99 19.62
C THR B 226 -41.24 -28.12 20.76
N GLY B 227 -41.42 -26.81 20.66
CA GLY B 227 -40.97 -25.88 21.68
C GLY B 227 -39.59 -25.32 21.49
N ARG B 228 -38.94 -25.60 20.37
CA ARG B 228 -37.52 -25.30 20.20
C ARG B 228 -37.26 -24.05 19.37
N GLY B 229 -38.29 -23.39 18.86
CA GLY B 229 -38.15 -22.07 18.30
C GLY B 229 -38.66 -21.00 19.25
N LYS B 230 -38.60 -19.76 18.79
CA LYS B 230 -39.12 -18.64 19.57
C LYS B 230 -39.91 -17.71 18.67
N ARG B 231 -41.10 -17.33 19.13
CA ARG B 231 -41.89 -16.30 18.49
C ARG B 231 -41.74 -14.99 19.23
N GLY B 232 -42.06 -13.90 18.54
CA GLY B 232 -41.92 -12.59 19.13
C GLY B 232 -42.10 -11.52 18.09
N LYS B 233 -42.37 -10.30 18.51
CA LYS B 233 -42.64 -9.22 17.59
C LYS B 233 -41.44 -8.29 17.48
N ILE B 234 -40.99 -8.07 16.25
CA ILE B 234 -39.97 -7.09 15.93
C ILE B 234 -40.71 -5.89 15.36
N GLY B 235 -40.74 -4.80 16.12
CA GLY B 235 -41.65 -3.73 15.78
C GLY B 235 -43.07 -4.25 15.87
N GLU B 236 -43.85 -4.04 14.81
CA GLU B 236 -45.22 -4.55 14.73
C GLU B 236 -45.31 -5.86 13.96
N ALA B 237 -44.18 -6.43 13.55
CA ALA B 237 -44.17 -7.63 12.71
C ALA B 237 -44.08 -8.88 13.56
N SER B 238 -45.03 -9.80 13.36
CA SER B 238 -44.92 -11.12 13.97
C SER B 238 -43.73 -11.86 13.39
N SER B 239 -42.88 -12.38 14.27
CA SER B 239 -41.61 -12.94 13.82
C SER B 239 -41.34 -14.26 14.52
N VAL B 240 -40.44 -15.04 13.89
CA VAL B 240 -40.05 -16.37 14.32
C VAL B 240 -38.52 -16.45 14.26
N LEU B 241 -37.91 -17.00 15.30
CA LEU B 241 -36.46 -17.24 15.30
C LEU B 241 -36.23 -18.73 15.57
N VAL B 242 -35.48 -19.39 14.69
CA VAL B 242 -35.22 -20.82 14.80
C VAL B 242 -33.72 -21.06 14.66
N PRO B 243 -33.18 -22.08 15.33
CA PRO B 243 -31.77 -22.44 15.10
C PRO B 243 -31.62 -23.16 13.77
N ALA B 244 -30.59 -22.77 13.01
CA ALA B 244 -30.44 -23.29 11.65
C ALA B 244 -30.16 -24.79 11.65
N ASP B 245 -29.30 -25.27 12.55
CA ASP B 245 -28.92 -26.68 12.51
C ASP B 245 -30.09 -27.59 12.88
N GLU B 246 -30.90 -27.18 13.85
CA GLU B 246 -31.97 -28.06 14.31
C GLU B 246 -33.13 -28.12 13.33
N ILE B 247 -33.50 -27.02 12.76
CA ILE B 247 -34.55 -27.05 11.81
C ILE B 247 -34.22 -27.85 10.56
N VAL B 248 -32.99 -27.80 10.12
CA VAL B 248 -32.57 -28.60 8.97
C VAL B 248 -32.63 -30.09 9.30
N ALA B 249 -32.09 -30.47 10.45
CA ALA B 249 -32.20 -31.86 10.89
C ALA B 249 -33.65 -32.28 11.02
N PHE B 250 -34.47 -31.42 11.64
CA PHE B 250 -35.91 -31.68 11.73
C PHE B 250 -36.53 -31.86 10.35
N ALA B 251 -36.17 -31.00 9.40
CA ALA B 251 -36.79 -31.06 8.08
C ALA B 251 -36.30 -32.24 7.25
N VAL B 252 -35.02 -32.61 7.41
CA VAL B 252 -34.52 -33.82 6.75
C VAL B 252 -35.26 -35.04 7.26
N ASP B 253 -35.45 -35.11 8.58
CA ASP B 253 -36.28 -36.15 9.19
C ASP B 253 -37.66 -36.22 8.56
N TRP B 254 -38.32 -35.07 8.47
CA TRP B 254 -39.68 -34.98 7.93
C TRP B 254 -39.72 -35.46 6.48
N LEU B 255 -38.79 -34.98 5.65
CA LEU B 255 -38.80 -35.32 4.24
C LEU B 255 -38.48 -36.79 4.00
N GLU B 256 -37.50 -37.33 4.74
CA GLU B 256 -37.11 -38.72 4.50
C GLU B 256 -38.19 -39.69 4.96
N ARG B 257 -38.88 -39.38 6.06
CA ARG B 257 -39.99 -40.21 6.47
C ARG B 257 -41.11 -40.16 5.44
N TRP B 258 -41.43 -38.97 4.95
CA TRP B 258 -42.44 -38.84 3.89
C TRP B 258 -42.03 -39.62 2.64
N GLY B 259 -40.73 -39.68 2.35
CA GLY B 259 -40.27 -40.43 1.19
C GLY B 259 -40.45 -41.93 1.34
N ARG B 260 -40.34 -42.44 2.56
CA ARG B 260 -40.46 -43.88 2.77
C ARG B 260 -41.91 -44.36 2.76
N THR B 261 -42.88 -43.45 2.65
CA THR B 261 -44.27 -43.84 2.50
C THR B 261 -44.64 -44.19 1.05
N ALA B 262 -43.68 -44.23 0.14
CA ALA B 262 -43.97 -44.62 -1.23
C ALA B 262 -43.92 -46.13 -1.35
N ARG B 263 -43.75 -46.64 -2.57
CA ARG B 263 -43.58 -48.07 -2.85
C ARG B 263 -44.83 -48.88 -2.57
N SER C 2 27.82 6.55 -32.01
CA SER C 2 28.90 7.31 -31.37
C SER C 2 29.53 8.31 -32.34
N SER C 3 29.66 7.90 -33.61
CA SER C 3 30.06 8.83 -34.66
C SER C 3 28.88 9.55 -35.28
N ARG C 4 27.65 9.11 -34.98
CA ARG C 4 26.46 9.79 -35.45
C ARG C 4 26.30 11.14 -34.75
N VAL C 5 25.74 12.09 -35.48
CA VAL C 5 25.31 13.34 -34.88
C VAL C 5 23.93 13.68 -35.43
N SER C 6 23.10 14.26 -34.58
CA SER C 6 21.76 14.69 -34.96
C SER C 6 21.72 16.20 -35.06
N THR C 7 20.85 16.70 -35.92
CA THR C 7 20.62 18.13 -36.08
C THR C 7 19.15 18.43 -35.87
N ARG C 8 18.85 19.73 -35.75
CA ARG C 8 17.45 20.15 -35.70
C ARG C 8 16.67 19.64 -36.90
N SER C 9 17.28 19.66 -38.09
CA SER C 9 16.60 19.18 -39.28
C SER C 9 16.57 17.66 -39.35
N SER C 10 17.62 16.98 -38.88
CA SER C 10 17.61 15.52 -38.90
C SER C 10 16.62 14.97 -37.88
N LEU C 11 16.55 15.58 -36.69
CA LEU C 11 15.59 15.14 -35.69
C LEU C 11 14.15 15.37 -36.12
N ALA C 12 13.90 16.45 -36.86
CA ALA C 12 12.54 16.71 -37.32
C ALA C 12 12.03 15.61 -38.26
N GLU C 13 12.91 15.08 -39.11
CA GLU C 13 12.50 14.02 -40.02
C GLU C 13 12.34 12.69 -39.28
N ASP C 14 13.22 12.41 -38.33
CA ASP C 14 13.01 11.26 -37.45
C ASP C 14 11.65 11.34 -36.79
N LEU C 15 11.23 12.54 -36.39
CA LEU C 15 9.94 12.71 -35.74
C LEU C 15 8.80 12.59 -36.75
N ARG C 16 9.01 13.06 -37.98
CA ARG C 16 7.98 12.87 -39.00
C ARG C 16 7.85 11.39 -39.36
N ALA C 17 8.98 10.69 -39.50
CA ALA C 17 8.94 9.28 -39.85
C ALA C 17 8.14 8.47 -38.83
N ILE C 18 8.23 8.82 -37.54
CA ILE C 18 7.52 8.05 -36.54
C ILE C 18 6.06 8.49 -36.42
N GLY C 19 5.68 9.66 -36.93
CA GLY C 19 4.28 9.98 -37.04
C GLY C 19 3.81 11.29 -36.44
N LEU C 20 4.73 12.12 -35.96
CA LEU C 20 4.37 13.44 -35.49
C LEU C 20 3.96 14.31 -36.68
N ALA C 21 2.85 15.05 -36.54
CA ALA C 21 2.30 15.80 -37.66
C ALA C 21 1.86 17.19 -37.20
N ASP C 22 1.45 18.01 -38.17
CA ASP C 22 1.05 19.39 -37.90
C ASP C 22 -0.15 19.44 -36.95
N GLY C 23 -0.04 20.27 -35.91
CA GLY C 23 -1.11 20.48 -34.97
C GLY C 23 -1.14 19.51 -33.81
N ASP C 24 -0.25 18.52 -33.79
CA ASP C 24 -0.27 17.50 -32.76
C ASP C 24 0.08 18.07 -31.40
N ALA C 25 -0.59 17.58 -30.36
CA ALA C 25 -0.15 17.72 -28.99
C ALA C 25 0.51 16.41 -28.58
N VAL C 26 1.73 16.49 -28.06
CA VAL C 26 2.50 15.29 -27.73
C VAL C 26 3.11 15.43 -26.35
N LEU C 27 2.86 14.44 -25.50
CA LEU C 27 3.52 14.33 -24.21
C LEU C 27 4.75 13.45 -24.37
N VAL C 28 5.92 13.97 -24.00
CA VAL C 28 7.20 13.30 -24.25
C VAL C 28 7.80 12.85 -22.93
N HIS C 29 8.16 11.57 -22.87
CA HIS C 29 9.04 11.02 -21.84
C HIS C 29 10.34 10.64 -22.49
N ALA C 30 11.46 11.11 -21.94
CA ALA C 30 12.72 11.04 -22.66
C ALA C 30 13.86 10.54 -21.78
N ALA C 31 14.72 9.73 -22.37
CA ALA C 31 16.04 9.38 -21.85
C ALA C 31 17.05 9.99 -22.83
N LEU C 32 17.41 11.25 -22.57
CA LEU C 32 18.07 12.05 -23.59
C LEU C 32 19.43 11.49 -24.00
N ARG C 33 20.14 10.82 -23.09
CA ARG C 33 21.45 10.28 -23.42
C ARG C 33 21.38 9.29 -24.58
N LYS C 34 20.25 8.60 -24.72
CA LYS C 34 20.15 7.58 -25.76
C LYS C 34 20.02 8.19 -27.15
N VAL C 35 19.68 9.48 -27.24
CA VAL C 35 19.61 10.14 -28.54
C VAL C 35 20.99 10.25 -29.17
N GLY C 36 22.06 10.15 -28.39
CA GLY C 36 23.37 10.36 -28.93
C GLY C 36 23.67 11.85 -29.05
N LYS C 37 24.64 12.17 -29.90
CA LYS C 37 25.17 13.52 -29.96
C LYS C 37 24.32 14.43 -30.81
N ILE C 38 23.98 15.60 -30.27
CA ILE C 38 23.16 16.60 -30.93
C ILE C 38 24.00 17.87 -31.05
N VAL C 39 24.02 18.45 -32.26
CA VAL C 39 24.84 19.63 -32.51
C VAL C 39 24.49 20.75 -31.54
N GLY C 40 23.20 21.04 -31.40
CA GLY C 40 22.77 22.14 -30.56
C GLY C 40 22.23 21.74 -29.20
N GLY C 41 22.66 20.59 -28.68
CA GLY C 41 22.17 20.10 -27.42
C GLY C 41 20.74 19.60 -27.53
N PRO C 42 20.18 19.16 -26.41
CA PRO C 42 18.81 18.61 -26.46
C PRO C 42 17.75 19.63 -26.85
N ASP C 43 18.06 20.93 -26.80
CA ASP C 43 17.09 21.92 -27.26
C ASP C 43 16.77 21.77 -28.74
N ASP C 44 17.67 21.15 -29.52
CA ASP C 44 17.35 20.84 -30.90
C ASP C 44 16.16 19.90 -31.00
N ILE C 45 15.97 19.02 -30.01
CA ILE C 45 14.84 18.10 -30.02
C ILE C 45 13.53 18.88 -29.90
N LEU C 46 13.45 19.77 -28.92
CA LEU C 46 12.23 20.54 -28.73
C LEU C 46 11.97 21.49 -29.90
N ASP C 47 13.04 22.09 -30.44
CA ASP C 47 12.89 22.93 -31.63
C ASP C 47 12.35 22.11 -32.80
N ALA C 48 12.91 20.91 -33.01
CA ALA C 48 12.46 20.08 -34.12
C ALA C 48 11.01 19.67 -33.96
N MET C 49 10.59 19.34 -32.74
CA MET C 49 9.19 19.01 -32.49
C MET C 49 8.29 20.18 -32.82
N ARG C 50 8.70 21.39 -32.43
CA ARG C 50 7.87 22.55 -32.71
C ARG C 50 7.85 22.90 -34.19
N ASP C 51 8.92 22.60 -34.92
CA ASP C 51 8.90 22.75 -36.37
C ASP C 51 7.88 21.79 -36.99
N VAL C 52 7.89 20.53 -36.53
CA VAL C 52 7.02 19.51 -37.12
C VAL C 52 5.56 19.81 -36.83
N ILE C 53 5.22 20.08 -35.57
CA ILE C 53 3.81 20.26 -35.21
C ILE C 53 3.30 21.66 -35.54
N GLY C 54 4.18 22.62 -35.77
CA GLY C 54 3.77 23.97 -36.04
C GLY C 54 3.31 24.70 -34.79
N PRO C 55 3.13 26.01 -34.89
CA PRO C 55 2.83 26.81 -33.69
C PRO C 55 1.51 26.47 -33.02
N ALA C 56 0.64 25.69 -33.66
CA ALA C 56 -0.61 25.29 -33.02
C ALA C 56 -0.49 24.02 -32.21
N GLY C 57 0.57 23.24 -32.40
CA GLY C 57 0.81 22.05 -31.60
C GLY C 57 1.36 22.39 -30.23
N THR C 58 1.52 21.35 -29.42
CA THR C 58 1.98 21.53 -28.04
C THR C 58 2.86 20.35 -27.65
N VAL C 59 4.01 20.65 -27.02
CA VAL C 59 4.88 19.63 -26.45
C VAL C 59 4.75 19.69 -24.94
N LEU C 60 4.67 18.53 -24.30
CA LEU C 60 4.51 18.45 -22.85
C LEU C 60 5.56 17.54 -22.25
N GLY C 61 5.81 17.76 -20.96
CA GLY C 61 6.69 16.90 -20.19
C GLY C 61 6.18 16.81 -18.77
N TYR C 62 6.51 15.71 -18.10
CA TYR C 62 6.02 15.45 -16.75
C TYR C 62 7.00 16.03 -15.74
N ALA C 63 6.59 17.11 -15.07
CA ALA C 63 7.49 17.86 -14.21
C ALA C 63 7.52 17.35 -12.77
N ASP C 64 6.35 17.17 -12.15
CA ASP C 64 6.26 16.81 -10.73
C ASP C 64 7.00 17.91 -9.95
N TRP C 65 7.53 17.59 -8.77
CA TRP C 65 8.45 18.51 -8.10
C TRP C 65 9.27 17.71 -7.10
N GLN C 66 10.12 18.43 -6.35
CA GLN C 66 11.29 17.81 -5.72
C GLN C 66 11.11 17.52 -4.23
N LEU C 67 9.96 17.82 -3.63
CA LEU C 67 9.78 17.52 -2.22
C LEU C 67 9.74 16.01 -2.00
N GLU C 68 10.60 15.51 -1.12
CA GLU C 68 10.62 14.10 -0.79
C GLU C 68 9.73 13.82 0.42
N ASP C 69 9.15 12.62 0.44
CA ASP C 69 8.17 12.29 1.47
C ASP C 69 8.79 12.32 2.87
N GLU C 70 10.04 11.85 2.99
CA GLU C 70 10.67 11.86 4.30
C GLU C 70 10.94 13.27 4.80
N ILE C 71 11.22 14.19 3.88
CA ILE C 71 11.36 15.60 4.26
C ILE C 71 10.00 16.19 4.63
N ARG C 72 9.02 16.01 3.75
CA ARG C 72 7.69 16.58 3.95
C ARG C 72 7.09 16.17 5.29
N ASP C 73 7.22 14.90 5.65
CA ASP C 73 6.57 14.38 6.84
C ASP C 73 7.39 14.53 8.11
N ASP C 74 8.67 14.90 7.98
CA ASP C 74 9.51 15.22 9.13
C ASP C 74 9.08 16.57 9.67
N PRO C 75 8.36 16.61 10.80
CA PRO C 75 7.80 17.89 11.28
C PRO C 75 8.85 18.92 11.64
N ALA C 76 10.09 18.50 11.93
CA ALA C 76 11.13 19.48 12.27
C ALA C 76 11.51 20.33 11.07
N MET C 77 11.36 19.81 9.86
CA MET C 77 11.69 20.52 8.64
C MET C 77 10.50 21.28 8.05
N ARG C 78 9.35 21.23 8.71
CA ARG C 78 8.10 21.65 8.07
C ARG C 78 8.14 23.13 7.68
N GLU C 79 8.60 23.99 8.57
CA GLU C 79 8.63 25.42 8.32
C GLU C 79 9.68 25.85 7.32
N HIS C 80 10.61 24.96 6.97
CA HIS C 80 11.70 25.31 6.05
C HIS C 80 11.45 24.85 4.62
N ILE C 81 10.33 24.20 4.37
CA ILE C 81 10.02 23.66 3.04
C ILE C 81 9.35 24.76 2.23
N PRO C 82 9.87 25.13 1.06
CA PRO C 82 9.20 26.16 0.27
C PRO C 82 7.96 25.57 -0.42
N ALA C 83 6.93 26.41 -0.53
CA ALA C 83 5.69 25.98 -1.16
C ALA C 83 5.94 25.59 -2.62
N PHE C 84 5.06 24.75 -3.14
CA PHE C 84 5.07 24.49 -4.57
C PHE C 84 4.67 25.78 -5.29
N ASP C 85 5.55 26.25 -6.17
CA ASP C 85 5.27 27.39 -7.02
C ASP C 85 5.36 26.93 -8.47
N PRO C 86 4.26 26.96 -9.23
CA PRO C 86 4.32 26.47 -10.62
C PRO C 86 5.30 27.24 -11.49
N LEU C 87 5.70 28.45 -11.10
CA LEU C 87 6.65 29.21 -11.87
C LEU C 87 8.10 29.01 -11.44
N ARG C 88 8.34 28.41 -10.28
CA ARG C 88 9.69 28.38 -9.72
C ARG C 88 10.15 26.99 -9.29
N SER C 89 9.22 26.13 -8.88
CA SER C 89 9.59 24.80 -8.41
C SER C 89 10.21 23.99 -9.54
N ARG C 90 11.44 23.53 -9.35
CA ARG C 90 12.11 22.75 -10.38
C ARG C 90 11.46 21.37 -10.51
N SER C 91 11.61 20.79 -11.70
CA SER C 91 11.06 19.47 -11.97
C SER C 91 11.81 18.40 -11.17
N ILE C 92 11.08 17.33 -10.82
CA ILE C 92 11.73 16.21 -10.15
C ILE C 92 12.81 15.65 -11.06
N ARG C 93 13.97 15.38 -10.48
CA ARG C 93 15.09 14.94 -11.30
C ARG C 93 14.98 13.48 -11.74
N ASP C 94 14.09 12.71 -11.12
CA ASP C 94 13.87 11.32 -11.54
C ASP C 94 13.31 11.24 -12.96
N ASN C 95 12.71 12.31 -13.46
CA ASN C 95 12.13 12.31 -14.79
C ASN C 95 13.09 12.81 -15.86
N GLY C 96 14.35 13.05 -15.49
CA GLY C 96 15.34 13.49 -16.45
C GLY C 96 15.23 14.96 -16.77
N PHE C 97 16.17 15.41 -17.60
CA PHE C 97 16.25 16.82 -17.94
C PHE C 97 15.08 17.30 -18.79
N TRP C 98 14.39 16.39 -19.48
CA TRP C 98 13.40 16.79 -20.48
C TRP C 98 12.30 17.68 -19.92
N PRO C 99 11.58 17.32 -18.85
CA PRO C 99 10.57 18.26 -18.34
C PRO C 99 11.16 19.59 -17.91
N GLU C 100 12.35 19.58 -17.32
CA GLU C 100 12.99 20.84 -16.94
C GLU C 100 13.41 21.63 -18.17
N LEU C 101 13.83 20.93 -19.23
CA LEU C 101 14.15 21.61 -20.48
C LEU C 101 12.97 22.42 -20.98
N ILE C 102 11.79 21.79 -21.06
CA ILE C 102 10.59 22.49 -21.48
C ILE C 102 10.27 23.64 -20.52
N ARG C 103 10.24 23.33 -19.22
CA ARG C 103 9.77 24.29 -18.23
C ARG C 103 10.58 25.58 -18.24
N THR C 104 11.88 25.49 -18.52
CA THR C 104 12.73 26.67 -18.52
C THR C 104 12.87 27.28 -19.91
N THR C 105 12.11 26.81 -20.88
CA THR C 105 12.10 27.47 -22.19
C THR C 105 11.13 28.64 -22.16
N PRO C 106 11.53 29.82 -22.62
CA PRO C 106 10.61 30.97 -22.60
C PRO C 106 9.31 30.67 -23.34
N GLY C 107 8.20 31.00 -22.69
CA GLY C 107 6.88 30.71 -23.21
C GLY C 107 6.21 29.48 -22.61
N ALA C 108 6.96 28.68 -21.86
CA ALA C 108 6.41 27.44 -21.31
C ALA C 108 5.55 27.74 -20.09
N LEU C 109 4.59 26.85 -19.86
CA LEU C 109 3.69 26.95 -18.73
C LEU C 109 3.69 25.63 -17.98
N ARG C 110 3.36 25.71 -16.70
CA ARG C 110 3.35 24.51 -15.87
C ARG C 110 2.15 24.57 -14.92
N SER C 111 1.45 23.45 -14.78
CA SER C 111 0.14 23.40 -14.16
C SER C 111 0.27 23.37 -12.64
N ALA C 112 -0.88 23.35 -11.97
CA ALA C 112 -0.94 23.68 -10.55
C ALA C 112 -0.85 22.47 -9.62
N SER C 113 -1.34 21.30 -10.04
CA SER C 113 -1.36 20.15 -9.14
C SER C 113 0.05 19.61 -8.92
N PRO C 114 0.67 19.85 -7.74
CA PRO C 114 2.14 19.71 -7.62
C PRO C 114 2.70 18.38 -8.08
N GLY C 115 2.28 17.28 -7.44
CA GLY C 115 2.85 15.97 -7.79
C GLY C 115 2.55 15.55 -9.22
N ALA C 116 1.44 16.00 -9.77
CA ALA C 116 1.02 15.62 -11.12
C ALA C 116 1.37 16.68 -12.17
N SER C 117 2.09 17.73 -11.79
CA SER C 117 2.18 18.91 -12.64
C SER C 117 2.94 18.61 -13.93
N MET C 118 2.48 19.23 -15.01
CA MET C 118 3.03 19.05 -16.34
C MET C 118 3.50 20.40 -16.88
N ALA C 119 4.62 20.38 -17.59
CA ALA C 119 5.10 21.56 -18.31
C ALA C 119 4.70 21.45 -19.77
N ALA C 120 4.30 22.57 -20.37
CA ALA C 120 3.78 22.56 -21.72
C ALA C 120 4.23 23.82 -22.46
N ILE C 121 4.43 23.68 -23.76
CA ILE C 121 4.82 24.79 -24.62
C ILE C 121 4.19 24.58 -26.00
N GLY C 122 3.69 25.67 -26.58
CA GLY C 122 3.06 25.63 -27.87
C GLY C 122 1.74 26.37 -27.87
N GLY C 123 0.96 26.15 -28.95
CA GLY C 123 -0.22 26.97 -29.19
C GLY C 123 -1.30 26.85 -28.14
N GLU C 124 -1.47 25.66 -27.57
CA GLU C 124 -2.48 25.47 -26.54
C GLU C 124 -1.84 25.11 -25.20
N ALA C 125 -0.67 25.68 -24.93
CA ALA C 125 0.00 25.46 -23.63
C ALA C 125 -0.85 25.99 -22.48
N GLU C 126 -1.54 27.11 -22.69
CA GLU C 126 -2.41 27.65 -21.65
C GLU C 126 -3.55 26.69 -21.35
N TRP C 127 -4.21 26.19 -22.40
CA TRP C 127 -5.34 25.29 -22.20
C TRP C 127 -4.92 24.01 -21.48
N PHE C 128 -3.77 23.45 -21.85
CA PHE C 128 -3.35 22.17 -21.27
C PHE C 128 -3.02 22.31 -19.79
N THR C 129 -2.44 23.44 -19.39
CA THR C 129 -1.97 23.63 -18.03
C THR C 129 -3.00 24.27 -17.10
N ALA C 130 -4.09 24.80 -17.65
CA ALA C 130 -5.08 25.49 -16.83
C ALA C 130 -6.04 24.50 -16.18
N ASP C 131 -6.58 24.90 -15.02
CA ASP C 131 -7.62 24.15 -14.33
C ASP C 131 -7.20 22.72 -14.02
N HIS C 132 -5.94 22.54 -13.64
CA HIS C 132 -5.46 21.24 -13.20
C HIS C 132 -5.89 21.02 -11.76
N ALA C 133 -6.82 20.09 -11.55
CA ALA C 133 -7.38 19.87 -10.23
C ALA C 133 -6.32 19.44 -9.23
N LEU C 134 -6.35 20.05 -8.04
CA LEU C 134 -5.38 19.70 -7.01
C LEU C 134 -5.59 18.27 -6.51
N ASP C 135 -6.84 17.90 -6.25
CA ASP C 135 -7.16 16.53 -5.88
C ASP C 135 -7.47 15.72 -7.14
N TYR C 136 -7.04 14.45 -7.11
CA TYR C 136 -7.22 13.54 -8.25
C TYR C 136 -6.70 14.16 -9.54
N GLY C 137 -5.47 14.68 -9.47
CA GLY C 137 -4.84 15.37 -10.57
C GLY C 137 -4.36 14.47 -11.70
N TYR C 138 -4.75 13.20 -11.67
CA TYR C 138 -4.54 12.30 -12.78
C TYR C 138 -5.84 11.93 -13.48
N GLY C 139 -6.96 12.49 -13.03
CA GLY C 139 -8.21 12.27 -13.69
C GLY C 139 -8.39 13.20 -14.87
N PRO C 140 -9.65 13.33 -15.30
CA PRO C 140 -9.94 14.16 -16.49
C PRO C 140 -9.53 15.62 -16.35
N ARG C 141 -9.67 16.19 -15.16
CA ARG C 141 -9.36 17.61 -14.94
C ARG C 141 -7.85 17.77 -14.76
N SER C 142 -7.12 17.47 -15.83
CA SER C 142 -5.66 17.43 -15.79
C SER C 142 -5.14 17.56 -17.21
N PRO C 143 -3.85 17.87 -17.39
CA PRO C 143 -3.29 17.88 -18.76
C PRO C 143 -3.31 16.51 -19.40
N LEU C 144 -3.37 15.44 -18.60
CA LEU C 144 -3.50 14.10 -19.17
C LEU C 144 -4.87 13.89 -19.78
N GLY C 145 -5.93 14.23 -19.04
CA GLY C 145 -7.27 14.13 -19.59
C GLY C 145 -7.47 15.04 -20.79
N LYS C 146 -6.76 16.17 -20.83
CA LYS C 146 -6.86 17.04 -21.99
C LYS C 146 -6.06 16.50 -23.17
N LEU C 147 -4.99 15.76 -22.91
CA LEU C 147 -4.30 15.06 -23.99
C LEU C 147 -5.24 14.10 -24.70
N VAL C 148 -6.08 13.39 -23.94
CA VAL C 148 -7.04 12.46 -24.53
C VAL C 148 -8.08 13.21 -25.34
N GLU C 149 -8.69 14.24 -24.75
CA GLU C 149 -9.75 14.97 -25.43
C GLU C 149 -9.25 15.61 -26.72
N ALA C 150 -8.00 16.09 -26.73
CA ALA C 150 -7.39 16.64 -27.93
C ALA C 150 -6.91 15.58 -28.90
N LYS C 151 -7.07 14.30 -28.55
CA LYS C 151 -6.47 13.18 -29.28
C LYS C 151 -4.99 13.44 -29.57
N GLY C 152 -4.27 13.80 -28.52
CA GLY C 152 -2.83 13.95 -28.60
C GLY C 152 -2.14 12.60 -28.63
N LYS C 153 -0.82 12.66 -28.50
CA LYS C 153 0.01 11.48 -28.64
C LYS C 153 1.04 11.45 -27.53
N VAL C 154 1.59 10.26 -27.28
CA VAL C 154 2.66 10.07 -26.32
C VAL C 154 3.87 9.51 -27.05
N LEU C 155 5.02 10.11 -26.80
CA LEU C 155 6.28 9.71 -27.44
C LEU C 155 7.25 9.29 -26.34
N MET C 156 7.54 8.00 -26.28
CA MET C 156 8.59 7.49 -25.39
C MET C 156 9.91 7.62 -26.14
N LEU C 157 10.66 8.68 -25.82
CA LEU C 157 11.92 9.00 -26.50
C LEU C 157 13.05 8.32 -25.74
N GLY C 158 13.27 7.04 -26.07
CA GLY C 158 14.26 6.23 -25.39
C GLY C 158 13.88 5.84 -23.99
N ALA C 159 12.79 6.35 -23.44
CA ALA C 159 12.40 6.12 -22.07
C ALA C 159 11.84 4.71 -21.88
N PRO C 160 12.08 4.09 -20.72
CA PRO C 160 11.45 2.80 -20.43
C PRO C 160 9.94 2.93 -20.46
N LEU C 161 9.28 1.89 -20.98
CA LEU C 161 7.86 1.97 -21.26
C LEU C 161 7.01 2.08 -20.01
N ASP C 162 7.54 1.71 -18.84
CA ASP C 162 6.75 1.83 -17.62
C ASP C 162 6.74 3.22 -17.03
N THR C 163 7.36 4.20 -17.70
CA THR C 163 7.30 5.60 -17.29
C THR C 163 6.22 6.39 -18.02
N MET C 164 5.31 5.70 -18.73
CA MET C 164 4.25 6.39 -19.45
C MET C 164 3.17 6.80 -18.45
N THR C 165 3.28 8.05 -17.97
CA THR C 165 2.39 8.54 -16.93
C THR C 165 0.92 8.56 -17.34
N LEU C 166 0.64 8.64 -18.65
CA LEU C 166 -0.74 8.66 -19.11
C LEU C 166 -1.52 7.44 -18.62
N LEU C 167 -0.84 6.32 -18.38
CA LEU C 167 -1.52 5.13 -17.90
C LEU C 167 -2.04 5.28 -16.47
N ALA C 168 -1.47 6.21 -15.70
CA ALA C 168 -2.05 6.52 -14.40
C ALA C 168 -3.35 7.30 -14.53
N HIS C 169 -3.54 8.00 -15.66
CA HIS C 169 -4.84 8.57 -15.95
C HIS C 169 -5.86 7.47 -16.27
N ALA C 170 -5.41 6.43 -16.97
CA ALA C 170 -6.28 5.28 -17.21
C ALA C 170 -6.68 4.59 -15.90
N GLU C 171 -5.72 4.40 -15.00
CA GLU C 171 -6.02 3.75 -13.72
C GLU C 171 -6.92 4.60 -12.84
N HIS C 172 -6.97 5.92 -13.08
CA HIS C 172 -8.00 6.75 -12.45
C HIS C 172 -9.37 6.46 -13.06
N LEU C 173 -9.43 6.32 -14.38
CA LEU C 173 -10.72 6.18 -15.05
C LEU C 173 -11.32 4.80 -14.87
N ALA C 174 -10.48 3.78 -14.71
CA ALA C 174 -10.94 2.40 -14.79
C ALA C 174 -11.69 1.99 -13.52
N ASP C 175 -12.82 1.32 -13.72
CA ASP C 175 -13.64 0.83 -12.62
C ASP C 175 -13.16 -0.57 -12.22
N PHE C 176 -12.48 -0.66 -11.09
CA PHE C 176 -12.09 -1.95 -10.52
C PHE C 176 -12.03 -1.80 -9.01
N PRO C 177 -12.19 -2.90 -8.27
CA PRO C 177 -12.35 -2.78 -6.82
C PRO C 177 -11.03 -2.45 -6.11
N ASN C 178 -11.18 -1.93 -4.89
CA ASN C 178 -10.08 -1.79 -3.94
C ASN C 178 -8.99 -0.86 -4.49
N LYS C 179 -9.41 0.28 -5.02
CA LYS C 179 -8.47 1.31 -5.45
C LYS C 179 -7.95 2.03 -4.21
N ARG C 180 -6.65 1.88 -3.93
CA ARG C 180 -6.08 2.54 -2.77
C ARG C 180 -6.11 4.05 -2.96
N ILE C 181 -6.68 4.75 -1.98
CA ILE C 181 -6.75 6.20 -1.98
C ILE C 181 -5.65 6.73 -1.07
N LEU C 182 -4.90 7.71 -1.54
CA LEU C 182 -3.82 8.32 -0.78
C LEU C 182 -4.20 9.74 -0.39
N ARG C 183 -3.91 10.10 0.86
CA ARG C 183 -4.08 11.46 1.31
C ARG C 183 -2.80 11.92 2.01
N TYR C 184 -2.21 12.98 1.47
CA TYR C 184 -0.96 13.56 1.94
C TYR C 184 -1.16 15.06 2.07
N GLU C 185 -0.20 15.72 2.72
CA GLU C 185 -0.29 17.14 3.00
C GLU C 185 0.96 17.83 2.46
N ALA C 186 0.75 18.88 1.66
CA ALA C 186 1.85 19.54 0.98
C ALA C 186 1.64 21.05 0.97
N PRO C 187 2.73 21.84 0.97
CA PRO C 187 2.58 23.30 0.97
C PRO C 187 2.43 23.84 -0.45
N ILE C 188 1.42 24.69 -0.65
CA ILE C 188 1.20 25.35 -1.93
C ILE C 188 1.12 26.86 -1.70
N LEU C 189 0.70 27.60 -2.72
CA LEU C 189 0.55 29.04 -2.64
C LEU C 189 -0.92 29.39 -2.81
N VAL C 190 -1.51 30.00 -1.78
CA VAL C 190 -2.88 30.49 -1.82
C VAL C 190 -2.83 31.99 -1.63
N ASP C 191 -3.28 32.73 -2.65
CA ASP C 191 -3.22 34.20 -2.65
C ASP C 191 -1.82 34.71 -2.31
N GLY C 192 -0.81 34.01 -2.82
CA GLY C 192 0.56 34.46 -2.73
C GLY C 192 1.30 34.10 -1.45
N GLU C 193 0.71 33.31 -0.56
CA GLU C 193 1.36 32.96 0.69
C GLU C 193 1.37 31.45 0.86
N LYS C 194 2.39 30.97 1.58
CA LYS C 194 2.55 29.54 1.83
C LYS C 194 1.41 29.03 2.70
N VAL C 195 0.72 28.00 2.22
CA VAL C 195 -0.37 27.36 2.96
C VAL C 195 -0.22 25.86 2.80
N TRP C 196 -0.26 25.13 3.91
CA TRP C 196 -0.28 23.68 3.85
C TRP C 196 -1.68 23.19 3.56
N ARG C 197 -1.77 22.16 2.72
CA ARG C 197 -3.05 21.68 2.22
C ARG C 197 -3.04 20.17 2.12
N TRP C 198 -4.14 19.54 2.54
CA TRP C 198 -4.28 18.10 2.44
C TRP C 198 -4.79 17.72 1.06
N PHE C 199 -4.12 16.76 0.43
CA PHE C 199 -4.46 16.28 -0.91
C PHE C 199 -5.03 14.88 -0.84
N GLU C 200 -5.78 14.52 -1.89
CA GLU C 200 -6.35 13.19 -2.05
C GLU C 200 -6.28 12.81 -3.51
N GLU C 201 -5.92 11.55 -3.77
CA GLU C 201 -5.80 11.04 -5.13
C GLU C 201 -5.74 9.51 -5.06
N PHE C 202 -5.89 8.87 -6.21
CA PHE C 202 -5.60 7.45 -6.30
C PHE C 202 -4.08 7.26 -6.30
N ASP C 203 -3.63 6.20 -5.63
CA ASP C 203 -2.20 5.94 -5.53
C ASP C 203 -1.61 5.67 -6.90
N THR C 204 -0.60 6.46 -7.26
CA THR C 204 0.19 6.25 -8.46
C THR C 204 1.58 5.70 -8.15
N SER C 205 2.00 5.75 -6.88
CA SER C 205 3.32 5.27 -6.47
C SER C 205 3.41 3.75 -6.54
N ASP C 206 2.34 3.07 -6.15
CA ASP C 206 2.30 1.62 -6.02
C ASP C 206 1.16 1.07 -6.87
N PRO C 207 1.33 -0.11 -7.46
CA PRO C 207 0.31 -0.64 -8.36
C PRO C 207 -0.88 -1.15 -7.59
N PRO C 208 -2.02 -1.36 -8.26
CA PRO C 208 -3.13 -2.07 -7.60
C PRO C 208 -2.65 -3.43 -7.14
N ASP C 209 -3.10 -3.84 -5.94
CA ASP C 209 -2.60 -5.07 -5.35
C ASP C 209 -2.85 -6.24 -6.29
N GLY C 210 -1.80 -7.01 -6.57
CA GLY C 210 -1.86 -8.09 -7.51
C GLY C 210 -1.23 -7.83 -8.86
N LEU C 211 -0.55 -6.69 -9.02
CA LEU C 211 0.14 -6.35 -10.26
C LEU C 211 1.53 -5.85 -9.94
N ALA C 212 2.48 -6.13 -10.83
CA ALA C 212 3.86 -5.72 -10.61
C ALA C 212 4.02 -4.21 -10.80
N ASP C 213 5.10 -3.67 -10.24
CA ASP C 213 5.32 -2.22 -10.29
C ASP C 213 5.44 -1.73 -11.72
N ASP C 214 5.96 -2.56 -12.63
CA ASP C 214 6.20 -2.15 -14.01
C ASP C 214 5.15 -2.71 -14.97
N TYR C 215 3.95 -3.00 -14.48
CA TYR C 215 2.91 -3.54 -15.35
C TYR C 215 2.46 -2.55 -16.42
N PHE C 216 2.82 -1.27 -16.29
CA PHE C 216 2.62 -0.32 -17.39
C PHE C 216 3.34 -0.77 -18.64
N ALA C 217 4.58 -1.24 -18.50
CA ALA C 217 5.34 -1.72 -19.65
C ALA C 217 4.60 -2.85 -20.35
N GLY C 218 4.06 -3.78 -19.57
CA GLY C 218 3.27 -4.85 -20.16
C GLY C 218 2.07 -4.35 -20.93
N ILE C 219 1.43 -3.29 -20.42
CA ILE C 219 0.26 -2.72 -21.09
C ILE C 219 0.66 -2.06 -22.40
N VAL C 220 1.76 -1.30 -22.38
CA VAL C 220 2.23 -0.66 -23.62
C VAL C 220 2.61 -1.71 -24.64
N GLU C 221 3.38 -2.72 -24.23
CA GLU C 221 3.78 -3.77 -25.16
C GLU C 221 2.57 -4.52 -25.71
N GLU C 222 1.52 -4.67 -24.89
CA GLU C 222 0.31 -5.33 -25.38
C GLU C 222 -0.48 -4.42 -26.32
N PHE C 223 -0.49 -3.12 -26.04
CA PHE C 223 -1.07 -2.17 -26.99
C PHE C 223 -0.34 -2.24 -28.32
N LEU C 224 1.00 -2.26 -28.26
CA LEU C 224 1.81 -2.36 -29.48
C LEU C 224 1.51 -3.64 -30.24
N ALA C 225 1.22 -4.73 -29.52
CA ALA C 225 0.90 -5.99 -30.17
C ALA C 225 -0.35 -5.91 -31.02
N THR C 226 -1.20 -4.91 -30.81
CA THR C 226 -2.35 -4.70 -31.68
C THR C 226 -2.01 -3.95 -32.95
N GLY C 227 -0.77 -3.48 -33.11
CA GLY C 227 -0.35 -2.75 -34.29
C GLY C 227 -0.77 -1.30 -34.32
N ARG C 228 -1.38 -0.78 -33.28
CA ARG C 228 -1.89 0.59 -33.28
C ARG C 228 -0.84 1.61 -32.84
N GLY C 229 0.38 1.17 -32.52
CA GLY C 229 1.48 2.06 -32.23
C GLY C 229 2.47 2.12 -33.37
N LYS C 230 3.57 2.83 -33.11
CA LYS C 230 4.57 3.06 -34.16
C LYS C 230 5.94 3.20 -33.52
N ARG C 231 6.87 2.35 -33.93
CA ARG C 231 8.24 2.43 -33.47
C ARG C 231 9.13 3.13 -34.48
N GLY C 232 10.17 3.76 -33.97
CA GLY C 232 11.13 4.45 -34.81
C GLY C 232 12.23 5.00 -33.94
N LYS C 233 13.32 5.37 -34.58
CA LYS C 233 14.49 5.90 -33.89
C LYS C 233 14.54 7.40 -34.03
N ILE C 234 14.61 8.10 -32.89
CA ILE C 234 14.83 9.54 -32.86
C ILE C 234 16.30 9.76 -32.51
N GLY C 235 17.10 10.18 -33.49
CA GLY C 235 18.54 10.12 -33.29
C GLY C 235 18.94 8.67 -33.14
N GLU C 236 19.59 8.35 -32.03
CA GLU C 236 19.98 6.98 -31.72
C GLU C 236 19.04 6.33 -30.71
N ALA C 237 17.97 7.00 -30.31
CA ALA C 237 17.10 6.52 -29.25
C ALA C 237 15.95 5.72 -29.83
N SER C 238 15.86 4.45 -29.45
CA SER C 238 14.70 3.65 -29.80
C SER C 238 13.45 4.26 -29.18
N SER C 239 12.47 4.59 -30.01
CA SER C 239 11.31 5.33 -29.55
C SER C 239 10.04 4.63 -30.02
N VAL C 240 8.93 5.08 -29.45
CA VAL C 240 7.61 4.62 -29.85
C VAL C 240 6.64 5.78 -29.66
N LEU C 241 5.71 5.91 -30.60
CA LEU C 241 4.67 6.93 -30.55
C LEU C 241 3.33 6.23 -30.51
N VAL C 242 2.50 6.62 -29.55
CA VAL C 242 1.19 6.00 -29.38
C VAL C 242 0.13 7.11 -29.32
N PRO C 243 -1.05 6.87 -29.85
CA PRO C 243 -2.15 7.84 -29.69
C PRO C 243 -2.67 7.80 -28.26
N ALA C 244 -2.87 8.99 -27.67
CA ALA C 244 -3.27 9.07 -26.28
C ALA C 244 -4.65 8.44 -26.06
N ASP C 245 -5.61 8.74 -26.94
CA ASP C 245 -6.97 8.27 -26.72
C ASP C 245 -7.06 6.75 -26.86
N GLU C 246 -6.36 6.17 -27.82
CA GLU C 246 -6.47 4.73 -28.06
C GLU C 246 -5.83 3.94 -26.92
N ILE C 247 -4.66 4.36 -26.46
CA ILE C 247 -3.98 3.60 -25.41
C ILE C 247 -4.72 3.71 -24.09
N VAL C 248 -5.37 4.84 -23.82
CA VAL C 248 -6.15 4.98 -22.60
C VAL C 248 -7.36 4.06 -22.64
N ALA C 249 -8.11 4.08 -23.75
CA ALA C 249 -9.23 3.16 -23.88
C ALA C 249 -8.77 1.72 -23.77
N PHE C 250 -7.59 1.41 -24.31
CA PHE C 250 -7.07 0.06 -24.18
C PHE C 250 -6.75 -0.28 -22.73
N ALA C 251 -6.06 0.63 -22.03
CA ALA C 251 -5.66 0.36 -20.66
C ALA C 251 -6.86 0.29 -19.71
N VAL C 252 -7.89 1.09 -19.97
CA VAL C 252 -9.10 1.03 -19.15
C VAL C 252 -9.80 -0.32 -19.32
N ASP C 253 -9.86 -0.81 -20.56
CA ASP C 253 -10.48 -2.11 -20.80
CA ASP C 253 -10.49 -2.11 -20.80
C ASP C 253 -9.65 -3.24 -20.20
N TRP C 254 -8.32 -3.13 -20.26
CA TRP C 254 -7.44 -4.10 -19.63
C TRP C 254 -7.69 -4.15 -18.12
N LEU C 255 -7.70 -2.99 -17.48
CA LEU C 255 -7.87 -2.94 -16.03
C LEU C 255 -9.26 -3.41 -15.61
N GLU C 256 -10.30 -2.99 -16.34
CA GLU C 256 -11.65 -3.36 -15.94
C GLU C 256 -11.93 -4.83 -16.14
N ARG C 257 -11.34 -5.44 -17.18
CA ARG C 257 -11.45 -6.88 -17.33
C ARG C 257 -10.73 -7.61 -16.20
N TRP C 258 -9.55 -7.10 -15.81
CA TRP C 258 -8.81 -7.69 -14.69
C TRP C 258 -9.60 -7.59 -13.39
N GLY C 259 -10.25 -6.44 -13.16
CA GLY C 259 -11.02 -6.27 -11.93
C GLY C 259 -12.23 -7.17 -11.84
N ARG C 260 -12.78 -7.57 -12.99
CA ARG C 260 -13.89 -8.51 -13.02
C ARG C 260 -13.44 -9.97 -12.91
N THR C 261 -12.16 -10.27 -13.09
CA THR C 261 -11.74 -11.66 -12.88
C THR C 261 -11.59 -12.00 -11.41
N ALA C 262 -11.58 -11.01 -10.53
CA ALA C 262 -11.61 -11.23 -9.09
C ALA C 262 -12.66 -12.28 -8.71
N SER D 3 20.36 -8.73 39.65
CA SER D 3 19.81 -8.98 40.98
C SER D 3 18.84 -10.17 40.94
N ARG D 4 17.65 -9.98 41.53
CA ARG D 4 16.75 -11.09 41.80
C ARG D 4 16.47 -12.06 40.68
N VAL D 5 16.59 -13.34 41.04
CA VAL D 5 16.39 -14.43 40.09
C VAL D 5 14.95 -14.91 40.23
N SER D 6 14.27 -15.12 39.10
CA SER D 6 12.90 -15.59 39.14
C SER D 6 12.85 -17.10 39.20
N THR D 7 11.76 -17.63 39.76
CA THR D 7 11.50 -19.05 39.84
C THR D 7 10.10 -19.34 39.30
N ARG D 8 9.84 -20.63 39.08
CA ARG D 8 8.49 -21.06 38.73
C ARG D 8 7.47 -20.55 39.75
N SER D 9 7.81 -20.63 41.04
CA SER D 9 6.90 -20.16 42.07
C SER D 9 6.77 -18.63 42.06
N SER D 10 7.90 -17.93 42.00
CA SER D 10 7.85 -16.47 42.05
C SER D 10 7.15 -15.91 40.82
N LEU D 11 7.32 -16.55 39.67
CA LEU D 11 6.60 -16.11 38.47
C LEU D 11 5.10 -16.35 38.62
N ALA D 12 4.70 -17.44 39.28
CA ALA D 12 3.29 -17.73 39.46
C ALA D 12 2.62 -16.67 40.32
N GLU D 13 3.33 -16.21 41.35
CA GLU D 13 2.81 -15.14 42.22
C GLU D 13 2.67 -13.83 41.47
N ASP D 14 3.70 -13.47 40.69
CA ASP D 14 3.64 -12.28 39.85
C ASP D 14 2.48 -12.36 38.87
N LEU D 15 2.21 -13.57 38.34
CA LEU D 15 1.16 -13.72 37.35
C LEU D 15 -0.23 -13.57 37.98
N ARG D 16 -0.41 -14.09 39.19
CA ARG D 16 -1.69 -13.91 39.87
C ARG D 16 -1.85 -12.47 40.32
N ALA D 17 -0.76 -11.83 40.77
CA ALA D 17 -0.84 -10.44 41.18
C ALA D 17 -1.33 -9.54 40.05
N ILE D 18 -1.01 -9.89 38.80
CA ILE D 18 -1.47 -9.05 37.70
C ILE D 18 -2.88 -9.42 37.24
N GLY D 19 -3.39 -10.59 37.61
CA GLY D 19 -4.81 -10.88 37.40
C GLY D 19 -5.15 -12.22 36.78
N LEU D 20 -4.14 -13.00 36.41
CA LEU D 20 -4.37 -14.31 35.82
C LEU D 20 -4.95 -15.27 36.84
N ALA D 21 -5.96 -16.05 36.45
CA ALA D 21 -6.68 -16.90 37.38
C ALA D 21 -7.04 -18.23 36.72
N ASP D 22 -7.60 -19.11 37.55
CA ASP D 22 -7.99 -20.45 37.10
C ASP D 22 -8.95 -20.39 35.93
N GLY D 23 -8.72 -21.25 34.94
CA GLY D 23 -9.57 -21.34 33.77
C GLY D 23 -9.28 -20.33 32.68
N ASP D 24 -8.33 -19.43 32.89
CA ASP D 24 -8.09 -18.35 31.94
C ASP D 24 -7.42 -18.86 30.68
N ALA D 25 -7.82 -18.30 29.54
CA ALA D 25 -7.08 -18.41 28.29
C ALA D 25 -6.37 -17.08 28.05
N VAL D 26 -5.08 -17.13 27.76
CA VAL D 26 -4.30 -15.90 27.63
C VAL D 26 -3.37 -16.01 26.44
N LEU D 27 -3.39 -14.99 25.57
CA LEU D 27 -2.41 -14.83 24.52
C LEU D 27 -1.29 -13.95 25.03
N VAL D 28 -0.05 -14.42 24.89
CA VAL D 28 1.12 -13.76 25.47
C VAL D 28 2.03 -13.28 24.35
N HIS D 29 2.34 -11.99 24.35
CA HIS D 29 3.45 -11.43 23.59
C HIS D 29 4.55 -11.07 24.58
N ALA D 30 5.78 -11.46 24.27
CA ALA D 30 6.83 -11.44 25.28
C ALA D 30 8.13 -10.90 24.72
N ALA D 31 8.80 -10.07 25.53
CA ALA D 31 10.20 -9.72 25.36
C ALA D 31 10.91 -10.40 26.52
N LEU D 32 11.38 -11.63 26.28
CA LEU D 32 11.81 -12.48 27.40
C LEU D 32 13.02 -11.90 28.12
N ARG D 33 13.83 -11.09 27.44
CA ARG D 33 15.05 -10.60 28.07
C ARG D 33 14.77 -9.67 29.24
N LYS D 34 13.67 -8.90 29.18
CA LYS D 34 13.43 -7.99 30.31
C LYS D 34 12.87 -8.70 31.54
N VAL D 35 12.54 -9.99 31.44
CA VAL D 35 12.12 -10.70 32.64
C VAL D 35 13.29 -10.82 33.62
N GLY D 36 14.52 -10.85 33.11
CA GLY D 36 15.67 -11.02 33.96
C GLY D 36 16.06 -12.48 34.09
N LYS D 37 16.88 -12.76 35.11
CA LYS D 37 17.40 -14.09 35.31
C LYS D 37 16.32 -15.02 35.88
N ILE D 38 16.18 -16.19 35.26
CA ILE D 38 15.22 -17.21 35.68
C ILE D 38 16.01 -18.50 35.94
N VAL D 39 15.73 -19.17 37.06
CA VAL D 39 16.49 -20.35 37.43
C VAL D 39 16.43 -21.41 36.34
N GLY D 40 15.23 -21.74 35.88
CA GLY D 40 15.07 -22.82 34.93
C GLY D 40 14.81 -22.37 33.49
N GLY D 41 15.26 -21.17 33.14
CA GLY D 41 15.05 -20.65 31.82
C GLY D 41 13.62 -20.16 31.63
N PRO D 42 13.31 -19.64 30.44
CA PRO D 42 11.97 -19.08 30.21
C PRO D 42 10.86 -20.12 30.28
N ASP D 43 11.18 -21.42 30.23
CA ASP D 43 10.16 -22.44 30.41
C ASP D 43 9.51 -22.35 31.79
N ASP D 44 10.21 -21.79 32.79
CA ASP D 44 9.59 -21.52 34.07
C ASP D 44 8.39 -20.60 33.92
N ILE D 45 8.42 -19.68 32.95
CA ILE D 45 7.30 -18.77 32.73
C ILE D 45 6.06 -19.55 32.31
N LEU D 46 6.21 -20.41 31.30
CA LEU D 46 5.07 -21.17 30.80
C LEU D 46 4.57 -22.17 31.84
N ASP D 47 5.49 -22.81 32.57
CA ASP D 47 5.09 -23.71 33.64
C ASP D 47 4.29 -22.97 34.71
N ALA D 48 4.73 -21.77 35.08
CA ALA D 48 4.03 -20.99 36.08
C ALA D 48 2.65 -20.58 35.60
N MET D 49 2.53 -20.17 34.34
CA MET D 49 1.23 -19.83 33.78
C MET D 49 0.28 -21.01 33.85
N ARG D 50 0.75 -22.19 33.46
CA ARG D 50 -0.09 -23.38 33.49
C ARG D 50 -0.45 -23.76 34.93
N ASP D 51 0.42 -23.48 35.89
CA ASP D 51 0.06 -23.65 37.30
C ASP D 51 -1.12 -22.75 37.65
N VAL D 52 -1.03 -21.47 37.30
CA VAL D 52 -2.03 -20.49 37.72
C VAL D 52 -3.37 -20.79 37.07
N ILE D 53 -3.38 -20.99 35.75
CA ILE D 53 -4.65 -21.20 35.03
C ILE D 53 -5.18 -22.61 35.17
N GLY D 54 -4.37 -23.54 35.65
CA GLY D 54 -4.80 -24.91 35.78
C GLY D 54 -4.93 -25.61 34.44
N PRO D 55 -5.19 -26.91 34.46
CA PRO D 55 -5.20 -27.68 33.21
C PRO D 55 -6.33 -27.32 32.26
N ALA D 56 -7.37 -26.61 32.72
CA ALA D 56 -8.44 -26.18 31.83
C ALA D 56 -8.13 -24.89 31.09
N GLY D 57 -7.14 -24.12 31.55
CA GLY D 57 -6.76 -22.90 30.86
C GLY D 57 -5.85 -23.17 29.67
N THR D 58 -5.63 -22.12 28.89
CA THR D 58 -4.85 -22.22 27.66
C THR D 58 -3.91 -21.03 27.54
N VAL D 59 -2.67 -21.28 27.13
CA VAL D 59 -1.68 -20.25 26.85
C VAL D 59 -1.40 -20.25 25.35
N LEU D 60 -1.36 -19.07 24.74
CA LEU D 60 -1.18 -18.93 23.31
C LEU D 60 0.00 -18.02 22.99
N GLY D 61 0.55 -18.21 21.80
CA GLY D 61 1.55 -17.30 21.27
C GLY D 61 1.38 -17.15 19.78
N TYR D 62 1.87 -16.04 19.24
CA TYR D 62 1.70 -15.71 17.84
C TYR D 62 2.87 -16.27 17.03
N ALA D 63 2.61 -17.35 16.29
CA ALA D 63 3.67 -18.10 15.63
C ALA D 63 4.08 -17.48 14.29
N ASP D 64 3.12 -17.29 13.39
CA ASP D 64 3.40 -16.88 12.01
C ASP D 64 4.30 -17.95 11.41
N TRP D 65 5.10 -17.59 10.40
CA TRP D 65 6.15 -18.49 9.92
C TRP D 65 7.17 -17.66 9.14
N GLN D 66 8.21 -18.33 8.67
CA GLN D 66 9.46 -17.65 8.35
C GLN D 66 9.60 -17.27 6.88
N LEU D 67 8.73 -17.77 6.01
CA LEU D 67 8.81 -17.41 4.59
C LEU D 67 8.77 -15.90 4.42
N GLU D 68 9.74 -15.39 3.68
CA GLU D 68 9.90 -13.96 3.41
C GLU D 68 9.37 -13.65 2.03
N ASP D 69 8.91 -12.42 1.85
CA ASP D 69 8.35 -12.05 0.56
C ASP D 69 9.42 -12.05 -0.53
N GLU D 70 10.59 -11.44 -0.26
CA GLU D 70 11.66 -11.49 -1.26
C GLU D 70 11.97 -12.93 -1.63
N ILE D 71 11.96 -13.84 -0.65
CA ILE D 71 12.09 -15.25 -0.97
C ILE D 71 10.84 -15.77 -1.67
N ARG D 72 9.65 -15.46 -1.13
CA ARG D 72 8.44 -16.09 -1.64
C ARG D 72 8.15 -15.69 -3.09
N ASP D 73 8.10 -14.39 -3.37
CA ASP D 73 7.72 -13.95 -4.71
C ASP D 73 8.75 -14.30 -5.77
N ASP D 74 9.94 -14.77 -5.39
CA ASP D 74 11.01 -15.04 -6.36
C ASP D 74 10.71 -16.32 -7.12
N PRO D 75 10.54 -16.26 -8.45
CA PRO D 75 10.19 -17.47 -9.20
C PRO D 75 11.29 -18.51 -9.25
N ALA D 76 12.57 -18.09 -9.21
CA ALA D 76 13.65 -19.06 -9.33
C ALA D 76 13.74 -19.98 -8.12
N MET D 77 13.30 -19.51 -6.96
CA MET D 77 13.34 -20.28 -5.73
C MET D 77 12.03 -20.98 -5.41
N ARG D 78 10.98 -20.69 -6.17
CA ARG D 78 9.63 -21.12 -5.81
C ARG D 78 9.56 -22.61 -5.50
N GLU D 79 10.23 -23.43 -6.31
CA GLU D 79 10.16 -24.88 -6.14
C GLU D 79 10.91 -25.38 -4.91
N HIS D 80 11.86 -24.59 -4.38
CA HIS D 80 12.65 -25.01 -3.24
C HIS D 80 12.07 -24.55 -1.91
N ILE D 81 10.95 -23.83 -1.93
CA ILE D 81 10.31 -23.35 -0.71
C ILE D 81 9.50 -24.47 -0.11
N PRO D 82 9.75 -24.86 1.14
CA PRO D 82 8.92 -25.89 1.77
C PRO D 82 7.56 -25.34 2.13
N ALA D 83 6.55 -26.19 2.01
CA ALA D 83 5.19 -25.78 2.32
C ALA D 83 5.06 -25.46 3.80
N PHE D 84 4.10 -24.60 4.12
CA PHE D 84 3.78 -24.36 5.52
C PHE D 84 3.24 -25.65 6.14
N ASP D 85 3.98 -26.20 7.09
CA ASP D 85 3.54 -27.37 7.84
C ASP D 85 3.22 -26.91 9.25
N PRO D 86 1.96 -27.00 9.69
CA PRO D 86 1.63 -26.53 11.04
C PRO D 86 2.35 -27.28 12.15
N LEU D 87 2.90 -28.45 11.87
CA LEU D 87 3.64 -29.22 12.85
C LEU D 87 5.14 -29.02 12.76
N ARG D 88 5.64 -28.35 11.72
CA ARG D 88 7.08 -28.33 11.48
C ARG D 88 7.63 -26.93 11.20
N SER D 89 6.83 -26.05 10.61
CA SER D 89 7.29 -24.71 10.28
C SER D 89 7.58 -23.94 11.57
N ARG D 90 8.83 -23.49 11.73
CA ARG D 90 9.18 -22.76 12.94
C ARG D 90 8.55 -21.38 12.93
N SER D 91 8.36 -20.84 14.14
CA SER D 91 7.75 -19.52 14.29
C SER D 91 8.64 -18.45 13.70
N ILE D 92 8.01 -17.36 13.24
CA ILE D 92 8.78 -16.23 12.76
C ILE D 92 9.63 -15.69 13.91
N ARG D 93 10.88 -15.37 13.60
CA ARG D 93 11.83 -15.02 14.65
C ARG D 93 11.65 -13.58 15.14
N ASP D 94 11.01 -12.72 14.35
CA ASP D 94 10.73 -11.36 14.79
C ASP D 94 9.72 -11.30 15.92
N ASN D 95 9.04 -12.41 16.23
CA ASN D 95 8.14 -12.46 17.36
C ASN D 95 8.82 -12.98 18.63
N GLY D 96 10.13 -13.20 18.58
CA GLY D 96 10.86 -13.65 19.75
C GLY D 96 10.69 -15.12 20.02
N PHE D 97 11.42 -15.57 21.04
CA PHE D 97 11.44 -17.01 21.35
C PHE D 97 10.10 -17.51 21.86
N TRP D 98 9.29 -16.63 22.46
CA TRP D 98 8.09 -17.06 23.18
C TRP D 98 7.15 -17.95 22.37
N PRO D 99 6.69 -17.57 21.17
CA PRO D 99 5.83 -18.49 20.42
C PRO D 99 6.50 -19.82 20.10
N GLU D 100 7.79 -19.80 19.74
CA GLU D 100 8.49 -21.03 19.46
C GLU D 100 8.65 -21.87 20.72
N LEU D 101 8.87 -21.22 21.87
CA LEU D 101 8.90 -21.92 23.15
C LEU D 101 7.61 -22.71 23.34
N ILE D 102 6.47 -22.07 23.17
CA ILE D 102 5.18 -22.75 23.28
C ILE D 102 5.09 -23.88 22.26
N ARG D 103 5.36 -23.56 20.99
CA ARG D 103 5.12 -24.51 19.91
C ARG D 103 5.93 -25.80 20.08
N THR D 104 7.14 -25.69 20.61
CA THR D 104 7.99 -26.86 20.80
C THR D 104 7.78 -27.56 22.14
N THR D 105 6.88 -27.04 22.97
CA THR D 105 6.53 -27.73 24.21
C THR D 105 5.65 -28.92 23.89
N PRO D 106 5.91 -30.09 24.49
CA PRO D 106 5.07 -31.27 24.21
C PRO D 106 3.60 -30.99 24.50
N GLY D 107 2.75 -31.35 23.55
CA GLY D 107 1.32 -31.16 23.65
C GLY D 107 0.81 -29.93 22.95
N ALA D 108 1.69 -28.99 22.61
CA ALA D 108 1.26 -27.75 21.98
C ALA D 108 0.70 -28.03 20.59
N LEU D 109 -0.24 -27.18 20.18
CA LEU D 109 -0.86 -27.26 18.87
C LEU D 109 -0.70 -25.94 18.15
N ARG D 110 -0.75 -25.99 16.83
CA ARG D 110 -0.52 -24.82 16.00
C ARG D 110 -1.56 -24.79 14.89
N SER D 111 -2.15 -23.61 14.65
CA SER D 111 -3.25 -23.50 13.73
C SER D 111 -2.76 -23.37 12.29
N ALA D 112 -3.70 -23.45 11.35
CA ALA D 112 -3.38 -23.74 9.96
C ALA D 112 -3.16 -22.51 9.09
N SER D 113 -3.67 -21.34 9.48
CA SER D 113 -3.53 -20.16 8.63
C SER D 113 -2.12 -19.59 8.75
N PRO D 114 -1.26 -19.78 7.73
CA PRO D 114 0.19 -19.59 7.91
C PRO D 114 0.60 -18.27 8.54
N GLY D 115 0.31 -17.15 7.87
CA GLY D 115 0.74 -15.86 8.39
C GLY D 115 0.12 -15.50 9.72
N ALA D 116 -1.09 -16.00 9.99
CA ALA D 116 -1.79 -15.69 11.23
C ALA D 116 -1.72 -16.83 12.25
N SER D 117 -0.84 -17.81 12.03
CA SER D 117 -0.90 -19.04 12.81
C SER D 117 -0.50 -18.79 14.26
N MET D 118 -1.21 -19.44 15.17
CA MET D 118 -1.00 -19.31 16.59
C MET D 118 -0.66 -20.67 17.18
N ALA D 119 0.20 -20.65 18.21
CA ALA D 119 0.53 -21.84 18.97
C ALA D 119 -0.19 -21.79 20.31
N ALA D 120 -0.71 -22.94 20.74
CA ALA D 120 -1.50 -23.01 21.96
C ALA D 120 -1.17 -24.27 22.73
N ILE D 121 -1.17 -24.16 24.06
CA ILE D 121 -0.99 -25.29 24.95
C ILE D 121 -1.95 -25.13 26.11
N GLY D 122 -2.61 -26.22 26.49
CA GLY D 122 -3.55 -26.20 27.59
C GLY D 122 -4.80 -26.99 27.23
N GLY D 123 -5.81 -26.85 28.10
CA GLY D 123 -6.97 -27.71 28.03
C GLY D 123 -7.86 -27.49 26.81
N GLU D 124 -7.86 -26.27 26.27
CA GLU D 124 -8.65 -25.96 25.10
C GLU D 124 -7.77 -25.61 23.89
N ALA D 125 -6.56 -26.18 23.85
CA ALA D 125 -5.63 -25.86 22.77
C ALA D 125 -6.14 -26.36 21.43
N GLU D 126 -6.89 -27.46 21.41
CA GLU D 126 -7.43 -27.94 20.14
C GLU D 126 -8.52 -27.02 19.63
N TRP D 127 -9.43 -26.59 20.51
CA TRP D 127 -10.49 -25.68 20.10
C TRP D 127 -9.92 -24.37 19.56
N PHE D 128 -8.96 -23.78 20.28
CA PHE D 128 -8.42 -22.49 19.86
C PHE D 128 -7.73 -22.57 18.50
N THR D 129 -7.12 -23.70 18.18
CA THR D 129 -6.33 -23.83 16.96
C THR D 129 -7.09 -24.46 15.80
N ALA D 130 -8.25 -25.06 16.06
CA ALA D 130 -8.99 -25.74 15.00
C ALA D 130 -9.77 -24.73 14.14
N ASP D 131 -10.01 -25.13 12.90
CA ASP D 131 -10.86 -24.38 11.97
C ASP D 131 -10.41 -22.92 11.85
N HIS D 132 -9.11 -22.73 11.69
CA HIS D 132 -8.55 -21.40 11.47
C HIS D 132 -8.64 -21.10 9.98
N ALA D 133 -9.46 -20.11 9.62
CA ALA D 133 -9.69 -19.79 8.22
C ALA D 133 -8.39 -19.38 7.54
N LEU D 134 -8.13 -19.97 6.38
CA LEU D 134 -6.93 -19.62 5.63
C LEU D 134 -7.01 -18.18 5.12
N ASP D 135 -8.15 -17.81 4.54
CA ASP D 135 -8.41 -16.43 4.17
C ASP D 135 -9.02 -15.69 5.34
N TYR D 136 -8.63 -14.43 5.49
CA TYR D 136 -9.12 -13.56 6.57
C TYR D 136 -8.91 -14.23 7.94
N GLY D 137 -7.70 -14.74 8.15
CA GLY D 137 -7.33 -15.44 9.35
C GLY D 137 -7.15 -14.59 10.57
N TYR D 138 -7.48 -13.30 10.48
CA TYR D 138 -7.55 -12.44 11.65
C TYR D 138 -8.99 -12.09 12.01
N GLY D 139 -9.96 -12.73 11.35
CA GLY D 139 -11.36 -12.52 11.64
C GLY D 139 -11.84 -13.41 12.77
N PRO D 140 -13.13 -13.52 12.92
CA PRO D 140 -13.68 -14.37 13.95
C PRO D 140 -13.28 -15.82 13.86
N ARG D 141 -13.14 -16.34 12.67
CA ARG D 141 -12.77 -17.75 12.47
C ARG D 141 -11.25 -17.89 12.63
N SER D 142 -10.80 -17.66 13.85
CA SER D 142 -9.37 -17.64 14.16
C SER D 142 -9.21 -17.82 15.66
N PRO D 143 -7.99 -18.12 16.12
CA PRO D 143 -7.75 -18.14 17.58
C PRO D 143 -7.97 -16.78 18.24
N LEU D 144 -7.77 -15.69 17.51
CA LEU D 144 -8.06 -14.37 18.06
C LEU D 144 -9.56 -14.20 18.32
N GLY D 145 -10.39 -14.58 17.34
CA GLY D 145 -11.82 -14.50 17.54
C GLY D 145 -12.32 -15.44 18.61
N LYS D 146 -11.66 -16.59 18.78
CA LYS D 146 -12.03 -17.51 19.84
C LYS D 146 -11.54 -17.02 21.20
N LEU D 147 -10.48 -16.21 21.24
CA LEU D 147 -10.07 -15.59 22.49
C LEU D 147 -11.13 -14.64 23.01
N VAL D 148 -11.79 -13.91 22.11
CA VAL D 148 -12.86 -13.00 22.51
C VAL D 148 -14.08 -13.79 23.00
N GLU D 149 -14.52 -14.77 22.20
CA GLU D 149 -15.68 -15.57 22.58
C GLU D 149 -15.47 -16.24 23.94
N ALA D 150 -14.25 -16.69 24.22
CA ALA D 150 -13.94 -17.31 25.50
C ALA D 150 -13.73 -16.30 26.61
N LYS D 151 -13.80 -15.00 26.30
CA LYS D 151 -13.45 -13.95 27.25
C LYS D 151 -12.04 -14.19 27.82
N GLY D 152 -11.09 -14.38 26.90
CA GLY D 152 -9.72 -14.58 27.27
C GLY D 152 -9.04 -13.29 27.66
N LYS D 153 -7.72 -13.35 27.74
CA LYS D 153 -6.92 -12.20 28.15
C LYS D 153 -5.68 -12.12 27.28
N VAL D 154 -5.12 -10.91 27.20
CA VAL D 154 -3.85 -10.68 26.51
C VAL D 154 -2.86 -10.19 27.54
N LEU D 155 -1.71 -10.86 27.62
CA LEU D 155 -0.61 -10.46 28.49
C LEU D 155 0.54 -9.98 27.64
N MET D 156 0.90 -8.70 27.78
CA MET D 156 2.11 -8.16 27.17
C MET D 156 3.23 -8.28 28.20
N LEU D 157 4.02 -9.34 28.07
CA LEU D 157 5.07 -9.64 29.04
C LEU D 157 6.35 -8.94 28.61
N GLY D 158 6.49 -7.68 29.00
CA GLY D 158 7.61 -6.85 28.60
C GLY D 158 7.60 -6.39 27.16
N ALA D 159 6.67 -6.89 26.35
CA ALA D 159 6.67 -6.59 24.93
C ALA D 159 6.18 -5.16 24.67
N PRO D 160 6.64 -4.53 23.59
CA PRO D 160 6.08 -3.25 23.19
C PRO D 160 4.59 -3.39 22.90
N LEU D 161 3.83 -2.36 23.26
CA LEU D 161 2.37 -2.46 23.25
C LEU D 161 1.80 -2.56 21.85
N ASP D 162 2.53 -2.11 20.83
CA ASP D 162 2.01 -2.18 19.46
C ASP D 162 2.19 -3.55 18.84
N THR D 163 2.72 -4.53 19.58
CA THR D 163 2.76 -5.91 19.12
C THR D 163 1.52 -6.70 19.55
N MET D 164 0.50 -6.03 20.08
CA MET D 164 -0.72 -6.72 20.46
C MET D 164 -1.51 -7.12 19.22
N THR D 165 -1.29 -8.35 18.74
CA THR D 165 -1.89 -8.82 17.49
C THR D 165 -3.41 -8.84 17.56
N LEU D 166 -3.99 -8.96 18.76
CA LEU D 166 -5.44 -9.01 18.87
C LEU D 166 -6.09 -7.78 18.27
N LEU D 167 -5.39 -6.64 18.24
CA LEU D 167 -5.96 -5.44 17.66
C LEU D 167 -6.08 -5.53 16.15
N ALA D 168 -5.32 -6.43 15.51
CA ALA D 168 -5.54 -6.70 14.10
C ALA D 168 -6.87 -7.40 13.88
N HIS D 169 -7.34 -8.16 14.86
CA HIS D 169 -8.69 -8.72 14.80
C HIS D 169 -9.74 -7.61 14.90
N ALA D 170 -9.45 -6.55 15.66
CA ALA D 170 -10.36 -5.42 15.70
C ALA D 170 -10.38 -4.69 14.36
N GLU D 171 -9.22 -4.56 13.71
CA GLU D 171 -9.17 -4.00 12.36
C GLU D 171 -10.06 -4.78 11.41
N HIS D 172 -10.04 -6.11 11.51
CA HIS D 172 -10.90 -6.92 10.66
C HIS D 172 -12.37 -6.63 10.93
N LEU D 173 -12.75 -6.52 12.21
CA LEU D 173 -14.15 -6.35 12.55
C LEU D 173 -14.65 -4.94 12.25
N ALA D 174 -13.78 -3.94 12.35
CA ALA D 174 -14.24 -2.55 12.35
C ALA D 174 -14.69 -2.14 10.96
N ASP D 175 -15.87 -1.51 10.89
CA ASP D 175 -16.43 -1.00 9.64
C ASP D 175 -15.89 0.41 9.43
N PHE D 176 -14.87 0.54 8.60
CA PHE D 176 -14.37 1.85 8.18
C PHE D 176 -13.96 1.77 6.71
N PRO D 177 -13.94 2.90 6.01
CA PRO D 177 -13.76 2.86 4.55
C PRO D 177 -12.37 2.48 4.11
N ASN D 178 -12.30 1.85 2.94
CA ASN D 178 -11.06 1.70 2.17
C ASN D 178 -10.04 0.80 2.87
N LYS D 179 -10.49 -0.27 3.51
CA LYS D 179 -9.55 -1.24 4.04
C LYS D 179 -8.78 -1.87 2.88
N ARG D 180 -7.45 -1.89 2.99
CA ARG D 180 -6.67 -2.50 1.93
C ARG D 180 -6.80 -4.02 2.00
N ILE D 181 -7.18 -4.62 0.88
CA ILE D 181 -7.30 -6.06 0.78
C ILE D 181 -6.02 -6.59 0.16
N LEU D 182 -5.37 -7.51 0.86
CA LEU D 182 -4.10 -8.08 0.45
C LEU D 182 -4.34 -9.41 -0.24
N ARG D 183 -3.57 -9.67 -1.29
CA ARG D 183 -3.64 -10.96 -1.98
C ARG D 183 -2.23 -11.43 -2.25
N TYR D 184 -1.92 -12.64 -1.77
CA TYR D 184 -0.62 -13.26 -1.95
C TYR D 184 -0.83 -14.75 -2.15
N GLU D 185 0.25 -15.43 -2.52
CA GLU D 185 0.18 -16.85 -2.81
C GLU D 185 1.32 -17.56 -2.10
N ALA D 186 1.00 -18.62 -1.37
CA ALA D 186 1.95 -19.29 -0.50
C ALA D 186 1.74 -20.79 -0.56
N PRO D 187 2.81 -21.58 -0.36
CA PRO D 187 2.67 -23.04 -0.43
C PRO D 187 2.20 -23.61 0.90
N ILE D 188 1.20 -24.49 0.84
CA ILE D 188 0.73 -25.21 2.01
C ILE D 188 0.67 -26.70 1.68
N LEU D 189 0.07 -27.48 2.56
CA LEU D 189 -0.04 -28.93 2.39
C LEU D 189 -1.51 -29.27 2.21
N VAL D 190 -1.86 -29.75 1.01
CA VAL D 190 -3.18 -30.30 0.74
C VAL D 190 -3.04 -31.81 0.60
N ASP D 191 -3.74 -32.54 1.46
CA ASP D 191 -3.73 -34.01 1.46
C ASP D 191 -2.30 -34.54 1.46
N GLY D 192 -1.41 -33.83 2.17
CA GLY D 192 -0.05 -34.27 2.40
C GLY D 192 0.97 -33.83 1.39
N GLU D 193 0.62 -32.99 0.42
CA GLU D 193 1.53 -32.60 -0.64
C GLU D 193 1.57 -31.09 -0.80
N LYS D 194 2.72 -30.59 -1.22
CA LYS D 194 2.92 -29.17 -1.38
C LYS D 194 2.04 -28.63 -2.51
N VAL D 195 1.23 -27.62 -2.19
CA VAL D 195 0.35 -26.96 -3.16
C VAL D 195 0.44 -25.46 -2.92
N TRP D 196 0.62 -24.70 -4.00
CA TRP D 196 0.58 -23.26 -3.90
C TRP D 196 -0.87 -22.79 -3.92
N ARG D 197 -1.18 -21.83 -3.06
CA ARG D 197 -2.55 -21.37 -2.87
C ARG D 197 -2.57 -19.85 -2.74
N TRP D 198 -3.51 -19.21 -3.43
CA TRP D 198 -3.68 -17.77 -3.29
C TRP D 198 -4.51 -17.47 -2.05
N PHE D 199 -4.06 -16.46 -1.29
CA PHE D 199 -4.69 -16.04 -0.06
C PHE D 199 -5.22 -14.63 -0.20
N GLU D 200 -6.18 -14.26 0.65
CA GLU D 200 -6.54 -12.86 0.79
C GLU D 200 -7.01 -12.59 2.21
N GLU D 201 -6.69 -11.39 2.68
CA GLU D 201 -6.97 -10.92 4.02
C GLU D 201 -6.87 -9.40 4.00
N PHE D 202 -7.38 -8.77 5.06
CA PHE D 202 -7.08 -7.36 5.26
C PHE D 202 -5.62 -7.21 5.65
N ASP D 203 -4.99 -6.14 5.15
CA ASP D 203 -3.56 -5.94 5.39
C ASP D 203 -3.29 -5.72 6.87
N THR D 204 -2.38 -6.52 7.43
CA THR D 204 -1.94 -6.37 8.81
C THR D 204 -0.53 -5.80 8.92
N SER D 205 0.26 -5.80 7.84
CA SER D 205 1.63 -5.31 7.93
C SER D 205 1.70 -3.79 7.95
N ASP D 206 0.76 -3.11 7.31
CA ASP D 206 0.71 -1.66 7.31
C ASP D 206 -0.60 -1.18 7.91
N PRO D 207 -0.59 -0.02 8.59
CA PRO D 207 -1.82 0.51 9.17
C PRO D 207 -2.76 1.01 8.09
N PRO D 208 -4.03 1.26 8.42
CA PRO D 208 -4.89 1.97 7.48
C PRO D 208 -4.28 3.33 7.14
N ASP D 209 -4.37 3.71 5.87
CA ASP D 209 -3.74 4.96 5.43
C ASP D 209 -4.25 6.12 6.26
N GLY D 210 -3.35 6.80 6.94
CA GLY D 210 -3.68 7.89 7.83
C GLY D 210 -3.36 7.64 9.29
N LEU D 211 -2.85 6.46 9.62
CA LEU D 211 -2.47 6.14 10.99
C LEU D 211 -1.01 5.70 11.03
N ALA D 212 -0.37 5.91 12.18
CA ALA D 212 1.04 5.60 12.29
C ALA D 212 1.25 4.10 12.46
N ASP D 213 2.49 3.67 12.24
CA ASP D 213 2.82 2.25 12.30
C ASP D 213 2.54 1.66 13.67
N ASP D 214 2.53 2.47 14.72
CA ASP D 214 2.41 1.99 16.09
C ASP D 214 1.14 2.50 16.77
N TYR D 215 0.09 2.77 15.99
CA TYR D 215 -1.14 3.28 16.60
C TYR D 215 -1.80 2.26 17.50
N PHE D 216 -1.46 0.97 17.35
CA PHE D 216 -1.89 -0.03 18.31
C PHE D 216 -1.52 0.36 19.73
N ALA D 217 -0.29 0.86 19.91
CA ALA D 217 0.18 1.24 21.24
C ALA D 217 -0.71 2.33 21.84
N GLY D 218 -1.04 3.35 21.05
CA GLY D 218 -1.89 4.42 21.56
C GLY D 218 -3.27 3.93 21.96
N ILE D 219 -3.82 2.97 21.22
CA ILE D 219 -5.12 2.40 21.58
C ILE D 219 -5.01 1.68 22.92
N VAL D 220 -3.95 0.89 23.11
CA VAL D 220 -3.78 0.15 24.35
C VAL D 220 -3.67 1.12 25.53
N GLU D 221 -2.84 2.16 25.37
CA GLU D 221 -2.66 3.12 26.45
C GLU D 221 -3.95 3.86 26.76
N GLU D 222 -4.77 4.14 25.74
CA GLU D 222 -6.05 4.79 25.98
C GLU D 222 -7.01 3.85 26.71
N PHE D 223 -7.01 2.57 26.36
CA PHE D 223 -7.85 1.60 27.05
C PHE D 223 -7.45 1.49 28.52
N LEU D 224 -6.14 1.42 28.79
CA LEU D 224 -5.68 1.40 30.17
C LEU D 224 -6.07 2.66 30.92
N ALA D 225 -6.12 3.80 30.21
CA ALA D 225 -6.51 5.05 30.85
C ALA D 225 -7.94 5.00 31.38
N THR D 226 -8.79 4.13 30.83
CA THR D 226 -10.13 3.97 31.36
C THR D 226 -10.16 3.19 32.67
N GLY D 227 -9.02 2.67 33.12
CA GLY D 227 -8.99 1.90 34.34
C GLY D 227 -9.33 0.44 34.17
N ARG D 228 -9.67 0.01 32.97
CA ARG D 228 -9.72 -1.42 32.68
C ARG D 228 -8.31 -1.92 32.40
N GLY D 229 -8.11 -3.21 32.61
CA GLY D 229 -6.78 -3.77 32.49
C GLY D 229 -5.95 -3.49 33.73
N LYS D 230 -4.71 -3.98 33.70
CA LYS D 230 -3.89 -4.02 34.90
C LYS D 230 -2.43 -4.04 34.50
N ARG D 231 -1.62 -3.24 35.18
CA ARG D 231 -0.18 -3.23 34.97
C ARG D 231 0.52 -3.90 36.14
N GLY D 232 1.70 -4.43 35.89
CA GLY D 232 2.43 -5.13 36.93
C GLY D 232 3.68 -5.76 36.38
N LYS D 233 4.52 -6.20 37.31
CA LYS D 233 5.83 -6.75 37.01
C LYS D 233 5.77 -8.28 37.01
N ILE D 234 6.14 -8.89 35.90
CA ILE D 234 6.42 -10.31 35.83
C ILE D 234 7.93 -10.47 35.81
N GLY D 235 8.49 -10.95 36.90
CA GLY D 235 9.94 -10.91 37.04
C GLY D 235 10.37 -9.46 37.10
N GLU D 236 11.26 -9.07 36.19
CA GLU D 236 11.69 -7.68 36.08
C GLU D 236 11.06 -6.97 34.89
N ALA D 237 10.12 -7.60 34.21
CA ALA D 237 9.55 -7.08 32.97
C ALA D 237 8.22 -6.37 33.26
N SER D 238 8.15 -5.08 32.93
CA SER D 238 6.90 -4.35 33.03
C SER D 238 5.88 -4.95 32.08
N SER D 239 4.70 -5.30 32.60
CA SER D 239 3.75 -6.10 31.85
C SER D 239 2.34 -5.55 32.01
N VAL D 240 1.49 -5.90 31.04
CA VAL D 240 0.11 -5.43 30.99
C VAL D 240 -0.79 -6.62 30.71
N LEU D 241 -1.86 -6.74 31.48
CA LEU D 241 -2.90 -7.75 31.25
C LEU D 241 -4.19 -7.03 30.92
N VAL D 242 -4.76 -7.35 29.76
CA VAL D 242 -6.02 -6.74 29.33
C VAL D 242 -7.03 -7.83 29.00
N PRO D 243 -8.32 -7.61 29.26
CA PRO D 243 -9.33 -8.58 28.83
C PRO D 243 -9.57 -8.48 27.32
N ALA D 244 -9.61 -9.63 26.66
CA ALA D 244 -9.65 -9.65 25.19
C ALA D 244 -10.95 -9.06 24.66
N ASP D 245 -12.09 -9.45 25.26
CA ASP D 245 -13.38 -8.98 24.75
C ASP D 245 -13.50 -7.46 24.86
N GLU D 246 -13.00 -6.89 25.95
CA GLU D 246 -13.16 -5.46 26.19
C GLU D 246 -12.23 -4.62 25.30
N ILE D 247 -10.98 -5.06 25.14
CA ILE D 247 -10.05 -4.27 24.35
C ILE D 247 -10.46 -4.27 22.88
N VAL D 248 -11.06 -5.36 22.40
CA VAL D 248 -11.51 -5.41 21.02
C VAL D 248 -12.69 -4.47 20.82
N ALA D 249 -13.68 -4.53 21.70
CA ALA D 249 -14.83 -3.64 21.61
C ALA D 249 -14.40 -2.18 21.64
N PHE D 250 -13.41 -1.87 22.49
CA PHE D 250 -12.90 -0.50 22.56
C PHE D 250 -12.19 -0.10 21.28
N ALA D 251 -11.35 -0.99 20.73
CA ALA D 251 -10.59 -0.65 19.53
C ALA D 251 -11.49 -0.53 18.31
N VAL D 252 -12.54 -1.36 18.23
CA VAL D 252 -13.48 -1.26 17.13
C VAL D 252 -14.20 0.08 17.17
N ASP D 253 -14.65 0.49 18.37
CA ASP D 253 -15.25 1.82 18.52
C ASP D 253 -14.27 2.91 18.08
N TRP D 254 -13.02 2.81 18.53
CA TRP D 254 -12.00 3.78 18.16
C TRP D 254 -11.85 3.86 16.64
N LEU D 255 -11.77 2.70 15.98
CA LEU D 255 -11.55 2.68 14.54
C LEU D 255 -12.79 3.14 13.78
N GLU D 256 -13.98 2.78 14.26
CA GLU D 256 -15.19 3.15 13.53
C GLU D 256 -15.47 4.64 13.66
N ARG D 257 -15.21 5.22 14.83
CA ARG D 257 -15.33 6.67 14.98
C ARG D 257 -14.34 7.40 14.08
N TRP D 258 -13.13 6.85 13.96
CA TRP D 258 -12.11 7.49 13.13
C TRP D 258 -12.47 7.44 11.66
N GLY D 259 -13.04 6.32 11.20
CA GLY D 259 -13.46 6.21 9.81
C GLY D 259 -14.62 7.10 9.45
N ARG D 260 -15.45 7.48 10.42
CA ARG D 260 -16.57 8.37 10.19
C ARG D 260 -16.13 9.83 10.06
N THR D 261 -14.85 10.13 10.32
CA THR D 261 -14.36 11.49 10.12
C THR D 261 -13.96 11.78 8.68
N ALA D 262 -13.92 10.77 7.82
CA ALA D 262 -13.65 10.97 6.40
C ALA D 262 -14.71 11.87 5.78
N ARG E 4 25.58 -17.25 -3.03
CA ARG E 4 25.09 -18.59 -3.34
C ARG E 4 24.13 -19.08 -2.26
N VAL E 5 22.96 -19.52 -2.69
CA VAL E 5 21.91 -20.00 -1.79
C VAL E 5 21.86 -21.52 -1.84
N SER E 6 21.71 -22.13 -0.68
CA SER E 6 21.55 -23.57 -0.59
C SER E 6 20.07 -23.94 -0.60
N THR E 7 19.78 -25.13 -1.12
CA THR E 7 18.42 -25.67 -1.15
C THR E 7 18.44 -27.08 -0.57
N ARG E 8 17.25 -27.65 -0.40
CA ARG E 8 17.17 -29.03 0.05
C ARG E 8 17.83 -29.97 -0.96
N SER E 9 17.69 -29.66 -2.25
CA SER E 9 18.38 -30.44 -3.27
C SER E 9 19.88 -30.19 -3.24
N SER E 10 20.27 -28.91 -3.26
CA SER E 10 21.68 -28.56 -3.30
C SER E 10 22.45 -29.12 -2.10
N LEU E 11 21.85 -29.04 -0.91
CA LEU E 11 22.50 -29.58 0.27
C LEU E 11 22.61 -31.09 0.22
N ALA E 12 21.64 -31.77 -0.41
CA ALA E 12 21.74 -33.21 -0.57
C ALA E 12 22.88 -33.59 -1.51
N GLU E 13 23.14 -32.78 -2.53
CA GLU E 13 24.28 -33.02 -3.39
C GLU E 13 25.59 -32.89 -2.62
N ASP E 14 25.70 -31.83 -1.81
CA ASP E 14 26.92 -31.60 -1.04
C ASP E 14 27.17 -32.73 -0.05
N LEU E 15 26.12 -33.22 0.61
CA LEU E 15 26.29 -34.28 1.58
C LEU E 15 26.68 -35.59 0.92
N ARG E 16 26.14 -35.86 -0.27
CA ARG E 16 26.57 -37.04 -1.01
C ARG E 16 28.02 -36.92 -1.43
N ALA E 17 28.43 -35.71 -1.84
CA ALA E 17 29.80 -35.51 -2.30
C ALA E 17 30.81 -35.76 -1.19
N ILE E 18 30.47 -35.44 0.06
CA ILE E 18 31.41 -35.66 1.15
C ILE E 18 31.36 -37.08 1.69
N GLY E 19 30.26 -37.80 1.51
CA GLY E 19 30.30 -39.24 1.75
C GLY E 19 29.15 -39.88 2.49
N LEU E 20 28.08 -39.13 2.74
CA LEU E 20 26.91 -39.71 3.40
C LEU E 20 26.11 -40.54 2.41
N ALA E 21 25.67 -41.72 2.84
CA ALA E 21 25.00 -42.67 1.97
C ALA E 21 23.83 -43.31 2.70
N ASP E 22 23.11 -44.17 1.98
CA ASP E 22 21.90 -44.81 2.50
C ASP E 22 22.21 -45.63 3.75
N GLY E 23 21.31 -45.55 4.73
CA GLY E 23 21.43 -46.31 5.96
C GLY E 23 22.42 -45.78 6.96
N ASP E 24 23.12 -44.70 6.65
CA ASP E 24 24.15 -44.18 7.53
C ASP E 24 23.54 -43.61 8.81
N ALA E 25 24.22 -43.84 9.93
CA ALA E 25 23.97 -43.11 11.16
C ALA E 25 25.08 -42.07 11.31
N VAL E 26 24.71 -40.81 11.47
CA VAL E 26 25.68 -39.72 11.51
C VAL E 26 25.38 -38.83 12.69
N LEU E 27 26.37 -38.64 13.55
CA LEU E 27 26.32 -37.62 14.60
C LEU E 27 26.88 -36.32 14.03
N VAL E 28 26.10 -35.25 14.12
CA VAL E 28 26.43 -33.99 13.47
C VAL E 28 26.72 -32.93 14.53
N HIS E 29 27.82 -32.21 14.35
CA HIS E 29 28.12 -30.99 15.10
C HIS E 29 28.19 -29.85 14.11
N ALA E 30 27.43 -28.78 14.35
CA ALA E 30 27.19 -27.78 13.33
C ALA E 30 27.45 -26.37 13.85
N ALA E 31 27.99 -25.54 12.96
CA ALA E 31 28.04 -24.09 13.08
C ALA E 31 27.19 -23.56 11.93
N LEU E 32 25.88 -23.46 12.16
CA LEU E 32 24.93 -23.32 11.05
C LEU E 32 25.13 -22.02 10.26
N ARG E 33 25.60 -20.96 10.91
CA ARG E 33 25.81 -19.71 10.17
C ARG E 33 26.81 -19.88 9.04
N LYS E 34 27.77 -20.78 9.21
CA LYS E 34 28.78 -21.03 8.19
C LYS E 34 28.18 -21.54 6.89
N VAL E 35 27.01 -22.16 6.95
CA VAL E 35 26.39 -22.71 5.75
C VAL E 35 25.97 -21.63 4.78
N GLY E 36 25.81 -20.40 5.25
CA GLY E 36 25.34 -19.33 4.40
C GLY E 36 23.83 -19.34 4.30
N LYS E 37 23.33 -18.76 3.21
CA LYS E 37 21.91 -18.61 3.01
C LYS E 37 21.27 -19.93 2.61
N ILE E 38 20.15 -20.26 3.25
CA ILE E 38 19.38 -21.47 2.95
C ILE E 38 17.92 -21.07 2.77
N VAL E 39 17.30 -21.54 1.68
CA VAL E 39 15.95 -21.10 1.35
C VAL E 39 14.97 -21.49 2.46
N GLY E 40 14.95 -22.76 2.83
CA GLY E 40 14.01 -23.21 3.84
C GLY E 40 14.58 -23.19 5.25
N GLY E 41 15.64 -22.42 5.45
CA GLY E 41 16.29 -22.35 6.74
C GLY E 41 17.07 -23.62 7.04
N PRO E 42 17.60 -23.72 8.25
CA PRO E 42 18.45 -24.88 8.59
C PRO E 42 17.72 -26.21 8.54
N ASP E 43 16.39 -26.22 8.66
CA ASP E 43 15.64 -27.47 8.53
C ASP E 43 15.90 -28.12 7.17
N ASP E 44 16.24 -27.33 6.15
CA ASP E 44 16.62 -27.88 4.87
C ASP E 44 17.80 -28.83 4.99
N ILE E 45 18.74 -28.54 5.89
CA ILE E 45 19.89 -29.41 6.09
C ILE E 45 19.43 -30.76 6.62
N LEU E 46 18.67 -30.75 7.72
CA LEU E 46 18.17 -32.01 8.27
C LEU E 46 17.36 -32.76 7.23
N ASP E 47 16.49 -32.07 6.49
CA ASP E 47 15.67 -32.72 5.48
C ASP E 47 16.53 -33.34 4.39
N ALA E 48 17.57 -32.63 3.94
CA ALA E 48 18.45 -33.18 2.91
C ALA E 48 19.19 -34.41 3.41
N MET E 49 19.67 -34.37 4.66
CA MET E 49 20.30 -35.53 5.26
C MET E 49 19.37 -36.74 5.21
N ARG E 50 18.10 -36.53 5.59
CA ARG E 50 17.14 -37.62 5.60
C ARG E 50 16.89 -38.16 4.20
N ASP E 51 16.92 -37.28 3.19
CA ASP E 51 16.85 -37.73 1.81
C ASP E 51 18.04 -38.62 1.46
N VAL E 52 19.24 -38.24 1.92
CA VAL E 52 20.43 -38.98 1.55
C VAL E 52 20.48 -40.33 2.25
N ILE E 53 20.34 -40.34 3.58
CA ILE E 53 20.50 -41.58 4.33
C ILE E 53 19.25 -42.44 4.31
N GLY E 54 18.10 -41.87 3.95
CA GLY E 54 16.88 -42.63 3.85
C GLY E 54 16.25 -42.92 5.19
N PRO E 55 15.07 -43.54 5.18
CA PRO E 55 14.34 -43.75 6.44
C PRO E 55 15.03 -44.69 7.41
N ALA E 56 15.96 -45.54 6.94
CA ALA E 56 16.69 -46.43 7.83
C ALA E 56 17.88 -45.75 8.48
N GLY E 57 18.32 -44.60 7.96
CA GLY E 57 19.41 -43.87 8.56
C GLY E 57 18.97 -43.08 9.77
N THR E 58 19.96 -42.56 10.50
CA THR E 58 19.70 -41.78 11.71
C THR E 58 20.63 -40.57 11.74
N VAL E 59 20.07 -39.43 12.16
CA VAL E 59 20.83 -38.21 12.38
C VAL E 59 20.80 -37.90 13.86
N LEU E 60 21.95 -37.50 14.42
CA LEU E 60 22.07 -37.26 15.84
C LEU E 60 22.68 -35.89 16.11
N GLY E 61 22.34 -35.33 17.26
CA GLY E 61 22.97 -34.13 17.75
C GLY E 61 23.18 -34.22 19.25
N TYR E 62 24.17 -33.47 19.73
CA TYR E 62 24.56 -33.51 21.14
C TYR E 62 23.72 -32.49 21.92
N ALA E 63 22.75 -32.99 22.70
CA ALA E 63 21.79 -32.11 23.34
C ALA E 63 22.33 -31.52 24.64
N ASP E 64 22.80 -32.36 25.56
CA ASP E 64 23.22 -31.92 26.90
C ASP E 64 21.98 -31.28 27.55
N TRP E 65 22.18 -30.34 28.48
CA TRP E 65 21.08 -29.50 28.95
C TRP E 65 21.68 -28.28 29.67
N GLN E 66 20.80 -27.44 30.20
CA GLN E 66 21.14 -26.05 30.53
C GLN E 66 21.35 -25.78 32.00
N LEU E 67 21.36 -26.79 32.86
CA LEU E 67 21.65 -26.55 34.27
C LEU E 67 23.12 -26.18 34.42
N GLU E 68 23.39 -24.99 34.97
CA GLU E 68 24.75 -24.57 35.25
C GLU E 68 25.20 -25.11 36.60
N ASP E 69 26.47 -25.48 36.68
CA ASP E 69 27.04 -25.91 37.97
C ASP E 69 26.82 -24.84 39.03
N GLU E 70 27.00 -23.58 38.65
CA GLU E 70 26.73 -22.40 39.48
C GLU E 70 25.40 -22.50 40.23
N ILE E 71 24.36 -22.86 39.50
CA ILE E 71 23.01 -22.99 40.02
C ILE E 71 22.80 -24.37 40.63
N ARG E 72 23.34 -25.38 39.93
CA ARG E 72 23.21 -26.76 40.37
C ARG E 72 23.77 -26.95 41.77
N ASP E 73 24.91 -26.32 42.07
CA ASP E 73 25.56 -26.45 43.36
C ASP E 73 25.11 -25.42 44.38
N ASP E 74 24.29 -24.47 43.97
CA ASP E 74 23.75 -23.45 44.85
C ASP E 74 22.65 -24.06 45.71
N PRO E 75 22.85 -24.15 47.03
CA PRO E 75 21.84 -24.81 47.87
C PRO E 75 20.52 -24.05 47.99
N ALA E 76 20.50 -22.73 47.77
CA ALA E 76 19.26 -22.00 47.99
C ALA E 76 18.28 -22.19 46.84
N MET E 77 18.77 -22.03 45.59
CA MET E 77 17.94 -22.22 44.39
C MET E 77 17.61 -23.70 44.12
N ARG E 78 18.00 -24.50 45.11
CA ARG E 78 17.96 -25.95 45.02
C ARG E 78 16.60 -26.48 44.61
N GLU E 79 15.56 -26.11 45.35
CA GLU E 79 14.24 -26.67 45.11
C GLU E 79 13.53 -26.04 43.92
N HIS E 80 14.07 -24.95 43.37
CA HIS E 80 13.47 -24.30 42.22
C HIS E 80 14.06 -24.78 40.90
N ILE E 81 14.99 -25.72 40.93
CA ILE E 81 15.64 -26.23 39.73
C ILE E 81 14.77 -27.34 39.16
N PRO E 82 14.23 -27.21 37.96
CA PRO E 82 13.47 -28.32 37.38
C PRO E 82 14.37 -29.52 37.10
N ALA E 83 13.83 -30.71 37.31
CA ALA E 83 14.57 -31.92 37.01
C ALA E 83 14.84 -32.01 35.52
N PHE E 84 15.89 -32.76 35.17
CA PHE E 84 16.12 -33.06 33.76
C PHE E 84 15.01 -33.95 33.26
N ASP E 85 14.30 -33.48 32.24
CA ASP E 85 13.25 -34.24 31.57
C ASP E 85 13.67 -34.44 30.12
N PRO E 86 13.98 -35.65 29.68
CA PRO E 86 14.47 -35.84 28.31
C PRO E 86 13.49 -35.37 27.25
N LEU E 87 12.20 -35.22 27.59
CA LEU E 87 11.21 -34.76 26.63
C LEU E 87 10.88 -33.28 26.76
N ARG E 88 11.42 -32.58 27.78
CA ARG E 88 11.12 -31.16 27.96
C ARG E 88 12.36 -30.29 28.07
N SER E 89 13.43 -30.79 28.69
CA SER E 89 14.62 -29.98 28.89
C SER E 89 15.22 -29.57 27.55
N ARG E 90 15.42 -28.26 27.37
CA ARG E 90 16.05 -27.79 26.16
C ARG E 90 17.53 -28.14 26.14
N SER E 91 18.07 -28.25 24.92
CA SER E 91 19.49 -28.51 24.73
C SER E 91 20.33 -27.35 25.25
N ILE E 92 21.55 -27.66 25.70
CA ILE E 92 22.47 -26.61 26.09
C ILE E 92 22.70 -25.70 24.89
N ARG E 93 22.69 -24.38 25.14
CA ARG E 93 22.79 -23.43 24.06
C ARG E 93 24.19 -23.37 23.48
N ASP E 94 25.20 -23.77 24.25
CA ASP E 94 26.60 -23.74 23.80
C ASP E 94 26.87 -24.69 22.65
N ASN E 95 25.97 -25.62 22.35
CA ASN E 95 26.14 -26.56 21.25
C ASN E 95 25.47 -26.08 19.96
N GLY E 96 24.95 -24.87 19.94
CA GLY E 96 24.29 -24.33 18.77
C GLY E 96 22.86 -24.78 18.65
N PHE E 97 22.18 -24.19 17.67
CA PHE E 97 20.77 -24.51 17.42
C PHE E 97 20.58 -25.95 16.95
N TRP E 98 21.61 -26.56 16.38
CA TRP E 98 21.42 -27.83 15.66
C TRP E 98 20.86 -28.95 16.52
N PRO E 99 21.35 -29.22 17.74
CA PRO E 99 20.71 -30.27 18.54
C PRO E 99 19.26 -29.93 18.89
N GLU E 100 18.98 -28.67 19.22
CA GLU E 100 17.59 -28.24 19.42
C GLU E 100 16.75 -28.51 18.18
N LEU E 101 17.30 -28.20 17.00
CA LEU E 101 16.58 -28.40 15.75
C LEU E 101 16.11 -29.84 15.62
N ILE E 102 17.02 -30.80 15.83
CA ILE E 102 16.65 -32.21 15.79
C ILE E 102 15.63 -32.51 16.88
N ARG E 103 15.93 -32.11 18.12
CA ARG E 103 15.10 -32.49 19.26
C ARG E 103 13.66 -32.00 19.12
N THR E 104 13.46 -30.85 18.49
CA THR E 104 12.12 -30.30 18.32
C THR E 104 11.47 -30.71 17.00
N THR E 105 12.13 -31.56 16.22
CA THR E 105 11.51 -32.09 15.01
C THR E 105 10.63 -33.28 15.38
N PRO E 106 9.38 -33.33 14.90
CA PRO E 106 8.51 -34.45 15.27
C PRO E 106 9.09 -35.78 14.82
N GLY E 107 9.00 -36.77 15.70
CA GLY E 107 9.63 -38.06 15.49
C GLY E 107 10.96 -38.22 16.19
N ALA E 108 11.56 -37.14 16.66
CA ALA E 108 12.86 -37.22 17.30
C ALA E 108 12.74 -37.72 18.73
N LEU E 109 13.85 -38.26 19.23
CA LEU E 109 13.93 -38.80 20.57
C LEU E 109 15.20 -38.27 21.24
N ARG E 110 15.25 -38.41 22.57
CA ARG E 110 16.38 -37.90 23.33
C ARG E 110 16.64 -38.82 24.52
N SER E 111 17.92 -39.08 24.78
CA SER E 111 18.33 -40.08 25.75
C SER E 111 18.27 -39.52 27.18
N ALA E 112 18.55 -40.39 28.16
CA ALA E 112 18.26 -40.09 29.55
C ALA E 112 19.46 -39.56 30.34
N SER E 113 20.69 -39.74 29.85
CA SER E 113 21.87 -39.30 30.59
C SER E 113 22.04 -37.79 30.42
N PRO E 114 21.67 -36.99 31.44
CA PRO E 114 21.48 -35.55 31.22
C PRO E 114 22.63 -34.83 30.52
N GLY E 115 23.81 -34.79 31.14
CA GLY E 115 24.92 -34.08 30.54
C GLY E 115 25.37 -34.65 29.22
N ALA E 116 25.25 -35.97 29.04
CA ALA E 116 25.71 -36.64 27.83
C ALA E 116 24.59 -36.91 26.83
N SER E 117 23.42 -36.32 27.03
CA SER E 117 22.24 -36.75 26.29
C SER E 117 22.30 -36.32 24.83
N MET E 118 21.83 -37.21 23.96
CA MET E 118 21.82 -37.00 22.52
C MET E 118 20.39 -37.00 22.01
N ALA E 119 20.14 -36.20 20.98
CA ALA E 119 18.89 -36.22 20.24
C ALA E 119 19.11 -36.96 18.93
N ALA E 120 18.14 -37.78 18.54
CA ALA E 120 18.28 -38.60 17.35
C ALA E 120 16.94 -38.70 16.64
N ILE E 121 17.01 -38.76 15.32
CA ILE E 121 15.84 -38.95 14.48
C ILE E 121 16.22 -39.84 13.31
N GLY E 122 15.34 -40.79 12.97
CA GLY E 122 15.57 -41.69 11.86
C GLY E 122 15.27 -43.12 12.25
N GLY E 123 15.75 -44.04 11.42
CA GLY E 123 15.35 -45.43 11.56
C GLY E 123 15.74 -46.05 12.89
N GLU E 124 16.92 -45.71 13.40
CA GLU E 124 17.42 -46.31 14.63
C GLU E 124 17.46 -45.32 15.79
N ALA E 125 16.63 -44.28 15.75
CA ALA E 125 16.61 -43.30 16.83
C ALA E 125 16.22 -43.96 18.16
N GLU E 126 15.33 -44.95 18.12
CA GLU E 126 14.96 -45.67 19.34
C GLU E 126 16.18 -46.33 19.96
N TRP E 127 16.93 -47.09 19.16
CA TRP E 127 18.04 -47.87 19.69
C TRP E 127 19.20 -46.98 20.14
N PHE E 128 19.43 -45.87 19.44
CA PHE E 128 20.54 -44.99 19.82
C PHE E 128 20.28 -44.32 21.16
N THR E 129 19.03 -43.96 21.45
CA THR E 129 18.69 -43.22 22.66
C THR E 129 18.29 -44.11 23.83
N ALA E 130 18.18 -45.43 23.62
CA ALA E 130 17.71 -46.31 24.68
C ALA E 130 18.86 -46.70 25.62
N ASP E 131 18.53 -46.80 26.90
CA ASP E 131 19.42 -47.36 27.92
C ASP E 131 20.76 -46.61 27.98
N HIS E 132 20.68 -45.28 27.97
CA HIS E 132 21.86 -44.44 28.10
C HIS E 132 22.26 -44.38 29.56
N ALA E 133 23.42 -44.95 29.89
CA ALA E 133 23.84 -45.05 31.29
C ALA E 133 23.93 -43.68 31.94
N LEU E 134 23.42 -43.59 33.17
CA LEU E 134 23.49 -42.33 33.91
C LEU E 134 24.93 -42.02 34.34
N ASP E 135 25.59 -42.99 34.97
CA ASP E 135 27.01 -42.85 35.26
C ASP E 135 27.84 -43.24 34.04
N TYR E 136 28.92 -42.51 33.81
CA TYR E 136 29.82 -42.74 32.68
C TYR E 136 29.04 -42.76 31.36
N GLY E 137 28.29 -41.69 31.12
CA GLY E 137 27.43 -41.59 29.95
C GLY E 137 28.14 -41.35 28.64
N TYR E 138 29.46 -41.53 28.62
CA TYR E 138 30.24 -41.47 27.39
C TYR E 138 30.89 -42.80 27.06
N GLY E 139 30.58 -43.85 27.82
CA GLY E 139 31.17 -45.15 27.61
C GLY E 139 30.39 -46.02 26.66
N PRO E 140 30.54 -47.34 26.78
CA PRO E 140 29.94 -48.25 25.78
C PRO E 140 28.43 -48.15 25.69
N ARG E 141 27.72 -48.11 26.81
CA ARG E 141 26.26 -48.07 26.79
C ARG E 141 25.79 -46.60 26.73
N SER E 142 26.05 -46.02 25.57
CA SER E 142 25.69 -44.63 25.28
C SER E 142 25.44 -44.53 23.78
N PRO E 143 24.87 -43.42 23.32
CA PRO E 143 24.77 -43.21 21.87
C PRO E 143 26.13 -43.19 21.20
N LEU E 144 27.19 -42.77 21.91
CA LEU E 144 28.51 -42.71 21.31
C LEU E 144 29.08 -44.12 21.10
N GLY E 145 28.90 -45.01 22.08
CA GLY E 145 29.34 -46.38 21.90
C GLY E 145 28.54 -47.10 20.81
N LYS E 146 27.25 -46.83 20.73
CA LYS E 146 26.42 -47.47 19.71
C LYS E 146 26.75 -46.95 18.32
N LEU E 147 27.17 -45.69 18.20
CA LEU E 147 27.61 -45.18 16.91
C LEU E 147 28.82 -45.93 16.40
N VAL E 148 29.71 -46.34 17.30
CA VAL E 148 30.86 -47.16 16.90
C VAL E 148 30.40 -48.55 16.48
N GLU E 149 29.51 -49.16 17.28
CA GLU E 149 29.04 -50.51 16.99
C GLU E 149 28.24 -50.57 15.70
N ALA E 150 27.50 -49.52 15.38
CA ALA E 150 26.79 -49.43 14.11
C ALA E 150 27.67 -49.00 12.96
N LYS E 151 28.94 -48.69 13.24
CA LYS E 151 29.87 -48.15 12.23
C LYS E 151 29.30 -46.88 11.60
N GLY E 152 28.89 -45.95 12.46
CA GLY E 152 28.33 -44.69 12.01
C GLY E 152 29.42 -43.71 11.66
N LYS E 153 29.02 -42.45 11.55
CA LYS E 153 29.91 -41.39 11.11
C LYS E 153 29.68 -40.14 11.95
N VAL E 154 30.67 -39.24 11.90
CA VAL E 154 30.57 -37.93 12.52
C VAL E 154 30.82 -36.89 11.43
N LEU E 155 29.90 -35.93 11.33
CA LEU E 155 30.03 -34.83 10.38
C LEU E 155 30.22 -33.54 11.16
N MET E 156 31.37 -32.89 10.97
CA MET E 156 31.61 -31.57 11.54
C MET E 156 31.18 -30.55 10.50
N LEU E 157 29.92 -30.11 10.61
CA LEU E 157 29.31 -29.20 9.63
C LEU E 157 29.70 -27.77 10.01
N GLY E 158 30.89 -27.36 9.57
CA GLY E 158 31.40 -26.05 9.86
C GLY E 158 31.87 -25.83 11.28
N ALA E 159 31.67 -26.79 12.17
CA ALA E 159 32.01 -26.66 13.57
C ALA E 159 33.51 -26.83 13.79
N PRO E 160 34.07 -26.17 14.82
CA PRO E 160 35.48 -26.39 15.15
C PRO E 160 35.73 -27.85 15.50
N LEU E 161 36.88 -28.35 15.07
CA LEU E 161 37.16 -29.78 15.17
C LEU E 161 37.25 -30.26 16.61
N ASP E 162 37.50 -29.38 17.58
CA ASP E 162 37.60 -29.81 18.96
C ASP E 162 36.26 -30.05 19.63
N THR E 163 35.15 -29.83 18.92
CA THR E 163 33.83 -30.14 19.48
C THR E 163 33.36 -31.53 19.09
N MET E 164 34.24 -32.38 18.57
CA MET E 164 33.86 -33.75 18.21
C MET E 164 33.67 -34.58 19.47
N THR E 165 32.45 -34.53 20.02
CA THR E 165 32.15 -35.20 21.29
C THR E 165 32.47 -36.69 21.26
N LEU E 166 32.50 -37.31 20.08
CA LEU E 166 32.78 -38.74 19.99
C LEU E 166 34.12 -39.10 20.63
N LEU E 167 35.10 -38.19 20.59
CA LEU E 167 36.41 -38.50 21.15
C LEU E 167 36.39 -38.59 22.67
N ALA E 168 35.34 -38.07 23.32
CA ALA E 168 35.17 -38.30 24.75
C ALA E 168 34.86 -39.76 25.05
N HIS E 169 34.29 -40.48 24.08
CA HIS E 169 34.14 -41.92 24.21
C HIS E 169 35.50 -42.62 24.11
N ALA E 170 36.42 -42.06 23.33
CA ALA E 170 37.78 -42.59 23.32
C ALA E 170 38.48 -42.34 24.64
N GLU E 171 38.30 -41.13 25.20
CA GLU E 171 38.86 -40.82 26.52
C GLU E 171 38.40 -41.85 27.55
N HIS E 172 37.13 -42.23 27.49
CA HIS E 172 36.60 -43.22 28.42
C HIS E 172 37.26 -44.57 28.23
N LEU E 173 37.47 -44.98 26.98
CA LEU E 173 38.04 -46.29 26.70
C LEU E 173 39.54 -46.35 26.95
N ALA E 174 40.24 -45.24 26.72
CA ALA E 174 41.69 -45.26 26.65
C ALA E 174 42.31 -45.47 28.02
N ASP E 175 43.26 -46.40 28.10
CA ASP E 175 43.98 -46.70 29.34
C ASP E 175 45.19 -45.77 29.44
N PHE E 176 45.07 -44.73 30.26
CA PHE E 176 46.19 -43.86 30.58
C PHE E 176 46.06 -43.43 32.03
N PRO E 177 47.17 -43.09 32.69
CA PRO E 177 47.13 -42.91 34.14
C PRO E 177 46.44 -41.62 34.56
N ASN E 178 45.89 -41.67 35.78
CA ASN E 178 45.34 -40.50 36.47
C ASN E 178 44.22 -39.84 35.68
N LYS E 179 43.22 -40.65 35.33
CA LYS E 179 42.01 -40.11 34.71
C LYS E 179 41.20 -39.37 35.77
N ARG E 180 40.95 -38.08 35.52
CA ARG E 180 40.11 -37.31 36.41
C ARG E 180 38.71 -37.88 36.43
N ILE E 181 38.25 -38.29 37.61
CA ILE E 181 36.89 -38.76 37.83
C ILE E 181 36.08 -37.61 38.39
N LEU E 182 34.89 -37.38 37.84
CA LEU E 182 34.05 -36.25 38.20
C LEU E 182 32.80 -36.74 38.91
N ARG E 183 32.51 -36.14 40.07
CA ARG E 183 31.32 -36.48 40.84
C ARG E 183 30.48 -35.23 41.05
N TYR E 184 29.20 -35.33 40.70
CA TYR E 184 28.26 -34.21 40.85
C TYR E 184 26.88 -34.77 41.13
N GLU E 185 26.01 -33.91 41.66
CA GLU E 185 24.64 -34.27 41.99
C GLU E 185 23.71 -33.46 41.11
N ALA E 186 22.78 -34.14 40.44
CA ALA E 186 21.87 -33.47 39.51
C ALA E 186 20.46 -34.05 39.64
N PRO E 187 19.43 -33.22 39.48
CA PRO E 187 18.05 -33.70 39.66
C PRO E 187 17.53 -34.35 38.38
N ILE E 188 16.95 -35.54 38.52
CA ILE E 188 16.31 -36.24 37.43
C ILE E 188 14.90 -36.63 37.84
N LEU E 189 14.22 -37.34 36.95
CA LEU E 189 12.88 -37.85 37.20
C LEU E 189 12.94 -39.36 37.36
N VAL E 190 12.46 -39.86 38.49
CA VAL E 190 12.29 -41.30 38.70
C VAL E 190 10.81 -41.54 39.01
N ASP E 191 10.17 -42.36 38.17
CA ASP E 191 8.73 -42.63 38.27
C ASP E 191 7.93 -41.33 38.35
N GLY E 192 8.37 -40.34 37.57
CA GLY E 192 7.66 -39.10 37.42
C GLY E 192 8.06 -37.98 38.38
N GLU E 193 8.84 -38.27 39.42
CA GLU E 193 9.08 -37.29 40.46
C GLU E 193 10.54 -36.84 40.47
N LYS E 194 10.73 -35.56 40.77
CA LYS E 194 12.06 -34.97 40.88
C LYS E 194 12.85 -35.65 42.00
N VAL E 195 13.98 -36.24 41.65
CA VAL E 195 14.85 -36.90 42.60
C VAL E 195 16.28 -36.47 42.32
N TRP E 196 16.97 -35.99 43.35
CA TRP E 196 18.37 -35.62 43.22
C TRP E 196 19.24 -36.87 43.27
N ARG E 197 20.26 -36.91 42.42
CA ARG E 197 21.05 -38.11 42.23
C ARG E 197 22.52 -37.74 42.03
N TRP E 198 23.39 -38.50 42.67
CA TRP E 198 24.83 -38.30 42.52
C TRP E 198 25.34 -39.03 41.27
N PHE E 199 26.03 -38.31 40.41
CA PHE E 199 26.57 -38.84 39.17
C PHE E 199 28.08 -39.04 39.29
N GLU E 200 28.62 -39.87 38.40
CA GLU E 200 30.05 -40.12 38.34
C GLU E 200 30.45 -40.43 36.91
N GLU E 201 31.42 -39.68 36.39
CA GLU E 201 31.88 -39.86 35.02
C GLU E 201 33.34 -39.42 34.94
N PHE E 202 34.01 -39.87 33.89
CA PHE E 202 35.28 -39.26 33.52
C PHE E 202 35.03 -37.83 33.08
N ASP E 203 35.97 -36.94 33.40
CA ASP E 203 35.81 -35.53 33.10
C ASP E 203 35.81 -35.29 31.60
N THR E 204 34.77 -34.61 31.11
CA THR E 204 34.69 -34.21 29.70
C THR E 204 34.82 -32.71 29.49
N SER E 205 34.77 -31.91 30.55
CA SER E 205 34.87 -30.46 30.39
C SER E 205 36.30 -29.94 30.50
N ASP E 206 37.20 -30.71 31.11
CA ASP E 206 38.62 -30.39 31.15
C ASP E 206 39.42 -31.55 30.58
N PRO E 207 40.48 -31.28 29.82
CA PRO E 207 41.26 -32.36 29.22
C PRO E 207 42.06 -33.08 30.29
N PRO E 208 42.59 -34.27 29.98
CA PRO E 208 43.57 -34.88 30.89
C PRO E 208 44.70 -33.89 31.15
N ASP E 209 45.20 -33.88 32.38
CA ASP E 209 46.21 -32.90 32.73
C ASP E 209 47.45 -33.08 31.89
N GLY E 210 47.87 -32.01 31.23
CA GLY E 210 48.96 -32.06 30.28
C GLY E 210 48.53 -31.60 28.90
N LEU E 211 47.34 -32.01 28.48
CA LEU E 211 46.84 -31.64 27.16
C LEU E 211 46.13 -30.29 27.21
N ALA E 212 46.07 -29.64 26.05
CA ALA E 212 45.39 -28.36 25.93
C ALA E 212 43.90 -28.57 25.71
N ASP E 213 43.12 -27.52 25.98
CA ASP E 213 41.67 -27.62 25.94
C ASP E 213 41.15 -28.09 24.60
N ASP E 214 41.86 -27.76 23.52
CA ASP E 214 41.39 -28.03 22.16
C ASP E 214 42.11 -29.21 21.51
N TYR E 215 42.67 -30.12 22.31
CA TYR E 215 43.53 -31.16 21.74
C TYR E 215 42.77 -32.13 20.87
N PHE E 216 41.43 -32.20 20.99
CA PHE E 216 40.64 -33.00 20.06
C PHE E 216 40.91 -32.58 18.62
N ALA E 217 41.10 -31.28 18.39
CA ALA E 217 41.35 -30.79 17.04
C ALA E 217 42.63 -31.37 16.46
N GLY E 218 43.66 -31.53 17.28
CA GLY E 218 44.90 -32.12 16.79
C GLY E 218 44.73 -33.57 16.41
N ILE E 219 43.98 -34.34 17.22
CA ILE E 219 43.73 -35.73 16.92
C ILE E 219 42.97 -35.86 15.60
N VAL E 220 41.94 -35.04 15.41
CA VAL E 220 41.18 -35.09 14.17
C VAL E 220 42.07 -34.73 12.98
N GLU E 221 42.86 -33.67 13.12
CA GLU E 221 43.72 -33.23 12.02
C GLU E 221 44.77 -34.28 11.69
N GLU E 222 45.25 -35.02 12.69
CA GLU E 222 46.19 -36.10 12.42
C GLU E 222 45.48 -37.30 11.79
N PHE E 223 44.28 -37.63 12.28
CA PHE E 223 43.49 -38.67 11.63
C PHE E 223 43.26 -38.36 10.16
N LEU E 224 42.91 -37.10 9.86
CA LEU E 224 42.69 -36.71 8.46
C LEU E 224 43.96 -36.85 7.63
N ALA E 225 45.13 -36.61 8.23
CA ALA E 225 46.38 -36.70 7.49
C ALA E 225 46.70 -38.12 7.06
N THR E 226 46.18 -39.13 7.77
CA THR E 226 46.31 -40.50 7.31
C THR E 226 45.46 -40.78 6.06
N GLY E 227 44.54 -39.89 5.72
CA GLY E 227 43.76 -40.02 4.51
C GLY E 227 42.51 -40.86 4.62
N ARG E 228 41.98 -41.07 5.83
CA ARG E 228 40.80 -41.91 6.00
C ARG E 228 39.52 -41.11 6.21
N GLY E 229 39.62 -39.82 6.46
CA GLY E 229 38.45 -38.95 6.48
C GLY E 229 38.17 -38.36 5.11
N LYS E 230 37.37 -37.30 5.10
CA LYS E 230 37.09 -36.58 3.86
C LYS E 230 36.69 -35.15 4.21
N ARG E 231 37.18 -34.21 3.44
CA ARG E 231 36.80 -32.81 3.57
C ARG E 231 35.90 -32.41 2.42
N GLY E 232 35.14 -31.34 2.64
CA GLY E 232 34.24 -30.85 1.62
C GLY E 232 33.33 -29.78 2.18
N LYS E 233 32.69 -29.02 1.29
CA LYS E 233 31.85 -27.91 1.69
C LYS E 233 30.39 -28.34 1.67
N ILE E 234 29.71 -28.12 2.79
CA ILE E 234 28.27 -28.26 2.90
C ILE E 234 27.70 -26.86 2.92
N GLY E 235 27.03 -26.47 1.84
CA GLY E 235 26.74 -25.05 1.65
C GLY E 235 28.04 -24.31 1.50
N GLU E 236 28.22 -23.25 2.29
CA GLU E 236 29.48 -22.51 2.32
C GLU E 236 30.35 -22.90 3.51
N ALA E 237 30.01 -23.97 4.21
CA ALA E 237 30.66 -24.34 5.45
C ALA E 237 31.69 -25.44 5.21
N SER E 238 32.95 -25.16 5.55
CA SER E 238 33.99 -26.18 5.48
C SER E 238 33.66 -27.29 6.46
N SER E 239 33.59 -28.52 5.96
CA SER E 239 33.10 -29.63 6.76
C SER E 239 33.99 -30.86 6.61
N VAL E 240 33.86 -31.76 7.57
CA VAL E 240 34.64 -32.99 7.65
C VAL E 240 33.71 -34.14 8.00
N LEU E 241 33.90 -35.28 7.33
CA LEU E 241 33.16 -36.49 7.63
C LEU E 241 34.16 -37.60 7.97
N VAL E 242 33.95 -38.27 9.10
CA VAL E 242 34.88 -39.28 9.57
C VAL E 242 34.13 -40.55 9.96
N PRO E 243 34.71 -41.74 9.75
CA PRO E 243 34.08 -42.96 10.27
C PRO E 243 34.25 -43.05 11.78
N ALA E 244 33.13 -43.33 12.47
CA ALA E 244 33.14 -43.29 13.93
C ALA E 244 34.07 -44.34 14.51
N ASP E 245 34.03 -45.57 13.98
CA ASP E 245 34.84 -46.63 14.58
C ASP E 245 36.33 -46.38 14.37
N GLU E 246 36.72 -45.90 13.19
CA GLU E 246 38.14 -45.69 12.92
C GLU E 246 38.71 -44.56 13.76
N ILE E 247 38.00 -43.44 13.86
CA ILE E 247 38.54 -42.30 14.59
C ILE E 247 38.61 -42.60 16.09
N VAL E 248 37.73 -43.46 16.60
CA VAL E 248 37.80 -43.82 18.01
C VAL E 248 39.01 -44.71 18.26
N ALA E 249 39.21 -45.73 17.43
CA ALA E 249 40.40 -46.57 17.54
C ALA E 249 41.67 -45.74 17.44
N PHE E 250 41.71 -44.81 16.48
CA PHE E 250 42.86 -43.92 16.34
C PHE E 250 43.09 -43.10 17.62
N ALA E 251 42.02 -42.50 18.13
CA ALA E 251 42.17 -41.60 19.29
C ALA E 251 42.51 -42.38 20.56
N VAL E 252 42.06 -43.63 20.67
CA VAL E 252 42.43 -44.43 21.83
C VAL E 252 43.93 -44.74 21.81
N ASP E 253 44.44 -45.17 20.66
CA ASP E 253 45.88 -45.36 20.51
C ASP E 253 46.62 -44.06 20.76
N TRP E 254 46.12 -42.96 20.21
CA TRP E 254 46.72 -41.65 20.43
C TRP E 254 46.81 -41.33 21.91
N LEU E 255 45.76 -41.64 22.67
CA LEU E 255 45.73 -41.32 24.09
C LEU E 255 46.56 -42.31 24.90
N GLU E 256 46.48 -43.60 24.59
CA GLU E 256 47.26 -44.59 25.35
C GLU E 256 48.75 -44.41 25.13
N ARG E 257 49.12 -44.02 23.92
CA ARG E 257 50.53 -43.78 23.60
C ARG E 257 51.00 -42.50 24.30
N TRP E 258 50.11 -41.53 24.46
CA TRP E 258 50.44 -40.27 25.11
C TRP E 258 50.64 -40.45 26.61
N GLY E 259 49.87 -41.36 27.23
CA GLY E 259 49.98 -41.56 28.67
C GLY E 259 51.27 -42.24 29.09
N ARG E 260 51.84 -43.08 28.23
CA ARG E 260 53.11 -43.73 28.52
C ARG E 260 54.20 -42.71 28.87
N THR E 261 54.09 -41.48 28.34
CA THR E 261 55.01 -40.39 28.67
C THR E 261 54.34 -39.18 29.31
N ALA E 262 53.06 -39.27 29.65
CA ALA E 262 52.48 -38.08 30.25
C ALA E 262 52.75 -38.03 31.75
N ARG E 263 52.49 -36.85 32.32
CA ARG E 263 52.40 -36.44 33.74
C ARG E 263 53.50 -35.43 34.08
N SER F 3 25.98 15.03 10.27
CA SER F 3 25.11 15.18 9.10
C SER F 3 24.10 16.28 9.32
N ARG F 4 24.48 17.51 8.98
CA ARG F 4 23.65 18.68 9.25
C ARG F 4 23.16 19.30 7.95
N VAL F 5 21.92 19.78 7.98
CA VAL F 5 21.26 20.30 6.80
C VAL F 5 21.14 21.81 6.91
N SER F 6 21.16 22.47 5.76
CA SER F 6 21.02 23.92 5.68
C SER F 6 19.60 24.28 5.28
N THR F 7 19.15 25.44 5.73
CA THR F 7 17.84 25.97 5.41
C THR F 7 18.01 27.37 4.82
N ARG F 8 16.90 27.96 4.38
CA ARG F 8 16.93 29.33 3.92
C ARG F 8 17.35 30.27 5.05
N SER F 9 16.92 29.98 6.28
CA SER F 9 17.32 30.80 7.42
C SER F 9 18.79 30.58 7.76
N SER F 10 19.22 29.33 7.79
CA SER F 10 20.59 29.02 8.19
C SER F 10 21.59 29.52 7.15
N LEU F 11 21.27 29.40 5.86
CA LEU F 11 22.17 29.89 4.83
C LEU F 11 22.27 31.41 4.85
N ALA F 12 21.17 32.10 5.17
CA ALA F 12 21.22 33.56 5.28
C ALA F 12 22.12 33.99 6.42
N GLU F 13 22.11 33.23 7.52
CA GLU F 13 22.97 33.56 8.66
C GLU F 13 24.44 33.34 8.32
N ASP F 14 24.75 32.23 7.63
CA ASP F 14 26.12 32.01 7.20
C ASP F 14 26.58 33.09 6.23
N LEU F 15 25.68 33.55 5.36
CA LEU F 15 26.03 34.59 4.39
C LEU F 15 26.24 35.94 5.08
N ARG F 16 25.49 36.22 6.14
CA ARG F 16 25.75 37.43 6.90
C ARG F 16 27.09 37.34 7.63
N ALA F 17 27.44 36.15 8.12
CA ALA F 17 28.70 35.99 8.83
C ALA F 17 29.88 36.24 7.91
N ILE F 18 29.81 35.76 6.67
CA ILE F 18 30.92 35.93 5.74
C ILE F 18 31.06 37.39 5.28
N GLY F 19 29.99 38.18 5.34
CA GLY F 19 30.11 39.59 5.02
C GLY F 19 29.13 40.16 4.00
N LEU F 20 28.14 39.37 3.59
CA LEU F 20 27.11 39.88 2.68
C LEU F 20 26.16 40.80 3.44
N ALA F 21 25.82 41.94 2.82
CA ALA F 21 25.05 42.98 3.50
C ALA F 21 24.04 43.60 2.54
N ASP F 22 23.18 44.46 3.09
CA ASP F 22 22.12 45.10 2.33
C ASP F 22 22.67 45.84 1.12
N GLY F 23 21.99 45.70 -0.02
CA GLY F 23 22.36 46.40 -1.23
C GLY F 23 23.58 45.86 -1.94
N ASP F 24 24.14 44.75 -1.49
CA ASP F 24 25.36 44.23 -2.08
C ASP F 24 25.11 43.64 -3.46
N ALA F 25 26.05 43.87 -4.36
CA ALA F 25 26.12 43.17 -5.64
C ALA F 25 27.24 42.13 -5.53
N VAL F 26 26.90 40.87 -5.75
CA VAL F 26 27.87 39.78 -5.55
C VAL F 26 27.82 38.84 -6.74
N LEU F 27 28.98 38.65 -7.38
CA LEU F 27 29.17 37.59 -8.34
C LEU F 27 29.53 36.31 -7.59
N VAL F 28 28.83 35.21 -7.89
CA VAL F 28 28.96 33.97 -7.14
C VAL F 28 29.49 32.88 -8.06
N HIS F 29 30.54 32.21 -7.62
CA HIS F 29 31.02 30.98 -8.24
C HIS F 29 30.84 29.86 -7.23
N ALA F 30 30.23 28.76 -7.64
CA ALA F 30 29.76 27.77 -6.70
C ALA F 30 30.12 26.36 -7.13
N ALA F 31 30.54 25.56 -6.16
CA ALA F 31 30.55 24.10 -6.25
C ALA F 31 29.45 23.65 -5.29
N LEU F 32 28.25 23.45 -5.81
CA LEU F 32 27.08 23.32 -4.94
C LEU F 32 27.10 22.04 -4.13
N ARG F 33 27.76 20.99 -4.63
CA ARG F 33 27.78 19.72 -3.91
C ARG F 33 28.37 19.86 -2.51
N LYS F 34 29.36 20.74 -2.33
CA LYS F 34 30.01 20.87 -1.04
C LYS F 34 29.20 21.64 -0.02
N VAL F 35 28.15 22.34 -0.44
CA VAL F 35 27.27 22.98 0.53
C VAL F 35 26.64 21.94 1.44
N GLY F 36 26.51 20.71 0.95
CA GLY F 36 25.85 19.67 1.70
C GLY F 36 24.35 19.65 1.46
N LYS F 37 23.65 19.04 2.40
CA LYS F 37 22.20 18.88 2.32
C LYS F 37 21.51 20.24 2.53
N ILE F 38 20.57 20.56 1.64
CA ILE F 38 19.76 21.77 1.76
C ILE F 38 18.30 21.38 1.62
N VAL F 39 17.45 21.88 2.53
CA VAL F 39 16.06 21.44 2.59
C VAL F 39 15.36 21.73 1.26
N GLY F 40 15.41 22.97 0.80
CA GLY F 40 14.69 23.34 -0.40
C GLY F 40 15.54 23.35 -1.65
N GLY F 41 16.61 22.56 -1.66
CA GLY F 41 17.51 22.51 -2.78
C GLY F 41 18.36 23.77 -2.87
N PRO F 42 19.21 23.85 -3.90
CA PRO F 42 20.10 25.01 -4.03
C PRO F 42 19.37 26.33 -4.20
N ASP F 43 18.09 26.31 -4.60
CA ASP F 43 17.34 27.56 -4.67
C ASP F 43 17.25 28.26 -3.32
N ASP F 44 17.38 27.50 -2.21
CA ASP F 44 17.45 28.12 -0.90
C ASP F 44 18.66 29.04 -0.78
N ILE F 45 19.75 28.73 -1.48
CA ILE F 45 20.94 29.58 -1.43
C ILE F 45 20.63 30.93 -2.06
N LEU F 46 20.06 30.92 -3.27
CA LEU F 46 19.74 32.18 -3.93
C LEU F 46 18.71 32.98 -3.13
N ASP F 47 17.70 32.30 -2.60
CA ASP F 47 16.69 32.99 -1.81
C ASP F 47 17.30 33.57 -0.52
N ALA F 48 18.22 32.83 0.09
CA ALA F 48 18.89 33.35 1.28
C ALA F 48 19.69 34.61 0.96
N MET F 49 20.39 34.61 -0.18
CA MET F 49 21.18 35.77 -0.57
C MET F 49 20.30 37.01 -0.73
N ARG F 50 19.18 36.86 -1.45
CA ARG F 50 18.30 38.00 -1.69
C ARG F 50 17.62 38.46 -0.41
N ASP F 51 17.43 37.56 0.56
CA ASP F 51 17.01 38.00 1.88
C ASP F 51 18.06 38.91 2.51
N VAL F 52 19.33 38.55 2.38
CA VAL F 52 20.41 39.30 3.01
C VAL F 52 20.64 40.62 2.29
N ILE F 53 20.79 40.57 0.96
CA ILE F 53 21.15 41.78 0.22
C ILE F 53 19.95 42.67 -0.05
N GLY F 54 18.73 42.15 0.07
CA GLY F 54 17.55 42.95 -0.13
C GLY F 54 17.25 43.18 -1.60
N PRO F 55 16.10 43.80 -1.88
CA PRO F 55 15.69 43.98 -3.28
C PRO F 55 16.58 44.88 -4.10
N ALA F 56 17.38 45.75 -3.48
CA ALA F 56 18.29 46.59 -4.22
C ALA F 56 19.60 45.90 -4.56
N GLY F 57 19.86 44.73 -3.98
CA GLY F 57 21.07 44.00 -4.30
C GLY F 57 20.91 43.14 -5.55
N THR F 58 22.03 42.57 -5.98
CA THR F 58 22.07 41.78 -7.21
C THR F 58 22.99 40.58 -7.01
N VAL F 59 22.53 39.41 -7.44
CA VAL F 59 23.34 38.20 -7.49
C VAL F 59 23.68 37.92 -8.96
N LEU F 60 24.93 37.54 -9.22
CA LEU F 60 25.38 37.26 -10.57
C LEU F 60 26.04 35.89 -10.64
N GLY F 61 25.92 35.27 -11.81
CA GLY F 61 26.64 34.05 -12.10
C GLY F 61 27.19 34.08 -13.51
N TYR F 62 28.25 33.32 -13.73
CA TYR F 62 28.95 33.31 -15.02
C TYR F 62 28.30 32.27 -15.92
N ALA F 63 27.53 32.75 -16.90
CA ALA F 63 26.73 31.87 -17.74
C ALA F 63 27.56 31.25 -18.88
N ASP F 64 28.22 32.08 -19.68
CA ASP F 64 28.94 31.61 -20.87
C ASP F 64 27.90 30.95 -21.78
N TRP F 65 28.31 30.00 -22.62
CA TRP F 65 27.35 29.12 -23.30
C TRP F 65 28.10 27.88 -23.78
N GLN F 66 27.38 27.00 -24.48
CA GLN F 66 27.80 25.62 -24.65
C GLN F 66 28.32 25.29 -26.05
N LEU F 67 28.62 26.28 -26.86
CA LEU F 67 29.19 26.01 -28.17
C LEU F 67 30.66 25.62 -28.02
N GLU F 68 31.03 24.45 -28.51
CA GLU F 68 32.40 24.00 -28.41
C GLU F 68 33.20 24.41 -29.63
N ASP F 69 34.47 24.75 -29.40
CA ASP F 69 35.32 25.25 -30.47
C ASP F 69 35.38 24.26 -31.64
N GLU F 70 35.47 22.97 -31.35
CA GLU F 70 35.57 21.99 -32.44
C GLU F 70 34.30 21.95 -33.26
N ILE F 71 33.15 22.25 -32.66
CA ILE F 71 31.92 22.41 -33.45
C ILE F 71 31.92 23.75 -34.18
N ARG F 72 32.30 24.81 -33.46
CA ARG F 72 32.30 26.16 -34.01
C ARG F 72 33.18 26.24 -35.26
N ASP F 73 34.36 25.63 -35.22
CA ASP F 73 35.35 25.75 -36.28
C ASP F 73 35.25 24.64 -37.32
N ASP F 74 34.34 23.71 -37.14
CA ASP F 74 34.04 22.71 -38.17
C ASP F 74 33.12 23.32 -39.22
N PRO F 75 33.56 23.43 -40.47
CA PRO F 75 32.70 24.08 -41.48
C PRO F 75 31.43 23.30 -41.79
N ALA F 76 31.43 21.98 -41.60
CA ALA F 76 30.24 21.20 -41.93
C ALA F 76 29.12 21.43 -40.92
N MET F 77 29.45 21.70 -39.67
CA MET F 77 28.46 21.92 -38.63
C MET F 77 27.87 23.32 -38.68
N ARG F 78 28.53 24.23 -39.39
CA ARG F 78 28.27 25.66 -39.32
C ARG F 78 26.78 26.03 -39.34
N GLU F 79 26.07 25.57 -40.37
CA GLU F 79 24.67 25.95 -40.52
C GLU F 79 23.76 25.30 -39.48
N HIS F 80 24.24 24.27 -38.79
CA HIS F 80 23.43 23.56 -37.79
C HIS F 80 23.61 24.09 -36.39
N ILE F 81 24.52 25.04 -36.18
CA ILE F 81 24.75 25.61 -34.86
C ILE F 81 23.73 26.71 -34.62
N PRO F 82 22.89 26.59 -33.59
CA PRO F 82 21.98 27.70 -33.27
C PRO F 82 22.76 28.89 -32.78
N ALA F 83 22.30 30.08 -33.17
CA ALA F 83 22.95 31.31 -32.74
C ALA F 83 22.80 31.49 -31.23
N PHE F 84 23.74 32.25 -30.65
CA PHE F 84 23.62 32.60 -29.24
C PHE F 84 22.40 33.51 -29.05
N ASP F 85 21.53 33.12 -28.12
CA ASP F 85 20.37 33.91 -27.76
C ASP F 85 20.43 34.12 -26.25
N PRO F 86 20.59 35.35 -25.77
CA PRO F 86 20.72 35.56 -24.32
C PRO F 86 19.51 35.11 -23.52
N LEU F 87 18.37 34.90 -24.17
CA LEU F 87 17.16 34.46 -23.48
C LEU F 87 16.94 32.96 -23.57
N ARG F 88 17.60 32.30 -24.49
CA ARG F 88 17.43 30.88 -24.69
C ARG F 88 18.64 30.00 -24.52
N SER F 89 19.84 30.46 -24.82
CA SER F 89 21.04 29.65 -24.77
C SER F 89 21.37 29.26 -23.33
N ARG F 90 21.53 27.95 -23.08
CA ARG F 90 21.83 27.47 -21.75
C ARG F 90 23.27 27.82 -21.36
N SER F 91 23.49 27.90 -20.05
CA SER F 91 24.81 28.18 -19.51
C SER F 91 25.76 27.02 -19.78
N ILE F 92 27.06 27.34 -19.92
CA ILE F 92 28.06 26.30 -20.06
C ILE F 92 28.02 25.42 -18.82
N ARG F 93 28.09 24.11 -19.03
CA ARG F 93 27.92 23.18 -17.92
C ARG F 93 29.16 23.07 -17.05
N ASP F 94 30.33 23.52 -17.54
CA ASP F 94 31.54 23.48 -16.72
C ASP F 94 31.53 24.51 -15.59
N ASN F 95 30.64 25.49 -15.63
CA ASN F 95 30.53 26.46 -14.55
C ASN F 95 29.56 26.01 -13.46
N GLY F 96 29.04 24.79 -13.56
CA GLY F 96 28.13 24.26 -12.57
C GLY F 96 26.69 24.64 -12.81
N PHE F 97 25.84 24.12 -11.93
CA PHE F 97 24.41 24.43 -12.03
C PHE F 97 24.12 25.89 -11.67
N TRP F 98 24.97 26.51 -10.86
CA TRP F 98 24.66 27.81 -10.27
C TRP F 98 24.26 28.88 -11.28
N PRO F 99 25.02 29.15 -12.35
CA PRO F 99 24.56 30.18 -13.30
C PRO F 99 23.28 29.80 -14.02
N GLU F 100 23.06 28.51 -14.32
CA GLU F 100 21.78 28.07 -14.85
C GLU F 100 20.67 28.32 -13.84
N LEU F 101 20.94 28.05 -12.57
CA LEU F 101 19.97 28.30 -11.52
C LEU F 101 19.49 29.75 -11.56
N ILE F 102 20.44 30.68 -11.62
CA ILE F 102 20.07 32.09 -11.67
C ILE F 102 19.32 32.39 -12.96
N ARG F 103 19.89 31.96 -14.09
CA ARG F 103 19.32 32.31 -15.40
C ARG F 103 17.88 31.87 -15.53
N THR F 104 17.53 30.70 -14.98
CA THR F 104 16.18 30.17 -15.09
C THR F 104 15.27 30.62 -13.95
N THR F 105 15.74 31.50 -13.09
CA THR F 105 14.86 32.06 -12.06
C THR F 105 14.07 33.21 -12.65
N PRO F 106 12.75 33.24 -12.48
CA PRO F 106 11.95 34.33 -13.06
C PRO F 106 12.40 35.68 -12.53
N GLY F 107 12.60 36.63 -13.44
CA GLY F 107 13.12 37.94 -13.12
C GLY F 107 14.58 38.13 -13.47
N ALA F 108 15.31 37.04 -13.73
CA ALA F 108 16.72 37.15 -14.04
C ALA F 108 16.94 37.60 -15.48
N LEU F 109 18.12 38.17 -15.72
CA LEU F 109 18.50 38.66 -17.04
C LEU F 109 19.87 38.09 -17.38
N ARG F 110 20.24 38.22 -18.66
CA ARG F 110 21.48 37.66 -19.16
C ARG F 110 22.03 38.55 -20.25
N SER F 111 23.36 38.77 -20.22
CA SER F 111 23.98 39.76 -21.09
C SER F 111 24.30 39.17 -22.46
N ALA F 112 24.73 40.05 -23.37
CA ALA F 112 24.79 39.74 -24.80
C ALA F 112 26.12 39.17 -25.26
N SER F 113 27.22 39.40 -24.54
CA SER F 113 28.52 38.91 -25.00
C SER F 113 28.63 37.41 -24.73
N PRO F 114 28.57 36.56 -25.76
CA PRO F 114 28.34 35.12 -25.55
C PRO F 114 29.29 34.44 -24.58
N GLY F 115 30.58 34.38 -24.93
CA GLY F 115 31.52 33.68 -24.07
C GLY F 115 31.65 34.29 -22.68
N ALA F 116 31.42 35.60 -22.58
CA ALA F 116 31.56 36.31 -21.31
C ALA F 116 30.22 36.59 -20.62
N SER F 117 29.14 35.99 -21.09
CA SER F 117 27.82 36.43 -20.67
C SER F 117 27.55 36.06 -19.22
N MET F 118 26.89 36.98 -18.50
CA MET F 118 26.59 36.83 -17.10
C MET F 118 25.08 36.83 -16.89
N ALA F 119 24.61 35.96 -16.01
CA ALA F 119 23.24 36.02 -15.53
C ALA F 119 23.19 36.85 -14.25
N ALA F 120 22.07 37.52 -14.04
CA ALA F 120 21.96 38.44 -12.91
C ALA F 120 20.50 38.61 -12.53
N ILE F 121 20.25 38.66 -11.22
CA ILE F 121 18.91 38.88 -10.69
C ILE F 121 19.02 39.85 -9.52
N GLY F 122 18.08 40.79 -9.44
CA GLY F 122 18.03 41.72 -8.34
C GLY F 122 17.91 43.14 -8.83
N GLY F 123 18.07 44.08 -7.89
CA GLY F 123 17.71 45.46 -8.14
C GLY F 123 18.48 46.12 -9.27
N GLU F 124 19.72 45.72 -9.50
CA GLU F 124 20.54 46.29 -10.56
C GLU F 124 20.85 45.28 -11.65
N ALA F 125 19.97 44.28 -11.83
CA ALA F 125 20.21 43.26 -12.85
C ALA F 125 20.15 43.83 -14.25
N GLU F 126 19.27 44.82 -14.49
CA GLU F 126 19.24 45.46 -15.80
C GLU F 126 20.58 46.11 -16.13
N TRP F 127 21.11 46.87 -15.18
CA TRP F 127 22.32 47.66 -15.44
C TRP F 127 23.54 46.76 -15.62
N PHE F 128 23.66 45.71 -14.80
CA PHE F 128 24.82 44.82 -14.92
C PHE F 128 24.85 44.11 -16.27
N THR F 129 23.68 43.77 -16.81
CA THR F 129 23.61 43.00 -18.04
C THR F 129 23.43 43.87 -19.28
N ALA F 130 23.27 45.17 -19.13
CA ALA F 130 23.08 46.05 -20.28
C ALA F 130 24.41 46.43 -20.91
N ASP F 131 24.42 46.52 -22.24
CA ASP F 131 25.55 47.04 -23.01
C ASP F 131 26.84 46.28 -22.70
N HIS F 132 26.77 44.95 -22.82
CA HIS F 132 27.93 44.09 -22.64
C HIS F 132 28.66 43.99 -23.98
N ALA F 133 29.83 44.61 -24.06
CA ALA F 133 30.56 44.67 -25.32
C ALA F 133 30.83 43.28 -25.87
N LEU F 134 30.67 43.14 -27.19
CA LEU F 134 30.88 41.84 -27.82
C LEU F 134 32.37 41.52 -27.92
N ASP F 135 33.17 42.48 -28.34
CA ASP F 135 34.61 42.35 -28.31
C ASP F 135 35.13 42.79 -26.95
N TYR F 136 36.13 42.06 -26.45
CA TYR F 136 36.73 42.34 -25.14
C TYR F 136 35.65 42.44 -24.06
N GLY F 137 34.84 41.39 -23.96
CA GLY F 137 33.73 41.33 -23.04
C GLY F 137 34.12 41.12 -21.60
N TYR F 138 35.41 41.27 -21.30
CA TYR F 138 35.91 41.23 -19.94
C TYR F 138 36.48 42.58 -19.50
N GLY F 139 36.35 43.60 -20.33
CA GLY F 139 36.87 44.91 -20.03
C GLY F 139 35.88 45.80 -19.30
N PRO F 140 36.05 47.12 -19.44
CA PRO F 140 35.22 48.04 -18.66
C PRO F 140 33.73 47.96 -18.99
N ARG F 141 33.37 47.74 -20.26
CA ARG F 141 31.96 47.66 -20.64
C ARG F 141 31.48 46.21 -20.55
N SER F 142 31.43 45.73 -19.31
CA SER F 142 31.01 44.37 -19.03
C SER F 142 30.45 44.33 -17.63
N PRO F 143 29.72 43.28 -17.26
CA PRO F 143 29.32 43.12 -15.85
C PRO F 143 30.49 43.11 -14.90
N LEU F 144 31.66 42.65 -15.34
CA LEU F 144 32.83 42.64 -14.47
C LEU F 144 33.32 44.06 -14.19
N GLY F 145 33.38 44.91 -15.22
CA GLY F 145 33.76 46.29 -14.99
C GLY F 145 32.76 47.03 -14.12
N LYS F 146 31.47 46.70 -14.28
CA LYS F 146 30.44 47.36 -13.48
C LYS F 146 30.45 46.86 -12.04
N LEU F 147 30.85 45.61 -11.81
CA LEU F 147 30.99 45.12 -10.44
C LEU F 147 32.07 45.91 -9.70
N VAL F 148 33.16 46.28 -10.38
CA VAL F 148 34.16 47.15 -9.77
C VAL F 148 33.56 48.53 -9.50
N GLU F 149 32.88 49.09 -10.50
CA GLU F 149 32.32 50.44 -10.36
C GLU F 149 31.33 50.52 -9.21
N ALA F 150 30.49 49.50 -9.06
CA ALA F 150 29.49 49.46 -7.97
C ALA F 150 30.07 49.01 -6.65
N LYS F 151 31.38 48.75 -6.58
CA LYS F 151 32.02 48.22 -5.39
C LYS F 151 31.32 46.94 -4.92
N GLY F 152 31.19 46.01 -5.86
CA GLY F 152 30.57 44.73 -5.58
C GLY F 152 31.53 43.77 -4.91
N LYS F 153 31.11 42.51 -4.87
CA LYS F 153 31.88 41.47 -4.22
C LYS F 153 31.84 40.19 -5.04
N VAL F 154 32.78 39.30 -4.75
CA VAL F 154 32.81 37.97 -5.33
C VAL F 154 32.78 36.97 -4.18
N LEU F 155 31.92 35.97 -4.30
CA LEU F 155 31.83 34.89 -3.32
C LEU F 155 32.19 33.58 -4.01
N MET F 156 33.27 32.97 -3.58
CA MET F 156 33.63 31.62 -4.03
C MET F 156 32.94 30.66 -3.07
N LEU F 157 31.81 30.09 -3.50
CA LEU F 157 30.98 29.24 -2.65
C LEU F 157 31.41 27.80 -2.86
N GLY F 158 32.43 27.37 -2.11
CA GLY F 158 33.00 26.06 -2.28
C GLY F 158 33.75 25.85 -3.58
N ALA F 159 33.85 26.87 -4.42
CA ALA F 159 34.47 26.75 -5.73
C ALA F 159 35.98 26.89 -5.63
N PRO F 160 36.72 26.20 -6.50
CA PRO F 160 38.18 26.39 -6.54
C PRO F 160 38.52 27.84 -6.86
N LEU F 161 39.51 28.37 -6.14
CA LEU F 161 39.79 29.81 -6.20
C LEU F 161 40.24 30.26 -7.58
N ASP F 162 40.72 29.36 -8.43
CA ASP F 162 41.16 29.77 -9.75
C ASP F 162 40.00 29.97 -10.73
N THR F 163 38.76 29.81 -10.29
CA THR F 163 37.61 30.08 -11.15
C THR F 163 37.06 31.48 -10.93
N MET F 164 37.79 32.35 -10.23
CA MET F 164 37.35 33.72 -10.01
C MET F 164 37.43 34.52 -11.31
N THR F 165 36.36 34.46 -12.12
CA THR F 165 36.37 35.08 -13.44
C THR F 165 36.66 36.58 -13.40
N LEU F 166 36.42 37.23 -12.26
CA LEU F 166 36.69 38.67 -12.17
C LEU F 166 38.13 39.01 -12.50
N LEU F 167 39.07 38.11 -12.21
CA LEU F 167 40.48 38.41 -12.47
C LEU F 167 40.79 38.44 -13.96
N ALA F 168 39.93 37.88 -14.81
CA ALA F 168 40.06 38.07 -16.24
C ALA F 168 39.88 39.53 -16.62
N HIS F 169 39.12 40.28 -15.82
CA HIS F 169 38.99 41.71 -16.02
C HIS F 169 40.26 42.44 -15.59
N ALA F 170 40.97 41.89 -14.60
CA ALA F 170 42.29 42.42 -14.26
C ALA F 170 43.28 42.14 -15.38
N GLU F 171 43.28 40.93 -15.94
CA GLU F 171 44.13 40.57 -17.08
CA GLU F 171 44.23 40.69 -17.00
C GLU F 171 43.92 41.54 -18.23
N HIS F 172 42.68 41.97 -18.43
CA HIS F 172 42.38 42.90 -19.51
C HIS F 172 42.96 44.28 -19.21
N LEU F 173 42.88 44.73 -17.95
CA LEU F 173 43.33 46.06 -17.59
C LEU F 173 44.84 46.17 -17.48
N ALA F 174 45.51 45.07 -17.13
CA ALA F 174 46.90 45.13 -16.69
C ALA F 174 47.84 45.30 -17.88
N ASP F 175 48.79 46.23 -17.74
CA ASP F 175 49.78 46.51 -18.78
C ASP F 175 50.96 45.56 -18.58
N PHE F 176 51.04 44.54 -19.43
CA PHE F 176 52.21 43.66 -19.46
C PHE F 176 52.42 43.20 -20.90
N PRO F 177 53.65 42.87 -21.28
CA PRO F 177 53.94 42.65 -22.70
C PRO F 177 53.34 41.35 -23.22
N ASN F 178 53.09 41.34 -24.54
CA ASN F 178 52.74 40.13 -25.26
C ASN F 178 51.47 39.48 -24.73
N LYS F 179 50.40 40.28 -24.62
CA LYS F 179 49.09 39.73 -24.33
C LYS F 179 48.59 38.95 -25.55
N ARG F 180 48.18 37.71 -25.34
CA ARG F 180 47.64 36.95 -26.46
C ARG F 180 46.23 37.45 -26.77
N ILE F 181 46.06 38.01 -27.96
CA ILE F 181 44.76 38.38 -28.49
C ILE F 181 44.17 37.16 -29.19
N LEU F 182 42.89 36.91 -28.93
CA LEU F 182 42.18 35.79 -29.55
C LEU F 182 41.13 36.32 -30.53
N ARG F 183 41.02 35.67 -31.68
CA ARG F 183 40.02 36.01 -32.68
C ARG F 183 39.30 34.75 -33.12
N TYR F 184 37.98 34.74 -32.98
CA TYR F 184 37.15 33.59 -33.35
C TYR F 184 35.86 34.11 -33.97
N GLU F 185 35.13 33.21 -34.61
CA GLU F 185 33.88 33.54 -35.28
C GLU F 185 32.76 32.74 -34.66
N ALA F 186 31.67 33.42 -34.27
CA ALA F 186 30.57 32.77 -33.58
C ALA F 186 29.25 33.35 -34.08
N PRO F 187 28.18 32.54 -34.10
CA PRO F 187 26.87 33.04 -34.56
C PRO F 187 26.07 33.72 -33.47
N ILE F 188 25.51 34.90 -33.77
CA ILE F 188 24.65 35.63 -32.86
C ILE F 188 23.37 36.03 -33.60
N LEU F 189 22.49 36.73 -32.87
CA LEU F 189 21.24 37.23 -33.42
C LEU F 189 21.35 38.74 -33.64
N VAL F 190 21.12 39.18 -34.87
CA VAL F 190 21.08 40.59 -35.22
C VAL F 190 19.74 40.86 -35.89
N ASP F 191 18.90 41.68 -35.24
CA ASP F 191 17.54 41.94 -35.70
C ASP F 191 16.75 40.65 -35.86
N GLY F 192 17.03 39.67 -34.99
CA GLY F 192 16.29 38.43 -34.96
C GLY F 192 16.86 37.31 -35.80
N GLU F 193 17.86 37.57 -36.65
CA GLU F 193 18.36 36.58 -37.57
C GLU F 193 19.76 36.12 -37.18
N LYS F 194 20.02 34.84 -37.43
CA LYS F 194 21.34 34.26 -37.16
C LYS F 194 22.37 34.90 -38.08
N VAL F 195 23.41 35.48 -37.48
CA VAL F 195 24.48 36.12 -38.24
C VAL F 195 25.81 35.71 -37.62
N TRP F 196 26.72 35.20 -38.45
CA TRP F 196 28.05 34.87 -37.99
C TRP F 196 28.89 36.13 -37.86
N ARG F 197 29.73 36.18 -36.83
CA ARG F 197 30.42 37.41 -36.48
C ARG F 197 31.79 37.09 -35.93
N TRP F 198 32.79 37.87 -36.36
CA TRP F 198 34.16 37.70 -35.89
C TRP F 198 34.35 38.46 -34.58
N PHE F 199 34.86 37.77 -33.57
CA PHE F 199 35.10 38.32 -32.24
C PHE F 199 36.59 38.51 -32.02
N GLU F 200 36.91 39.35 -31.02
CA GLU F 200 38.30 39.56 -30.64
C GLU F 200 38.35 39.94 -29.17
N GLU F 201 39.23 39.30 -28.42
CA GLU F 201 39.36 39.58 -26.99
C GLU F 201 40.72 39.07 -26.53
N PHE F 202 41.09 39.47 -25.31
CA PHE F 202 42.26 38.89 -24.68
C PHE F 202 41.96 37.46 -24.24
N ASP F 203 42.98 36.62 -24.26
CA ASP F 203 42.81 35.20 -23.97
C ASP F 203 42.38 34.99 -22.52
N THR F 204 41.24 34.33 -22.32
CA THR F 204 40.78 33.98 -20.99
C THR F 204 40.87 32.49 -20.68
N SER F 205 41.06 31.63 -21.67
CA SER F 205 41.13 30.20 -21.38
C SER F 205 42.55 29.68 -21.24
N ASP F 206 43.55 30.42 -21.72
CA ASP F 206 44.93 30.11 -21.41
C ASP F 206 45.58 31.29 -20.72
N PRO F 207 46.48 31.05 -19.77
CA PRO F 207 47.11 32.16 -19.05
C PRO F 207 48.10 32.88 -19.93
N PRO F 208 48.59 34.05 -19.50
CA PRO F 208 49.74 34.65 -20.20
C PRO F 208 50.89 33.66 -20.21
N ASP F 209 51.65 33.67 -21.30
CA ASP F 209 52.75 32.72 -21.43
C ASP F 209 53.75 32.89 -20.30
N GLY F 210 54.07 31.77 -19.64
CA GLY F 210 54.92 31.75 -18.47
C GLY F 210 54.14 31.52 -17.19
N LEU F 211 52.88 31.93 -17.18
CA LEU F 211 51.99 31.76 -16.03
C LEU F 211 51.20 30.46 -16.14
N ALA F 212 51.11 29.76 -15.02
CA ALA F 212 50.43 28.48 -14.89
C ALA F 212 48.91 28.63 -14.93
N ASP F 213 48.24 27.53 -15.30
CA ASP F 213 46.80 27.55 -15.58
C ASP F 213 45.99 28.04 -14.39
N ASP F 214 46.42 27.71 -13.18
CA ASP F 214 45.65 27.99 -11.98
C ASP F 214 46.19 29.20 -11.22
N TYR F 215 46.88 30.12 -11.89
CA TYR F 215 47.57 31.16 -11.15
C TYR F 215 46.61 32.15 -10.50
N PHE F 216 45.36 32.23 -10.98
CA PHE F 216 44.35 33.03 -10.27
C PHE F 216 44.28 32.63 -8.81
N ALA F 217 44.44 31.34 -8.52
CA ALA F 217 44.38 30.86 -7.14
C ALA F 217 45.47 31.51 -6.29
N GLY F 218 46.69 31.57 -6.82
CA GLY F 218 47.77 32.18 -6.05
C GLY F 218 47.54 33.65 -5.75
N ILE F 219 46.98 34.38 -6.73
CA ILE F 219 46.66 35.79 -6.51
C ILE F 219 45.64 35.94 -5.39
N VAL F 220 44.58 35.13 -5.44
CA VAL F 220 43.56 35.17 -4.39
C VAL F 220 44.17 34.80 -3.04
N GLU F 221 44.95 33.72 -3.01
CA GLU F 221 45.58 33.30 -1.76
C GLU F 221 46.47 34.40 -1.18
N GLU F 222 47.12 35.18 -2.05
CA GLU F 222 47.96 36.27 -1.58
C GLU F 222 47.12 37.46 -1.12
N PHE F 223 46.04 37.78 -1.85
CA PHE F 223 45.16 38.85 -1.43
C PHE F 223 44.57 38.56 -0.05
N LEU F 224 44.14 37.32 0.18
CA LEU F 224 43.61 36.96 1.48
C LEU F 224 44.65 37.10 2.57
N ALA F 225 45.92 36.89 2.24
CA ALA F 225 46.98 37.01 3.24
C ALA F 225 47.09 38.44 3.76
N THR F 226 46.89 39.43 2.89
CA THR F 226 46.90 40.82 3.34
C THR F 226 45.77 41.13 4.31
N GLY F 227 44.77 40.24 4.42
CA GLY F 227 43.75 40.37 5.43
C GLY F 227 42.52 41.15 5.03
N ARG F 228 42.33 41.45 3.75
CA ARG F 228 41.19 42.24 3.30
C ARG F 228 40.07 41.40 2.70
N GLY F 229 40.20 40.08 2.73
CA GLY F 229 39.10 39.19 2.41
C GLY F 229 38.44 38.67 3.67
N LYS F 230 37.67 37.59 3.50
CA LYS F 230 37.07 36.91 4.65
C LYS F 230 36.71 35.49 4.24
N ARG F 231 37.15 34.53 5.03
CA ARG F 231 36.81 33.12 4.84
C ARG F 231 35.69 32.72 5.79
N GLY F 232 34.97 31.67 5.41
CA GLY F 232 33.88 31.18 6.23
C GLY F 232 33.12 30.10 5.51
N LYS F 233 32.27 29.41 6.28
CA LYS F 233 31.51 28.26 5.80
C LYS F 233 30.11 28.71 5.41
N ILE F 234 29.72 28.45 4.17
CA ILE F 234 28.35 28.58 3.72
C ILE F 234 27.78 27.18 3.67
N GLY F 235 26.95 26.84 4.65
CA GLY F 235 26.57 25.46 4.82
C GLY F 235 27.80 24.66 5.20
N GLU F 236 28.10 23.63 4.41
CA GLU F 236 29.30 22.83 4.60
C GLU F 236 30.44 23.23 3.68
N ALA F 237 30.28 24.28 2.88
CA ALA F 237 31.23 24.62 1.83
C ALA F 237 32.21 25.69 2.32
N SER F 238 33.50 25.40 2.20
CA SER F 238 34.54 26.39 2.48
C SER F 238 34.43 27.50 1.46
N SER F 239 34.25 28.73 1.93
CA SER F 239 33.93 29.84 1.03
C SER F 239 34.78 31.06 1.35
N VAL F 240 34.83 31.95 0.38
CA VAL F 240 35.64 33.16 0.41
C VAL F 240 34.80 34.31 -0.14
N LEU F 241 34.87 35.47 0.51
CA LEU F 241 34.25 36.69 0.00
C LEU F 241 35.30 37.77 -0.09
N VAL F 242 35.34 38.45 -1.24
CA VAL F 242 36.35 39.49 -1.48
C VAL F 242 35.67 40.73 -2.06
N PRO F 243 36.19 41.93 -1.80
CA PRO F 243 35.67 43.12 -2.47
C PRO F 243 36.18 43.18 -3.90
N ALA F 244 35.25 43.37 -4.85
CA ALA F 244 35.61 43.30 -6.26
C ALA F 244 36.64 44.35 -6.63
N ASP F 245 36.50 45.58 -6.11
CA ASP F 245 37.42 46.65 -6.51
C ASP F 245 38.83 46.39 -6.00
N GLU F 246 38.97 45.96 -4.74
CA GLU F 246 40.30 45.80 -4.16
C GLU F 246 41.05 44.63 -4.78
N ILE F 247 40.34 43.55 -5.11
CA ILE F 247 41.02 42.39 -5.70
C ILE F 247 41.47 42.70 -7.13
N VAL F 248 40.68 43.48 -7.87
CA VAL F 248 41.06 43.84 -9.22
C VAL F 248 42.29 44.73 -9.21
N ALA F 249 42.31 45.73 -8.33
CA ALA F 249 43.51 46.58 -8.19
C ALA F 249 44.71 45.75 -7.79
N PHE F 250 44.54 44.87 -6.81
CA PHE F 250 45.62 43.99 -6.37
C PHE F 250 46.14 43.14 -7.52
N ALA F 251 45.23 42.49 -8.25
CA ALA F 251 45.65 41.59 -9.32
C ALA F 251 46.31 42.35 -10.48
N VAL F 252 45.88 43.59 -10.72
CA VAL F 252 46.50 44.37 -11.80
C VAL F 252 47.95 44.70 -11.45
N ASP F 253 48.19 45.15 -10.23
CA ASP F 253 49.56 45.37 -9.78
C ASP F 253 50.36 44.06 -9.80
N TRP F 254 49.72 42.97 -9.36
CA TRP F 254 50.37 41.66 -9.41
C TRP F 254 50.82 41.31 -10.82
N LEU F 255 49.96 41.56 -11.82
CA LEU F 255 50.29 41.22 -13.19
C LEU F 255 51.29 42.21 -13.79
N GLU F 256 51.10 43.51 -13.56
CA GLU F 256 52.02 44.48 -14.13
C GLU F 256 53.42 44.34 -13.52
N ARG F 257 53.51 44.02 -12.23
CA ARG F 257 54.80 43.73 -11.64
C ARG F 257 55.38 42.43 -12.18
N TRP F 258 54.52 41.42 -12.36
CA TRP F 258 54.98 40.15 -12.93
C TRP F 258 55.48 40.34 -14.36
N GLY F 259 54.85 41.24 -15.11
CA GLY F 259 55.21 41.41 -16.51
C GLY F 259 56.60 41.99 -16.71
N ARG F 260 57.10 42.75 -15.73
CA ARG F 260 58.39 43.39 -15.91
C ARG F 260 59.55 42.40 -15.98
N THR F 261 59.38 41.20 -15.39
CA THR F 261 60.43 40.19 -15.42
C THR F 261 60.01 38.91 -16.14
N ALA F 262 58.93 38.93 -16.91
CA ALA F 262 58.45 37.73 -17.58
C ALA F 262 59.01 37.61 -19.00
N ARG F 263 58.69 36.49 -19.64
CA ARG F 263 59.07 36.09 -21.02
C ARG F 263 60.40 35.29 -20.98
#